data_2D2W
#
_entry.id   2D2W
#
_cell.length_a   1.000
_cell.length_b   1.000
_cell.length_c   1.000
_cell.angle_alpha   90.00
_cell.angle_beta   90.00
_cell.angle_gamma   90.00
#
_symmetry.space_group_name_H-M   'P 1'
#
_entity_poly.entity_id   1
_entity_poly.type   'polypeptide(L)'
_entity_poly.pdbx_seq_one_letter_code
;ESKPPYSYAQLIVQAISSAQDRQLTLSGIYAHITKHYPYYRTADKGWQNSIRHNLSLNRYFIKVPRSQEEPGKGSFWRID
PASEAKLVEQAFRKRRQRGVS
;
_entity_poly.pdbx_strand_id   A
#
# COMPACT_ATOMS: atom_id res chain seq x y z
N GLU A 1 15.56 -6.77 2.77
CA GLU A 1 14.98 -5.40 2.83
C GLU A 1 14.44 -5.00 1.45
N SER A 2 14.99 -5.58 0.41
CA SER A 2 14.51 -5.25 -0.96
C SER A 2 14.85 -3.79 -1.27
N LYS A 3 14.22 -3.22 -2.25
CA LYS A 3 14.49 -1.79 -2.61
C LYS A 3 13.18 -1.11 -2.98
N PRO A 4 12.57 -0.49 -2.00
CA PRO A 4 11.29 0.21 -2.19
C PRO A 4 11.50 1.56 -2.90
N PRO A 5 11.03 1.64 -4.12
CA PRO A 5 11.13 2.87 -4.92
C PRO A 5 10.03 3.83 -4.48
N TYR A 6 8.96 3.30 -3.96
CA TYR A 6 7.85 4.14 -3.48
C TYR A 6 7.73 4.00 -1.97
N SER A 7 7.52 5.08 -1.28
CA SER A 7 7.40 4.98 0.20
C SER A 7 6.42 3.85 0.52
N TYR A 8 6.33 3.42 1.74
CA TYR A 8 5.37 2.32 2.06
C TYR A 8 4.00 2.91 2.38
N ALA A 9 3.85 4.20 2.23
CA ALA A 9 2.55 4.86 2.48
C ALA A 9 2.01 5.37 1.15
N GLN A 10 2.89 5.70 0.25
CA GLN A 10 2.50 6.18 -1.10
C GLN A 10 2.41 4.95 -2.00
N LEU A 11 3.30 4.04 -1.79
CA LEU A 11 3.32 2.79 -2.57
C LEU A 11 1.98 2.07 -2.38
N ILE A 12 1.45 2.11 -1.20
CA ILE A 12 0.14 1.41 -0.95
C ILE A 12 -1.00 2.17 -1.65
N VAL A 13 -0.96 3.48 -1.62
CA VAL A 13 -2.05 4.27 -2.26
C VAL A 13 -2.28 3.78 -3.69
N GLN A 14 -1.25 3.69 -4.49
CA GLN A 14 -1.46 3.19 -5.88
C GLN A 14 -2.05 1.79 -5.82
N ALA A 15 -1.73 1.05 -4.78
CA ALA A 15 -2.26 -0.34 -4.64
C ALA A 15 -3.77 -0.31 -4.42
N ILE A 16 -4.19 0.10 -3.25
CA ILE A 16 -5.66 0.12 -2.94
C ILE A 16 -6.37 1.17 -3.81
N SER A 17 -5.87 2.38 -3.82
CA SER A 17 -6.52 3.45 -4.61
C SER A 17 -6.69 3.02 -6.07
N SER A 18 -5.77 2.28 -6.61
CA SER A 18 -5.90 1.86 -8.03
C SER A 18 -6.64 0.52 -8.12
N ALA A 19 -6.73 -0.20 -7.04
CA ALA A 19 -7.42 -1.51 -7.08
C ALA A 19 -8.89 -1.30 -7.45
N GLN A 20 -9.75 -2.21 -7.08
CA GLN A 20 -11.19 -2.06 -7.41
C GLN A 20 -11.67 -0.67 -6.99
N ASP A 21 -12.31 -0.55 -5.85
CA ASP A 21 -12.76 0.79 -5.39
C ASP A 21 -11.58 1.54 -4.77
N ARG A 22 -11.12 1.10 -3.64
CA ARG A 22 -9.97 1.77 -2.99
C ARG A 22 -9.54 0.97 -1.76
N GLN A 23 -9.76 -0.31 -1.76
CA GLN A 23 -9.37 -1.16 -0.60
C GLN A 23 -8.66 -2.41 -1.11
N LEU A 24 -7.89 -3.07 -0.28
CA LEU A 24 -7.18 -4.29 -0.73
C LEU A 24 -7.00 -5.24 0.44
N THR A 25 -6.79 -6.50 0.15
CA THR A 25 -6.56 -7.47 1.25
C THR A 25 -5.09 -7.34 1.64
N LEU A 26 -4.70 -7.93 2.72
CA LEU A 26 -3.27 -7.80 3.13
C LEU A 26 -2.37 -8.15 1.94
N SER A 27 -2.78 -9.07 1.13
CA SER A 27 -1.94 -9.46 -0.05
C SER A 27 -2.46 -8.78 -1.32
N GLY A 28 -2.74 -7.51 -1.28
CA GLY A 28 -3.21 -6.82 -2.50
C GLY A 28 -2.04 -6.05 -3.09
N ILE A 29 -1.49 -5.20 -2.30
CA ILE A 29 -0.33 -4.38 -2.70
C ILE A 29 0.80 -5.27 -3.19
N TYR A 30 0.91 -6.43 -2.64
CA TYR A 30 1.99 -7.34 -3.06
C TYR A 30 1.74 -7.74 -4.50
N ALA A 31 0.53 -8.08 -4.81
CA ALA A 31 0.20 -8.43 -6.22
C ALA A 31 0.30 -7.16 -7.07
N HIS A 32 0.31 -6.01 -6.43
CA HIS A 32 0.41 -4.72 -7.19
C HIS A 32 1.84 -4.53 -7.69
N ILE A 33 2.69 -4.02 -6.85
CA ILE A 33 4.10 -3.75 -7.26
C ILE A 33 4.77 -5.00 -7.82
N THR A 34 4.58 -6.13 -7.22
CA THR A 34 5.23 -7.37 -7.75
C THR A 34 4.77 -7.59 -9.19
N LYS A 35 3.61 -7.10 -9.52
CA LYS A 35 3.09 -7.27 -10.91
C LYS A 35 3.67 -6.19 -11.83
N HIS A 36 3.32 -4.95 -11.60
CA HIS A 36 3.85 -3.85 -12.48
C HIS A 36 5.33 -3.62 -12.18
N TYR A 37 5.68 -3.50 -10.93
CA TYR A 37 7.11 -3.27 -10.59
C TYR A 37 7.87 -4.59 -10.68
N PRO A 38 8.86 -4.63 -11.55
CA PRO A 38 9.68 -5.84 -11.75
C PRO A 38 10.71 -5.99 -10.64
N TYR A 39 11.13 -4.91 -10.05
CA TYR A 39 12.14 -5.00 -8.95
C TYR A 39 11.54 -5.77 -7.78
N TYR A 40 10.30 -5.53 -7.48
CA TYR A 40 9.66 -6.23 -6.32
C TYR A 40 9.10 -7.57 -6.79
N ARG A 41 9.91 -8.39 -7.40
CA ARG A 41 9.42 -9.71 -7.87
C ARG A 41 10.32 -10.82 -7.31
N THR A 42 11.60 -10.58 -7.25
CA THR A 42 12.52 -11.62 -6.70
C THR A 42 12.96 -11.20 -5.29
N ALA A 43 12.92 -9.93 -5.01
CA ALA A 43 13.33 -9.46 -3.64
C ALA A 43 12.11 -8.93 -2.91
N ASP A 44 11.38 -9.79 -2.25
CA ASP A 44 10.17 -9.33 -1.52
C ASP A 44 10.21 -9.87 -0.08
N LYS A 45 11.32 -10.41 0.33
CA LYS A 45 11.42 -10.95 1.71
C LYS A 45 11.82 -9.83 2.67
N GLY A 46 11.17 -8.70 2.59
CA GLY A 46 11.52 -7.57 3.49
C GLY A 46 10.30 -6.65 3.66
N TRP A 47 10.00 -5.87 2.65
CA TRP A 47 8.83 -4.95 2.75
C TRP A 47 7.55 -5.76 2.91
N GLN A 48 7.59 -7.04 2.66
CA GLN A 48 6.37 -7.87 2.80
C GLN A 48 5.69 -7.52 4.13
N ASN A 49 6.39 -7.74 5.22
CA ASN A 49 5.80 -7.42 6.56
C ASN A 49 5.76 -5.90 6.75
N SER A 50 6.52 -5.17 5.98
CA SER A 50 6.51 -3.69 6.13
C SER A 50 5.13 -3.14 5.78
N ILE A 51 4.47 -3.71 4.81
CA ILE A 51 3.11 -3.21 4.43
C ILE A 51 2.13 -3.58 5.53
N ARG A 52 2.04 -4.84 5.88
CA ARG A 52 1.07 -5.22 6.95
C ARG A 52 1.21 -4.26 8.12
N HIS A 53 2.42 -4.00 8.55
CA HIS A 53 2.61 -3.06 9.70
C HIS A 53 2.46 -1.60 9.25
N ASN A 54 2.64 -1.32 7.97
CA ASN A 54 2.50 0.09 7.51
C ASN A 54 1.04 0.53 7.53
N LEU A 55 0.13 -0.35 7.21
CA LEU A 55 -1.31 0.02 7.20
C LEU A 55 -1.80 0.16 8.64
N SER A 56 -0.95 -0.09 9.60
CA SER A 56 -1.38 0.05 11.02
C SER A 56 -1.08 1.47 11.49
N LEU A 57 0.13 1.93 11.31
CA LEU A 57 0.48 3.30 11.75
C LEU A 57 0.28 4.32 10.62
N ASN A 58 -0.08 3.89 9.44
CA ASN A 58 -0.26 4.89 8.34
C ASN A 58 -1.36 5.87 8.73
N ARG A 59 -1.33 7.06 8.21
CA ARG A 59 -2.35 8.07 8.56
C ARG A 59 -3.54 8.00 7.59
N TYR A 60 -3.33 7.57 6.38
CA TYR A 60 -4.48 7.51 5.42
C TYR A 60 -5.08 6.11 5.39
N PHE A 61 -4.27 5.09 5.46
CA PHE A 61 -4.85 3.72 5.41
C PHE A 61 -5.45 3.35 6.75
N ILE A 62 -6.41 2.49 6.71
CA ILE A 62 -7.10 2.05 7.96
C ILE A 62 -7.68 0.66 7.75
N LYS A 63 -7.92 -0.09 8.79
CA LYS A 63 -8.49 -1.44 8.60
C LYS A 63 -9.95 -1.33 8.21
N VAL A 64 -10.59 -2.44 7.95
CA VAL A 64 -12.02 -2.42 7.56
C VAL A 64 -12.89 -2.62 8.81
N PRO A 65 -13.95 -1.86 8.92
CA PRO A 65 -14.86 -1.94 10.07
C PRO A 65 -15.77 -3.16 9.95
N ARG A 66 -16.31 -3.61 11.05
CA ARG A 66 -17.20 -4.80 11.01
C ARG A 66 -18.02 -4.87 12.31
N SER A 67 -18.61 -3.78 12.70
CA SER A 67 -19.42 -3.78 13.96
C SER A 67 -20.80 -4.35 13.67
N GLN A 68 -21.40 -3.99 12.57
CA GLN A 68 -22.75 -4.51 12.23
C GLN A 68 -22.86 -4.73 10.73
N GLU A 69 -22.94 -3.67 9.96
CA GLU A 69 -23.05 -3.81 8.48
C GLU A 69 -21.68 -3.62 7.84
N GLU A 70 -21.62 -3.49 6.55
CA GLU A 70 -20.32 -3.29 5.86
C GLU A 70 -20.46 -2.21 4.80
N PRO A 71 -19.33 -1.66 4.39
CA PRO A 71 -19.28 -0.61 3.37
C PRO A 71 -19.45 -1.21 1.97
N GLY A 72 -19.14 -2.47 1.82
CA GLY A 72 -19.27 -3.13 0.48
C GLY A 72 -19.17 -4.64 0.64
N LYS A 73 -18.24 -5.26 -0.03
CA LYS A 73 -18.09 -6.74 0.08
C LYS A 73 -16.60 -7.09 0.18
N GLY A 74 -15.98 -6.79 1.28
CA GLY A 74 -14.53 -7.10 1.44
C GLY A 74 -14.20 -7.18 2.94
N SER A 75 -13.04 -7.70 3.26
CA SER A 75 -12.67 -7.79 4.71
C SER A 75 -11.16 -7.53 4.85
N PHE A 76 -10.77 -6.30 4.95
CA PHE A 76 -9.32 -5.99 5.10
C PHE A 76 -9.13 -4.49 5.37
N TRP A 77 -8.28 -3.82 4.64
CA TRP A 77 -8.10 -2.37 4.93
C TRP A 77 -8.11 -1.57 3.63
N ARG A 78 -7.96 -0.28 3.72
CA ARG A 78 -7.98 0.57 2.50
C ARG A 78 -7.31 1.91 2.80
N ILE A 79 -7.57 2.90 1.99
CA ILE A 79 -6.97 4.25 2.23
C ILE A 79 -8.06 5.15 2.80
N ASP A 80 -7.69 6.26 3.36
CA ASP A 80 -8.71 7.17 3.93
C ASP A 80 -9.60 7.71 2.82
N PRO A 81 -10.77 8.14 3.19
CA PRO A 81 -11.76 8.68 2.24
C PRO A 81 -11.40 10.11 1.84
N ALA A 82 -11.31 11.00 2.79
CA ALA A 82 -10.99 12.41 2.46
C ALA A 82 -9.48 12.66 2.48
N SER A 83 -8.69 11.64 2.35
CA SER A 83 -7.23 11.85 2.34
C SER A 83 -6.68 11.34 1.02
N GLU A 84 -7.51 10.69 0.23
CA GLU A 84 -7.03 10.16 -1.08
C GLU A 84 -6.72 11.29 -2.04
N ALA A 85 -6.95 12.52 -1.66
CA ALA A 85 -6.63 13.63 -2.60
C ALA A 85 -5.20 14.10 -2.32
N LYS A 86 -4.79 14.09 -1.08
CA LYS A 86 -3.42 14.56 -0.73
C LYS A 86 -2.44 13.37 -0.70
N LEU A 87 -2.90 12.21 -0.28
CA LEU A 87 -1.98 11.04 -0.22
C LEU A 87 -1.70 10.54 -1.63
N VAL A 88 -2.46 11.00 -2.55
CA VAL A 88 -2.28 10.58 -3.96
C VAL A 88 -1.26 11.49 -4.65
N GLU A 89 -1.17 12.72 -4.24
CA GLU A 89 -0.22 13.66 -4.89
C GLU A 89 1.18 13.04 -4.84
N GLN A 90 1.45 12.26 -3.83
CA GLN A 90 2.79 11.61 -3.74
C GLN A 90 2.71 10.26 -4.46
N ALA A 91 1.53 9.72 -4.58
CA ALA A 91 1.36 8.41 -5.27
C ALA A 91 1.98 8.48 -6.67
N PHE A 92 1.58 9.42 -7.47
CA PHE A 92 2.16 9.54 -8.84
C PHE A 92 3.42 10.39 -8.79
N ARG A 93 4.33 10.09 -7.90
CA ARG A 93 5.58 10.90 -7.80
C ARG A 93 6.79 9.97 -7.64
N LYS A 94 7.91 10.34 -8.18
CA LYS A 94 9.12 9.49 -8.06
C LYS A 94 9.82 9.79 -6.73
N ARG A 95 10.53 8.83 -6.19
CA ARG A 95 11.23 9.07 -4.90
C ARG A 95 12.59 9.74 -5.17
N ARG A 96 12.69 11.01 -4.93
CA ARG A 96 13.98 11.71 -5.17
C ARG A 96 13.96 13.06 -4.45
N GLN A 97 15.05 13.80 -4.50
CA GLN A 97 15.09 15.11 -3.81
C GLN A 97 15.31 16.23 -4.83
N ARG A 98 16.51 16.33 -5.36
CA ARG A 98 16.79 17.39 -6.36
C ARG A 98 18.23 17.25 -6.85
N GLY A 99 18.74 16.05 -6.90
CA GLY A 99 20.15 15.86 -7.38
C GLY A 99 20.14 15.07 -8.69
N VAL A 100 19.05 14.41 -8.98
CA VAL A 100 18.96 13.62 -10.24
C VAL A 100 17.62 13.89 -10.93
N SER A 101 17.63 14.70 -11.95
CA SER A 101 16.36 15.01 -12.66
C SER A 101 15.87 13.75 -13.39
N GLU A 1 19.70 0.79 -8.44
CA GLU A 1 20.82 0.66 -7.47
C GLU A 1 20.47 -0.38 -6.41
N SER A 2 19.27 -0.33 -5.90
CA SER A 2 18.87 -1.33 -4.86
C SER A 2 17.35 -1.44 -4.82
N LYS A 3 16.68 -0.49 -4.22
CA LYS A 3 15.19 -0.55 -4.15
C LYS A 3 14.59 0.71 -4.77
N PRO A 4 14.20 0.61 -6.01
CA PRO A 4 13.58 1.73 -6.75
C PRO A 4 12.06 1.94 -6.52
N PRO A 5 11.37 1.15 -5.70
CA PRO A 5 9.92 1.36 -5.51
C PRO A 5 9.66 2.49 -4.51
N TYR A 6 8.41 2.71 -4.18
CA TYR A 6 8.08 3.82 -3.24
C TYR A 6 8.09 3.32 -1.80
N SER A 7 8.12 4.22 -0.87
CA SER A 7 8.13 3.81 0.57
C SER A 7 6.98 2.83 0.80
N TYR A 8 6.82 2.37 2.00
CA TYR A 8 5.72 1.41 2.27
C TYR A 8 4.48 2.15 2.75
N ALA A 9 4.35 3.39 2.33
CA ALA A 9 3.16 4.21 2.69
C ALA A 9 2.63 4.85 1.41
N GLN A 10 3.50 5.27 0.55
CA GLN A 10 3.09 5.87 -0.75
C GLN A 10 2.87 4.71 -1.70
N LEU A 11 3.66 3.69 -1.53
CA LEU A 11 3.53 2.48 -2.37
C LEU A 11 2.15 1.90 -2.13
N ILE A 12 1.75 1.87 -0.89
CA ILE A 12 0.41 1.35 -0.52
C ILE A 12 -0.66 2.23 -1.16
N VAL A 13 -0.55 3.51 -0.98
CA VAL A 13 -1.57 4.44 -1.53
C VAL A 13 -1.79 4.17 -3.01
N GLN A 14 -0.76 3.93 -3.76
CA GLN A 14 -0.97 3.65 -5.21
C GLN A 14 -1.53 2.24 -5.36
N ALA A 15 -1.21 1.36 -4.45
CA ALA A 15 -1.72 -0.03 -4.52
C ALA A 15 -3.22 -0.06 -4.24
N ILE A 16 -3.68 0.77 -3.35
CA ILE A 16 -5.13 0.77 -3.01
C ILE A 16 -5.90 1.67 -3.98
N SER A 17 -5.52 2.91 -4.08
CA SER A 17 -6.22 3.85 -5.00
C SER A 17 -6.26 3.29 -6.42
N SER A 18 -5.18 2.69 -6.86
CA SER A 18 -5.17 2.13 -8.25
C SER A 18 -5.91 0.79 -8.27
N ALA A 19 -6.05 0.16 -7.14
CA ALA A 19 -6.77 -1.14 -7.11
C ALA A 19 -8.21 -0.91 -7.58
N GLN A 20 -9.06 -1.88 -7.40
CA GLN A 20 -10.47 -1.71 -7.84
C GLN A 20 -10.98 -0.33 -7.41
N ASP A 21 -11.55 -0.23 -6.24
CA ASP A 21 -12.04 1.08 -5.76
C ASP A 21 -10.94 1.78 -4.97
N ARG A 22 -10.55 1.21 -3.87
CA ARG A 22 -9.46 1.83 -3.04
C ARG A 22 -9.22 0.95 -1.81
N GLN A 23 -9.28 -0.34 -1.97
CA GLN A 23 -9.05 -1.25 -0.81
C GLN A 23 -8.33 -2.53 -1.25
N LEU A 24 -7.58 -3.11 -0.36
CA LEU A 24 -6.85 -4.37 -0.67
C LEU A 24 -6.48 -5.06 0.63
N THR A 25 -6.38 -6.36 0.64
CA THR A 25 -6.01 -7.05 1.90
C THR A 25 -4.50 -6.92 2.07
N LEU A 26 -3.93 -7.52 3.08
CA LEU A 26 -2.47 -7.41 3.28
C LEU A 26 -1.77 -8.12 2.11
N SER A 27 -2.38 -9.13 1.57
CA SER A 27 -1.76 -9.85 0.42
C SER A 27 -2.34 -9.31 -0.88
N GLY A 28 -2.89 -8.12 -0.85
CA GLY A 28 -3.46 -7.54 -2.10
C GLY A 28 -2.43 -6.55 -2.65
N ILE A 29 -1.87 -5.77 -1.77
CA ILE A 29 -0.85 -4.77 -2.18
C ILE A 29 0.29 -5.49 -2.91
N TYR A 30 0.58 -6.69 -2.52
CA TYR A 30 1.69 -7.43 -3.17
C TYR A 30 1.33 -7.76 -4.62
N ALA A 31 0.18 -8.32 -4.84
CA ALA A 31 -0.22 -8.65 -6.24
C ALA A 31 -0.48 -7.35 -7.00
N HIS A 32 -0.71 -6.27 -6.31
CA HIS A 32 -0.95 -4.98 -7.00
C HIS A 32 0.36 -4.36 -7.48
N ILE A 33 1.17 -3.92 -6.56
CA ILE A 33 2.48 -3.28 -6.92
C ILE A 33 3.33 -4.23 -7.75
N THR A 34 3.31 -5.49 -7.46
CA THR A 34 4.16 -6.45 -8.23
C THR A 34 3.82 -6.37 -9.72
N LYS A 35 2.63 -5.94 -10.06
CA LYS A 35 2.27 -5.84 -11.50
C LYS A 35 2.71 -4.48 -12.05
N HIS A 36 2.70 -3.47 -11.23
CA HIS A 36 3.12 -2.12 -11.70
C HIS A 36 4.64 -1.96 -11.58
N TYR A 37 5.13 -1.95 -10.36
CA TYR A 37 6.61 -1.80 -10.16
C TYR A 37 7.28 -3.15 -10.43
N PRO A 38 8.31 -3.13 -11.26
CA PRO A 38 9.03 -4.35 -11.63
C PRO A 38 10.00 -4.83 -10.54
N TYR A 39 10.52 -3.94 -9.75
CA TYR A 39 11.46 -4.37 -8.68
C TYR A 39 10.76 -5.35 -7.73
N TYR A 40 9.58 -5.03 -7.29
CA TYR A 40 8.85 -5.95 -6.37
C TYR A 40 8.21 -7.08 -7.19
N ARG A 41 8.58 -8.31 -6.93
CA ARG A 41 7.98 -9.44 -7.70
C ARG A 41 8.26 -10.76 -6.98
N THR A 42 9.51 -11.06 -6.73
CA THR A 42 9.84 -12.34 -6.03
C THR A 42 11.22 -12.22 -5.38
N ALA A 43 11.62 -11.03 -5.02
CA ALA A 43 12.95 -10.86 -4.38
C ALA A 43 12.95 -11.50 -2.99
N ASP A 44 12.45 -10.81 -2.00
CA ASP A 44 12.42 -11.39 -0.63
C ASP A 44 11.18 -10.89 0.12
N LYS A 45 10.97 -11.37 1.31
CA LYS A 45 9.79 -10.92 2.09
C LYS A 45 10.17 -9.71 2.94
N GLY A 46 11.09 -8.90 2.46
CA GLY A 46 11.51 -7.70 3.24
C GLY A 46 10.30 -6.79 3.46
N TRP A 47 9.95 -6.02 2.47
CA TRP A 47 8.78 -5.09 2.62
C TRP A 47 7.52 -5.89 2.93
N GLN A 48 7.53 -7.17 2.74
CA GLN A 48 6.32 -7.97 3.04
C GLN A 48 5.79 -7.58 4.43
N ASN A 49 6.63 -7.62 5.43
CA ASN A 49 6.21 -7.24 6.80
C ASN A 49 5.99 -5.73 6.89
N SER A 50 6.60 -4.98 6.01
CA SER A 50 6.44 -3.50 6.06
C SER A 50 5.00 -3.12 5.74
N ILE A 51 4.47 -3.60 4.66
CA ILE A 51 3.07 -3.25 4.28
C ILE A 51 2.11 -3.64 5.41
N ARG A 52 2.38 -4.71 6.09
CA ARG A 52 1.48 -5.15 7.19
C ARG A 52 1.48 -4.13 8.33
N HIS A 53 2.63 -3.88 8.90
CA HIS A 53 2.72 -2.93 10.05
C HIS A 53 2.58 -1.47 9.59
N ASN A 54 2.72 -1.21 8.33
CA ASN A 54 2.62 0.19 7.84
C ASN A 54 1.16 0.68 7.86
N LEU A 55 0.23 -0.17 7.52
CA LEU A 55 -1.19 0.27 7.49
C LEU A 55 -1.69 0.52 8.92
N SER A 56 -0.94 0.16 9.91
CA SER A 56 -1.40 0.40 11.30
C SER A 56 -0.96 1.79 11.75
N LEU A 57 0.28 2.12 11.53
CA LEU A 57 0.78 3.46 11.95
C LEU A 57 0.62 4.47 10.80
N ASN A 58 0.17 4.03 9.65
CA ASN A 58 0.01 5.01 8.52
C ASN A 58 -1.03 6.05 8.89
N ARG A 59 -1.03 7.17 8.22
CA ARG A 59 -2.01 8.25 8.54
C ARG A 59 -3.29 8.11 7.71
N TYR A 60 -3.22 7.48 6.56
CA TYR A 60 -4.46 7.37 5.73
C TYR A 60 -4.82 5.91 5.43
N PHE A 61 -4.39 4.97 6.23
CA PHE A 61 -4.77 3.57 5.93
C PHE A 61 -5.60 3.00 7.07
N ILE A 62 -6.88 2.94 6.86
CA ILE A 62 -7.80 2.42 7.91
C ILE A 62 -8.03 0.92 7.70
N LYS A 63 -8.52 0.25 8.70
CA LYS A 63 -8.78 -1.21 8.56
C LYS A 63 -10.25 -1.45 8.21
N VAL A 64 -10.57 -2.61 7.72
CA VAL A 64 -11.99 -2.91 7.35
C VAL A 64 -12.16 -4.43 7.25
N PRO A 65 -12.45 -5.04 8.37
CA PRO A 65 -12.65 -6.50 8.45
C PRO A 65 -14.03 -6.90 7.92
N ARG A 66 -14.24 -8.16 7.68
CA ARG A 66 -15.56 -8.62 7.17
C ARG A 66 -15.79 -10.06 7.61
N SER A 67 -16.96 -10.59 7.35
CA SER A 67 -17.26 -11.99 7.75
C SER A 67 -16.74 -12.95 6.67
N GLN A 68 -15.46 -13.20 6.65
CA GLN A 68 -14.89 -14.11 5.62
C GLN A 68 -15.04 -15.57 6.09
N GLU A 69 -14.71 -16.51 5.24
CA GLU A 69 -14.83 -17.94 5.65
C GLU A 69 -13.52 -18.39 6.31
N GLU A 70 -12.47 -18.51 5.55
CA GLU A 70 -11.18 -18.95 6.14
C GLU A 70 -10.31 -17.72 6.44
N PRO A 71 -10.07 -17.47 7.70
CA PRO A 71 -9.25 -16.33 8.15
C PRO A 71 -7.76 -16.64 7.96
N GLY A 72 -7.10 -15.90 7.12
CA GLY A 72 -5.65 -16.14 6.89
C GLY A 72 -4.83 -15.19 7.77
N LYS A 73 -4.09 -14.30 7.17
CA LYS A 73 -3.28 -13.34 7.98
C LYS A 73 -4.14 -12.13 8.35
N GLY A 74 -4.41 -11.28 7.40
CA GLY A 74 -5.25 -10.08 7.71
C GLY A 74 -6.63 -10.26 7.06
N SER A 75 -7.37 -9.20 6.92
CA SER A 75 -8.73 -9.32 6.30
C SER A 75 -8.82 -8.38 5.10
N PHE A 76 -8.82 -7.09 5.32
CA PHE A 76 -8.90 -6.15 4.18
C PHE A 76 -8.48 -4.75 4.64
N TRP A 77 -8.04 -3.92 3.73
CA TRP A 77 -7.61 -2.55 4.11
C TRP A 77 -8.29 -1.52 3.21
N ARG A 78 -8.26 -0.28 3.60
CA ARG A 78 -8.89 0.80 2.78
C ARG A 78 -8.29 2.14 3.20
N ILE A 79 -7.96 2.98 2.27
CA ILE A 79 -7.38 4.30 2.65
C ILE A 79 -8.50 5.34 2.73
N ASP A 80 -8.33 6.36 3.53
CA ASP A 80 -9.40 7.39 3.65
C ASP A 80 -9.70 7.98 2.27
N PRO A 81 -10.96 8.20 2.01
CA PRO A 81 -11.43 8.75 0.72
C PRO A 81 -11.20 10.26 0.63
N ALA A 82 -11.59 10.99 1.64
CA ALA A 82 -11.41 12.46 1.60
C ALA A 82 -9.92 12.80 1.67
N SER A 83 -9.09 11.85 1.96
CA SER A 83 -7.63 12.13 2.01
C SER A 83 -6.98 11.43 0.84
N GLU A 84 -7.69 10.58 0.17
CA GLU A 84 -7.10 9.86 -0.98
C GLU A 84 -6.59 10.84 -2.02
N ALA A 85 -7.42 11.74 -2.49
CA ALA A 85 -6.95 12.71 -3.51
C ALA A 85 -5.64 13.37 -3.04
N LYS A 86 -5.36 13.33 -1.77
CA LYS A 86 -4.11 13.95 -1.25
C LYS A 86 -2.97 12.93 -1.30
N LEU A 87 -3.11 11.83 -0.59
CA LEU A 87 -2.04 10.80 -0.59
C LEU A 87 -1.66 10.44 -2.03
N VAL A 88 -2.60 9.93 -2.75
CA VAL A 88 -2.33 9.55 -4.17
C VAL A 88 -1.45 10.60 -4.86
N GLU A 89 -1.55 11.83 -4.44
CA GLU A 89 -0.75 12.90 -5.09
C GLU A 89 0.72 12.48 -5.07
N GLN A 90 1.24 12.15 -3.93
CA GLN A 90 2.66 11.71 -3.87
C GLN A 90 2.73 10.28 -4.41
N ALA A 91 1.60 9.63 -4.54
CA ALA A 91 1.59 8.23 -5.06
C ALA A 91 1.92 8.24 -6.56
N PHE A 92 1.69 9.33 -7.22
CA PHE A 92 1.98 9.39 -8.69
C PHE A 92 3.42 9.86 -8.90
N ARG A 93 4.07 10.30 -7.85
CA ARG A 93 5.48 10.77 -8.01
C ARG A 93 6.27 10.43 -6.74
N LYS A 94 7.45 9.88 -6.89
CA LYS A 94 8.28 9.55 -5.71
C LYS A 94 9.69 10.09 -5.89
N ARG A 95 10.51 9.42 -6.65
CA ARG A 95 11.90 9.90 -6.87
C ARG A 95 11.99 10.56 -8.24
N ARG A 96 13.03 11.30 -8.50
CA ARG A 96 13.18 11.96 -9.82
C ARG A 96 14.65 12.37 -10.03
N GLN A 97 15.21 13.11 -9.13
CA GLN A 97 16.62 13.53 -9.27
C GLN A 97 17.54 12.42 -8.80
N ARG A 98 18.83 12.65 -8.78
CA ARG A 98 19.78 11.59 -8.33
C ARG A 98 20.36 11.98 -6.97
N GLY A 99 20.44 11.05 -6.06
CA GLY A 99 21.00 11.37 -4.72
C GLY A 99 22.50 11.13 -4.72
N VAL A 100 23.15 11.29 -3.60
CA VAL A 100 24.62 11.08 -3.54
C VAL A 100 25.03 10.69 -2.12
N SER A 101 25.39 9.45 -1.92
CA SER A 101 25.79 9.00 -0.56
C SER A 101 27.31 8.92 -0.48
N GLU A 1 21.91 -1.71 -2.94
CA GLU A 1 20.93 -0.62 -3.24
C GLU A 1 20.09 -1.01 -4.47
N SER A 2 19.45 -2.14 -4.42
CA SER A 2 18.61 -2.57 -5.59
C SER A 2 17.14 -2.55 -5.20
N LYS A 3 16.68 -1.48 -4.61
CA LYS A 3 15.24 -1.41 -4.21
C LYS A 3 14.77 0.04 -4.28
N PRO A 4 14.45 0.49 -5.49
CA PRO A 4 13.97 1.86 -5.75
C PRO A 4 12.43 2.03 -5.80
N PRO A 5 11.64 1.20 -5.14
CA PRO A 5 10.17 1.35 -5.19
C PRO A 5 9.71 2.50 -4.31
N TYR A 6 8.42 2.70 -4.21
CA TYR A 6 7.90 3.82 -3.38
C TYR A 6 7.92 3.44 -1.91
N SER A 7 7.94 4.41 -1.03
CA SER A 7 7.94 4.09 0.41
C SER A 7 6.83 3.09 0.68
N TYR A 8 6.75 2.55 1.85
CA TYR A 8 5.68 1.55 2.12
C TYR A 8 4.41 2.26 2.59
N ALA A 9 4.38 3.56 2.48
CA ALA A 9 3.17 4.33 2.87
C ALA A 9 2.60 4.97 1.59
N GLN A 10 3.47 5.33 0.69
CA GLN A 10 3.03 5.92 -0.60
C GLN A 10 2.85 4.78 -1.58
N LEU A 11 3.61 3.73 -1.38
CA LEU A 11 3.51 2.55 -2.26
C LEU A 11 2.11 1.96 -2.08
N ILE A 12 1.61 2.01 -0.87
CA ILE A 12 0.25 1.48 -0.59
C ILE A 12 -0.77 2.36 -1.28
N VAL A 13 -0.68 3.64 -1.06
CA VAL A 13 -1.65 4.58 -1.66
C VAL A 13 -1.76 4.32 -3.15
N GLN A 14 -0.70 3.91 -3.78
CA GLN A 14 -0.79 3.62 -5.23
C GLN A 14 -1.49 2.27 -5.41
N ALA A 15 -1.26 1.37 -4.49
CA ALA A 15 -1.89 0.02 -4.58
C ALA A 15 -3.43 0.13 -4.52
N ILE A 16 -3.97 0.79 -3.53
CA ILE A 16 -5.47 0.87 -3.46
C ILE A 16 -5.97 2.03 -4.32
N SER A 17 -5.22 3.09 -4.45
CA SER A 17 -5.68 4.21 -5.30
C SER A 17 -5.71 3.70 -6.73
N SER A 18 -5.00 2.62 -6.97
CA SER A 18 -4.97 2.03 -8.33
C SER A 18 -5.74 0.72 -8.32
N ALA A 19 -6.20 0.27 -7.17
CA ALA A 19 -6.95 -1.00 -7.14
C ALA A 19 -8.43 -0.69 -7.38
N GLN A 20 -9.10 -1.49 -8.17
CA GLN A 20 -10.55 -1.22 -8.41
C GLN A 20 -11.19 -0.88 -7.07
N ASP A 21 -11.02 -1.73 -6.10
CA ASP A 21 -11.56 -1.45 -4.75
C ASP A 21 -10.48 -0.73 -3.93
N ARG A 22 -10.74 0.45 -3.45
CA ARG A 22 -9.73 1.20 -2.65
C ARG A 22 -9.33 0.39 -1.39
N GLN A 23 -9.95 -0.73 -1.16
CA GLN A 23 -9.60 -1.55 0.03
C GLN A 23 -8.87 -2.81 -0.42
N LEU A 24 -7.57 -2.83 -0.30
CA LEU A 24 -6.80 -4.04 -0.72
C LEU A 24 -6.62 -4.95 0.50
N THR A 25 -6.42 -6.22 0.27
CA THR A 25 -6.22 -7.14 1.43
C THR A 25 -4.74 -7.10 1.82
N LEU A 26 -4.34 -7.86 2.80
CA LEU A 26 -2.90 -7.85 3.19
C LEU A 26 -2.08 -8.27 1.98
N SER A 27 -2.56 -9.22 1.24
CA SER A 27 -1.81 -9.69 0.03
C SER A 27 -2.39 -9.05 -1.23
N GLY A 28 -2.89 -7.85 -1.13
CA GLY A 28 -3.45 -7.18 -2.34
C GLY A 28 -2.41 -6.20 -2.86
N ILE A 29 -1.67 -5.64 -1.95
CA ILE A 29 -0.61 -4.67 -2.32
C ILE A 29 0.54 -5.41 -3.00
N TYR A 30 0.81 -6.60 -2.57
CA TYR A 30 1.91 -7.37 -3.18
C TYR A 30 1.55 -7.71 -4.62
N ALA A 31 0.39 -8.26 -4.82
CA ALA A 31 -0.01 -8.57 -6.21
C ALA A 31 -0.08 -7.26 -7.00
N HIS A 32 -0.16 -6.15 -6.32
CA HIS A 32 -0.24 -4.83 -7.03
C HIS A 32 1.15 -4.42 -7.54
N ILE A 33 2.04 -4.06 -6.66
CA ILE A 33 3.40 -3.61 -7.09
C ILE A 33 4.09 -4.71 -7.90
N THR A 34 3.85 -5.94 -7.57
CA THR A 34 4.52 -7.05 -8.33
C THR A 34 4.02 -7.04 -9.78
N LYS A 35 2.83 -6.56 -10.01
CA LYS A 35 2.28 -6.53 -11.40
C LYS A 35 2.86 -5.32 -12.16
N HIS A 36 2.55 -4.13 -11.72
CA HIS A 36 3.07 -2.91 -12.42
C HIS A 36 4.57 -2.78 -12.18
N TYR A 37 4.99 -2.93 -10.95
CA TYR A 37 6.45 -2.82 -10.65
C TYR A 37 7.14 -4.14 -11.04
N PRO A 38 8.06 -4.04 -11.98
CA PRO A 38 8.80 -5.22 -12.48
C PRO A 38 9.88 -5.66 -11.47
N TYR A 39 10.49 -4.73 -10.79
CA TYR A 39 11.54 -5.10 -9.81
C TYR A 39 10.93 -6.02 -8.75
N TYR A 40 9.94 -5.55 -8.05
CA TYR A 40 9.30 -6.40 -7.01
C TYR A 40 8.72 -7.66 -7.65
N ARG A 41 9.43 -8.77 -7.56
CA ARG A 41 8.92 -10.03 -8.17
C ARG A 41 9.25 -11.20 -7.25
N THR A 42 10.49 -11.32 -6.84
CA THR A 42 10.88 -12.45 -5.94
C THR A 42 12.25 -12.15 -5.33
N ALA A 43 12.48 -10.92 -4.97
CA ALA A 43 13.80 -10.56 -4.37
C ALA A 43 13.85 -10.98 -2.90
N ASP A 44 13.43 -10.12 -2.02
CA ASP A 44 13.45 -10.48 -0.57
C ASP A 44 12.08 -10.21 0.05
N LYS A 45 11.70 -10.99 1.03
CA LYS A 45 10.38 -10.79 1.67
C LYS A 45 10.52 -9.82 2.86
N GLY A 46 11.24 -8.75 2.68
CA GLY A 46 11.42 -7.78 3.79
C GLY A 46 10.20 -6.85 3.85
N TRP A 47 9.92 -6.15 2.78
CA TRP A 47 8.75 -5.23 2.77
C TRP A 47 7.46 -6.02 2.93
N GLN A 48 7.52 -7.31 2.88
CA GLN A 48 6.27 -8.12 3.03
C GLN A 48 5.53 -7.69 4.31
N ASN A 49 6.10 -7.96 5.45
CA ASN A 49 5.44 -7.57 6.73
C ASN A 49 5.52 -6.05 6.91
N SER A 50 6.32 -5.40 6.13
CA SER A 50 6.44 -3.91 6.25
C SER A 50 5.12 -3.27 5.85
N ILE A 51 4.57 -3.67 4.72
CA ILE A 51 3.29 -3.09 4.26
C ILE A 51 2.23 -3.20 5.36
N ARG A 52 2.00 -4.38 5.87
CA ARG A 52 0.97 -4.56 6.93
C ARG A 52 1.23 -3.59 8.09
N HIS A 53 2.43 -3.55 8.58
CA HIS A 53 2.75 -2.64 9.72
C HIS A 53 2.61 -1.18 9.29
N ASN A 54 2.74 -0.90 8.02
CA ASN A 54 2.63 0.50 7.53
C ASN A 54 1.17 0.96 7.58
N LEU A 55 0.27 0.08 7.27
CA LEU A 55 -1.18 0.47 7.28
C LEU A 55 -1.64 0.72 8.71
N SER A 56 -0.81 0.43 9.68
CA SER A 56 -1.22 0.66 11.09
C SER A 56 -0.81 2.08 11.51
N LEU A 57 0.43 2.42 11.29
CA LEU A 57 0.91 3.77 11.68
C LEU A 57 0.74 4.75 10.52
N ASN A 58 0.26 4.28 9.39
CA ASN A 58 0.09 5.22 8.23
C ASN A 58 -0.92 6.30 8.59
N ARG A 59 -0.89 7.39 7.88
CA ARG A 59 -1.83 8.51 8.18
C ARG A 59 -3.11 8.36 7.34
N TYR A 60 -3.18 7.37 6.49
CA TYR A 60 -4.41 7.22 5.66
C TYR A 60 -4.67 5.76 5.28
N PHE A 61 -4.66 4.87 6.23
CA PHE A 61 -4.95 3.45 5.88
C PHE A 61 -5.69 2.81 7.04
N ILE A 62 -6.97 2.64 6.87
CA ILE A 62 -7.81 2.05 7.96
C ILE A 62 -8.18 0.61 7.61
N LYS A 63 -8.95 -0.04 8.44
CA LYS A 63 -9.35 -1.44 8.16
C LYS A 63 -10.87 -1.57 8.30
N VAL A 64 -11.48 -2.51 7.61
CA VAL A 64 -12.95 -2.69 7.71
C VAL A 64 -13.27 -3.65 8.85
N PRO A 65 -14.47 -3.53 9.37
CA PRO A 65 -14.94 -4.39 10.47
C PRO A 65 -15.33 -5.77 9.96
N ARG A 66 -15.61 -6.69 10.84
CA ARG A 66 -16.00 -8.06 10.41
C ARG A 66 -17.30 -7.99 9.61
N SER A 67 -17.24 -8.23 8.32
CA SER A 67 -18.48 -8.18 7.49
C SER A 67 -18.26 -8.98 6.21
N GLN A 68 -18.61 -10.23 6.21
CA GLN A 68 -18.41 -11.06 4.98
C GLN A 68 -19.72 -11.76 4.63
N GLU A 69 -19.79 -12.41 3.50
CA GLU A 69 -21.03 -13.12 3.10
C GLU A 69 -20.74 -14.00 1.88
N GLU A 70 -20.63 -13.41 0.72
CA GLU A 70 -20.35 -14.20 -0.51
C GLU A 70 -18.88 -14.65 -0.51
N PRO A 71 -17.99 -13.70 -0.31
CA PRO A 71 -16.54 -13.98 -0.31
C PRO A 71 -16.12 -14.60 1.02
N GLY A 72 -15.10 -15.41 1.01
CA GLY A 72 -14.63 -16.05 2.27
C GLY A 72 -13.47 -15.26 2.86
N LYS A 73 -13.51 -13.95 2.74
CA LYS A 73 -12.41 -13.12 3.30
C LYS A 73 -12.73 -12.77 4.76
N GLY A 74 -11.87 -12.01 5.39
CA GLY A 74 -12.13 -11.64 6.81
C GLY A 74 -11.95 -10.13 6.98
N SER A 75 -10.74 -9.66 6.87
CA SER A 75 -10.50 -8.20 7.01
C SER A 75 -10.14 -7.60 5.65
N PHE A 76 -10.07 -6.31 5.55
CA PHE A 76 -9.73 -5.67 4.25
C PHE A 76 -9.03 -4.34 4.49
N TRP A 77 -7.83 -4.18 3.99
CA TRP A 77 -7.08 -2.91 4.18
C TRP A 77 -7.61 -1.85 3.19
N ARG A 78 -7.79 -0.64 3.63
CA ARG A 78 -8.28 0.43 2.71
C ARG A 78 -7.67 1.78 3.09
N ILE A 79 -7.67 2.72 2.19
CA ILE A 79 -7.11 4.07 2.50
C ILE A 79 -8.26 5.03 2.76
N ASP A 80 -8.06 6.04 3.57
CA ASP A 80 -9.16 6.99 3.85
C ASP A 80 -9.65 7.60 2.52
N PRO A 81 -10.93 7.85 2.45
CA PRO A 81 -11.57 8.40 1.24
C PRO A 81 -11.37 9.91 1.13
N ALA A 82 -11.66 10.65 2.16
CA ALA A 82 -11.49 12.13 2.09
C ALA A 82 -10.00 12.51 2.12
N SER A 83 -9.12 11.56 2.17
CA SER A 83 -7.67 11.89 2.19
C SER A 83 -7.02 11.25 0.96
N GLU A 84 -7.72 10.36 0.31
CA GLU A 84 -7.13 9.68 -0.88
C GLU A 84 -6.74 10.70 -1.96
N ALA A 85 -7.40 11.82 -2.04
CA ALA A 85 -7.03 12.81 -3.08
C ALA A 85 -5.73 13.52 -2.70
N LYS A 86 -5.41 13.59 -1.43
CA LYS A 86 -4.14 14.28 -1.04
C LYS A 86 -2.99 13.27 -1.00
N LEU A 87 -3.23 12.06 -0.53
CA LEU A 87 -2.14 11.06 -0.48
C LEU A 87 -1.74 10.69 -1.89
N VAL A 88 -2.69 10.28 -2.68
CA VAL A 88 -2.39 9.90 -4.07
C VAL A 88 -1.39 10.88 -4.70
N GLU A 89 -1.44 12.12 -4.31
CA GLU A 89 -0.50 13.11 -4.90
C GLU A 89 0.92 12.59 -4.73
N GLN A 90 1.30 12.27 -3.52
CA GLN A 90 2.67 11.72 -3.31
C GLN A 90 2.72 10.33 -3.94
N ALA A 91 1.57 9.75 -4.20
CA ALA A 91 1.53 8.40 -4.82
C ALA A 91 1.92 8.49 -6.29
N PHE A 92 1.79 9.65 -6.88
CA PHE A 92 2.15 9.79 -8.32
C PHE A 92 3.62 10.18 -8.44
N ARG A 93 4.19 10.74 -7.40
CA ARG A 93 5.63 11.15 -7.46
C ARG A 93 6.49 9.89 -7.55
N LYS A 94 7.23 9.74 -8.61
CA LYS A 94 8.10 8.55 -8.76
C LYS A 94 9.45 8.81 -8.10
N ARG A 95 10.30 7.82 -8.05
CA ARG A 95 11.64 8.01 -7.42
C ARG A 95 12.70 7.31 -8.27
N ARG A 96 12.58 7.42 -9.57
CA ARG A 96 13.58 6.78 -10.46
C ARG A 96 13.20 7.07 -11.92
N GLN A 97 14.15 7.03 -12.81
CA GLN A 97 13.84 7.31 -14.24
C GLN A 97 14.50 6.25 -15.13
N ARG A 98 13.87 5.91 -16.22
CA ARG A 98 14.47 4.89 -17.13
C ARG A 98 15.78 5.44 -17.71
N GLY A 99 16.88 4.85 -17.35
CA GLY A 99 18.19 5.34 -17.88
C GLY A 99 18.46 4.71 -19.25
N VAL A 100 17.69 5.05 -20.23
CA VAL A 100 17.90 4.46 -21.58
C VAL A 100 18.54 5.52 -22.49
N SER A 101 18.35 6.77 -22.19
CA SER A 101 18.96 7.84 -23.04
C SER A 101 20.48 7.71 -23.00
N GLU A 1 14.54 3.51 -4.36
CA GLU A 1 15.54 2.85 -5.26
C GLU A 1 16.03 1.56 -4.62
N SER A 2 16.84 0.81 -5.32
CA SER A 2 17.35 -0.48 -4.75
C SER A 2 16.22 -1.50 -4.71
N LYS A 3 15.93 -2.09 -3.57
CA LYS A 3 14.84 -3.10 -3.51
C LYS A 3 13.48 -2.39 -3.47
N PRO A 4 13.32 -1.52 -2.51
CA PRO A 4 12.07 -0.77 -2.33
C PRO A 4 11.98 0.36 -3.37
N PRO A 5 11.02 0.24 -4.25
CA PRO A 5 10.81 1.24 -5.32
C PRO A 5 10.11 2.47 -4.74
N TYR A 6 8.97 2.28 -4.14
CA TYR A 6 8.25 3.43 -3.53
C TYR A 6 8.24 3.26 -2.02
N SER A 7 8.23 4.33 -1.29
CA SER A 7 8.21 4.20 0.20
C SER A 7 7.15 3.18 0.56
N TYR A 8 7.10 2.75 1.79
CA TYR A 8 6.06 1.75 2.15
C TYR A 8 4.76 2.47 2.52
N ALA A 9 4.68 3.73 2.20
CA ALA A 9 3.43 4.51 2.49
C ALA A 9 2.92 5.07 1.16
N GLN A 10 3.81 5.39 0.26
CA GLN A 10 3.41 5.90 -1.08
C GLN A 10 3.22 4.69 -1.98
N LEU A 11 4.03 3.69 -1.76
CA LEU A 11 3.92 2.44 -2.54
C LEU A 11 2.51 1.89 -2.32
N ILE A 12 2.08 1.94 -1.09
CA ILE A 12 0.72 1.46 -0.74
C ILE A 12 -0.34 2.36 -1.38
N VAL A 13 -0.26 3.63 -1.14
CA VAL A 13 -1.29 4.55 -1.71
C VAL A 13 -1.43 4.31 -3.21
N GLN A 14 -0.37 3.97 -3.88
CA GLN A 14 -0.49 3.71 -5.34
C GLN A 14 -1.14 2.33 -5.52
N ALA A 15 -0.87 1.44 -4.62
CA ALA A 15 -1.44 0.07 -4.70
C ALA A 15 -2.96 0.14 -4.55
N ILE A 16 -3.44 0.64 -3.45
CA ILE A 16 -4.91 0.72 -3.23
C ILE A 16 -5.54 1.80 -4.11
N SER A 17 -4.90 2.92 -4.24
CA SER A 17 -5.48 4.01 -5.09
C SER A 17 -5.69 3.49 -6.51
N SER A 18 -4.71 2.85 -7.08
CA SER A 18 -4.88 2.32 -8.46
C SER A 18 -5.69 1.04 -8.45
N ALA A 19 -6.02 0.54 -7.28
CA ALA A 19 -6.82 -0.71 -7.20
C ALA A 19 -8.21 -0.43 -7.77
N GLN A 20 -9.17 -1.26 -7.49
CA GLN A 20 -10.54 -1.01 -8.03
C GLN A 20 -11.09 0.26 -7.37
N ASP A 21 -11.53 0.18 -6.15
CA ASP A 21 -12.07 1.39 -5.46
C ASP A 21 -10.94 2.10 -4.71
N ARG A 22 -10.51 1.53 -3.60
CA ARG A 22 -9.41 2.16 -2.82
C ARG A 22 -9.13 1.30 -1.57
N GLN A 23 -9.32 0.01 -1.68
CA GLN A 23 -9.08 -0.87 -0.51
C GLN A 23 -8.32 -2.12 -0.97
N LEU A 24 -7.50 -2.68 -0.11
CA LEU A 24 -6.73 -3.89 -0.51
C LEU A 24 -6.66 -4.86 0.66
N THR A 25 -6.56 -6.13 0.36
CA THR A 25 -6.43 -7.13 1.45
C THR A 25 -4.96 -7.15 1.86
N LEU A 26 -4.59 -7.97 2.80
CA LEU A 26 -3.16 -8.00 3.20
C LEU A 26 -2.31 -8.41 2.00
N SER A 27 -2.77 -9.36 1.23
CA SER A 27 -1.99 -9.81 0.05
C SER A 27 -2.53 -9.17 -1.23
N GLY A 28 -3.01 -7.96 -1.16
CA GLY A 28 -3.55 -7.30 -2.38
C GLY A 28 -2.48 -6.34 -2.91
N ILE A 29 -1.96 -5.56 -2.03
CA ILE A 29 -0.90 -4.57 -2.37
C ILE A 29 0.27 -5.29 -3.04
N TYR A 30 0.49 -6.50 -2.66
CA TYR A 30 1.62 -7.27 -3.24
C TYR A 30 1.31 -7.61 -4.70
N ALA A 31 0.17 -8.17 -4.95
CA ALA A 31 -0.19 -8.51 -6.36
C ALA A 31 -0.33 -7.21 -7.16
N HIS A 32 -0.47 -6.10 -6.49
CA HIS A 32 -0.61 -4.80 -7.21
C HIS A 32 0.76 -4.31 -7.71
N ILE A 33 1.57 -3.82 -6.83
CA ILE A 33 2.92 -3.32 -7.22
C ILE A 33 3.71 -4.41 -7.96
N THR A 34 3.59 -5.64 -7.53
CA THR A 34 4.35 -6.73 -8.21
C THR A 34 3.98 -6.77 -9.70
N LYS A 35 2.78 -6.40 -10.05
CA LYS A 35 2.38 -6.45 -11.49
C LYS A 35 2.79 -5.14 -12.17
N HIS A 36 2.57 -4.02 -11.54
CA HIS A 36 2.95 -2.72 -12.17
C HIS A 36 4.42 -2.42 -11.91
N TYR A 37 5.12 -3.31 -11.27
CA TYR A 37 6.57 -3.07 -10.99
C TYR A 37 7.35 -4.36 -11.29
N PRO A 38 8.30 -4.25 -12.20
CA PRO A 38 9.12 -5.40 -12.62
C PRO A 38 10.20 -5.69 -11.58
N TYR A 39 10.34 -4.86 -10.57
CA TYR A 39 11.37 -5.13 -9.54
C TYR A 39 10.75 -5.96 -8.40
N TYR A 40 9.50 -5.73 -8.11
CA TYR A 40 8.85 -6.51 -7.01
C TYR A 40 8.21 -7.79 -7.57
N ARG A 41 8.45 -8.09 -8.81
CA ARG A 41 7.86 -9.34 -9.38
C ARG A 41 8.43 -10.55 -8.64
N THR A 42 9.68 -10.48 -8.25
CA THR A 42 10.29 -11.61 -7.51
C THR A 42 11.15 -11.04 -6.36
N ALA A 43 10.56 -10.76 -5.24
CA ALA A 43 11.32 -10.19 -4.11
C ALA A 43 11.23 -11.12 -2.89
N ASP A 44 11.69 -10.67 -1.77
CA ASP A 44 11.63 -11.52 -0.53
C ASP A 44 10.49 -11.03 0.36
N LYS A 45 10.23 -11.70 1.44
CA LYS A 45 9.13 -11.28 2.35
C LYS A 45 9.65 -10.20 3.30
N GLY A 46 9.98 -9.05 2.79
CA GLY A 46 10.49 -7.95 3.67
C GLY A 46 9.45 -6.82 3.72
N TRP A 47 9.31 -6.11 2.64
CA TRP A 47 8.31 -4.99 2.62
C TRP A 47 6.92 -5.52 2.89
N GLN A 48 6.59 -6.68 2.39
CA GLN A 48 5.22 -7.20 2.62
C GLN A 48 4.94 -7.20 4.14
N ASN A 49 5.97 -7.29 4.94
CA ASN A 49 5.79 -7.28 6.42
C ASN A 49 5.49 -5.84 6.87
N SER A 50 6.38 -4.94 6.55
CA SER A 50 6.17 -3.52 6.94
C SER A 50 4.94 -2.98 6.22
N ILE A 51 4.41 -3.71 5.29
CA ILE A 51 3.20 -3.23 4.54
C ILE A 51 1.99 -3.37 5.46
N ARG A 52 1.59 -4.57 5.79
CA ARG A 52 0.41 -4.74 6.69
C ARG A 52 0.60 -3.86 7.93
N HIS A 53 1.81 -3.75 8.40
CA HIS A 53 2.07 -2.92 9.61
C HIS A 53 2.00 -1.44 9.23
N ASN A 54 2.35 -1.13 8.01
CA ASN A 54 2.33 0.29 7.56
C ASN A 54 0.91 0.82 7.41
N LEU A 55 0.00 0.03 6.91
CA LEU A 55 -1.39 0.55 6.73
C LEU A 55 -2.10 0.59 8.09
N SER A 56 -1.43 0.15 9.13
CA SER A 56 -2.06 0.16 10.47
C SER A 56 -1.76 1.48 11.18
N LEU A 57 -0.51 1.86 11.23
CA LEU A 57 -0.14 3.13 11.92
C LEU A 57 -0.18 4.29 10.94
N ASN A 58 -0.09 4.02 9.67
CA ASN A 58 -0.11 5.12 8.65
C ASN A 58 -1.19 6.14 9.05
N ARG A 59 -1.16 7.29 8.44
CA ARG A 59 -2.17 8.34 8.79
C ARG A 59 -3.42 8.21 7.92
N TYR A 60 -3.27 7.90 6.66
CA TYR A 60 -4.47 7.79 5.79
C TYR A 60 -4.92 6.33 5.69
N PHE A 61 -4.06 5.40 5.91
CA PHE A 61 -4.48 3.98 5.79
C PHE A 61 -5.29 3.58 7.02
N ILE A 62 -6.17 2.63 6.86
CA ILE A 62 -7.03 2.21 8.00
C ILE A 62 -7.17 0.69 8.01
N LYS A 63 -7.82 0.15 9.00
CA LYS A 63 -8.01 -1.33 9.06
C LYS A 63 -9.49 -1.63 9.27
N VAL A 64 -9.99 -2.66 8.65
CA VAL A 64 -11.44 -3.00 8.82
C VAL A 64 -11.57 -4.31 9.59
N PRO A 65 -11.81 -4.20 10.88
CA PRO A 65 -11.97 -5.36 11.76
C PRO A 65 -13.38 -5.97 11.60
N ARG A 66 -13.73 -6.90 12.43
CA ARG A 66 -15.09 -7.52 12.32
C ARG A 66 -16.08 -6.73 13.19
N SER A 67 -15.78 -5.49 13.46
CA SER A 67 -16.71 -4.68 14.30
C SER A 67 -17.56 -3.79 13.40
N GLN A 68 -17.68 -4.12 12.15
CA GLN A 68 -18.51 -3.30 11.22
C GLN A 68 -19.89 -3.92 11.07
N GLU A 69 -20.81 -3.20 10.50
CA GLU A 69 -22.19 -3.76 10.32
C GLU A 69 -22.20 -4.74 9.15
N GLU A 70 -21.07 -4.96 8.53
CA GLU A 70 -21.02 -5.91 7.39
C GLU A 70 -20.52 -7.27 7.87
N PRO A 71 -21.04 -8.31 7.29
CA PRO A 71 -20.65 -9.69 7.65
C PRO A 71 -19.33 -10.06 6.99
N GLY A 72 -18.23 -9.85 7.66
CA GLY A 72 -16.91 -10.19 7.07
C GLY A 72 -16.28 -11.34 7.85
N LYS A 73 -15.29 -11.98 7.28
CA LYS A 73 -14.63 -13.11 7.99
C LYS A 73 -13.17 -13.20 7.54
N GLY A 74 -12.53 -12.08 7.33
CA GLY A 74 -11.11 -12.10 6.89
C GLY A 74 -10.43 -10.80 7.32
N SER A 75 -9.48 -10.33 6.54
CA SER A 75 -8.79 -9.06 6.90
C SER A 75 -8.80 -8.12 5.70
N PHE A 76 -9.38 -6.97 5.86
CA PHE A 76 -9.42 -5.99 4.73
C PHE A 76 -9.10 -4.59 5.23
N TRP A 77 -7.97 -4.06 4.87
CA TRP A 77 -7.60 -2.69 5.34
C TRP A 77 -7.64 -1.76 4.13
N ARG A 78 -8.06 -0.52 4.30
CA ARG A 78 -8.12 0.41 3.12
C ARG A 78 -7.75 1.83 3.53
N ILE A 79 -7.45 2.66 2.57
CA ILE A 79 -7.09 4.07 2.88
C ILE A 79 -8.36 4.92 2.92
N ASP A 80 -8.30 6.05 3.58
CA ASP A 80 -9.50 6.93 3.66
C ASP A 80 -9.88 7.39 2.25
N PRO A 81 -11.16 7.47 2.02
CA PRO A 81 -11.70 7.89 0.72
C PRO A 81 -11.64 9.42 0.58
N ALA A 82 -11.59 10.12 1.68
CA ALA A 82 -11.54 11.61 1.61
C ALA A 82 -10.08 12.09 1.57
N SER A 83 -9.16 11.28 1.99
CA SER A 83 -7.73 11.71 1.96
C SER A 83 -7.04 11.05 0.78
N GLU A 84 -7.70 10.14 0.13
CA GLU A 84 -7.06 9.44 -1.02
C GLU A 84 -6.66 10.45 -2.10
N ALA A 85 -7.46 11.44 -2.35
CA ALA A 85 -7.07 12.43 -3.40
C ALA A 85 -5.81 13.17 -2.97
N LYS A 86 -5.51 13.16 -1.70
CA LYS A 86 -4.29 13.86 -1.20
C LYS A 86 -3.08 12.91 -1.25
N LEU A 87 -3.16 11.80 -0.56
CA LEU A 87 -2.02 10.83 -0.57
C LEU A 87 -1.63 10.50 -2.00
N VAL A 88 -2.56 10.04 -2.76
CA VAL A 88 -2.26 9.67 -4.16
C VAL A 88 -1.33 10.69 -4.80
N GLU A 89 -1.44 11.93 -4.42
CA GLU A 89 -0.55 12.98 -5.02
C GLU A 89 0.90 12.52 -4.85
N GLN A 90 1.30 12.23 -3.65
CA GLN A 90 2.69 11.75 -3.43
C GLN A 90 2.84 10.38 -4.09
N ALA A 91 1.73 9.73 -4.36
CA ALA A 91 1.79 8.38 -4.99
C ALA A 91 2.40 8.50 -6.39
N PHE A 92 2.08 9.54 -7.11
CA PHE A 92 2.64 9.70 -8.48
C PHE A 92 3.98 10.45 -8.38
N ARG A 93 4.89 9.98 -7.59
CA ARG A 93 6.20 10.66 -7.46
C ARG A 93 7.33 9.64 -7.47
N LYS A 94 8.54 10.06 -7.23
CA LYS A 94 9.68 9.11 -7.23
C LYS A 94 10.32 9.07 -5.84
N ARG A 95 11.08 8.06 -5.56
CA ARG A 95 11.75 7.96 -4.23
C ARG A 95 13.11 8.65 -4.28
N ARG A 96 13.24 9.78 -3.62
CA ARG A 96 14.54 10.50 -3.63
C ARG A 96 14.60 11.47 -2.45
N GLN A 97 13.63 12.32 -2.31
CA GLN A 97 13.64 13.29 -1.18
C GLN A 97 12.32 13.19 -0.41
N ARG A 98 12.27 13.74 0.77
CA ARG A 98 11.01 13.67 1.57
C ARG A 98 10.61 15.08 2.01
N GLY A 99 11.46 16.04 1.81
CA GLY A 99 11.12 17.44 2.22
C GLY A 99 10.57 18.21 1.02
N VAL A 100 9.60 17.66 0.34
CA VAL A 100 9.03 18.37 -0.84
C VAL A 100 7.97 19.37 -0.37
N SER A 101 8.02 20.57 -0.86
CA SER A 101 7.01 21.59 -0.44
C SER A 101 5.78 21.50 -1.35
N GLU A 1 21.21 -3.30 -3.94
CA GLU A 1 20.14 -4.32 -4.18
C GLU A 1 18.93 -4.01 -3.32
N SER A 2 18.24 -2.93 -3.61
CA SER A 2 17.03 -2.58 -2.80
C SER A 2 16.07 -1.75 -3.66
N LYS A 3 15.04 -1.24 -3.07
CA LYS A 3 14.05 -0.43 -3.85
C LYS A 3 13.41 0.63 -2.95
N PRO A 4 14.07 1.76 -2.85
CA PRO A 4 13.60 2.90 -2.04
C PRO A 4 12.72 3.95 -2.79
N PRO A 5 12.14 3.64 -3.94
CA PRO A 5 11.32 4.65 -4.66
C PRO A 5 9.94 4.77 -4.04
N TYR A 6 9.27 3.67 -3.86
CA TYR A 6 7.90 3.72 -3.28
C TYR A 6 7.95 3.49 -1.77
N SER A 7 7.86 4.54 -1.02
CA SER A 7 7.88 4.39 0.46
C SER A 7 6.86 3.30 0.82
N TYR A 8 6.83 2.85 2.04
CA TYR A 8 5.85 1.79 2.39
C TYR A 8 4.52 2.44 2.80
N ALA A 9 4.41 3.73 2.62
CA ALA A 9 3.14 4.43 2.96
C ALA A 9 2.53 4.95 1.66
N GLN A 10 3.38 5.32 0.73
CA GLN A 10 2.90 5.80 -0.59
C GLN A 10 2.80 4.59 -1.50
N LEU A 11 3.63 3.61 -1.25
CA LEU A 11 3.58 2.36 -2.03
C LEU A 11 2.19 1.77 -1.86
N ILE A 12 1.65 1.92 -0.69
CA ILE A 12 0.27 1.40 -0.43
C ILE A 12 -0.71 2.25 -1.23
N VAL A 13 -0.55 3.55 -1.15
CA VAL A 13 -1.45 4.45 -1.90
C VAL A 13 -1.47 4.02 -3.37
N GLN A 14 -0.45 3.35 -3.81
CA GLN A 14 -0.44 2.87 -5.21
C GLN A 14 -1.32 1.63 -5.27
N ALA A 15 -1.23 0.82 -4.27
CA ALA A 15 -2.04 -0.44 -4.20
C ALA A 15 -3.54 -0.13 -4.24
N ILE A 16 -4.06 0.64 -3.31
CA ILE A 16 -5.53 0.90 -3.35
C ILE A 16 -5.91 1.71 -4.58
N SER A 17 -4.96 2.33 -5.21
CA SER A 17 -5.28 3.12 -6.42
C SER A 17 -5.88 2.19 -7.47
N SER A 18 -5.75 0.91 -7.27
CA SER A 18 -6.32 -0.06 -8.23
C SER A 18 -7.62 -0.63 -7.68
N ALA A 19 -7.83 -0.54 -6.39
CA ALA A 19 -9.09 -1.08 -5.81
C ALA A 19 -10.27 -0.27 -6.34
N GLN A 20 -11.31 -0.92 -6.82
CA GLN A 20 -12.48 -0.15 -7.34
C GLN A 20 -12.81 0.96 -6.36
N ASP A 21 -13.00 0.62 -5.11
CA ASP A 21 -13.30 1.67 -4.09
C ASP A 21 -11.97 2.17 -3.51
N ARG A 22 -11.39 1.43 -2.60
CA ARG A 22 -10.10 1.87 -2.01
C ARG A 22 -9.66 0.85 -0.95
N GLN A 23 -9.78 -0.42 -1.24
CA GLN A 23 -9.38 -1.44 -0.22
C GLN A 23 -8.87 -2.72 -0.89
N LEU A 24 -7.65 -3.12 -0.58
CA LEU A 24 -7.11 -4.38 -1.15
C LEU A 24 -6.97 -5.39 -0.01
N THR A 25 -6.68 -6.63 -0.31
CA THR A 25 -6.50 -7.62 0.78
C THR A 25 -5.11 -7.41 1.36
N LEU A 26 -4.80 -8.01 2.48
CA LEU A 26 -3.44 -7.80 3.04
C LEU A 26 -2.40 -8.15 1.97
N SER A 27 -2.64 -9.19 1.20
CA SER A 27 -1.68 -9.58 0.15
C SER A 27 -2.16 -9.06 -1.22
N GLY A 28 -2.71 -7.88 -1.27
CA GLY A 28 -3.19 -7.33 -2.56
C GLY A 28 -2.15 -6.35 -3.09
N ILE A 29 -1.68 -5.53 -2.21
CA ILE A 29 -0.66 -4.50 -2.57
C ILE A 29 0.55 -5.17 -3.22
N TYR A 30 0.89 -6.31 -2.74
CA TYR A 30 2.07 -7.02 -3.28
C TYR A 30 1.81 -7.38 -4.73
N ALA A 31 0.66 -7.92 -5.01
CA ALA A 31 0.33 -8.27 -6.41
C ALA A 31 0.07 -6.98 -7.20
N HIS A 32 -0.20 -5.89 -6.53
CA HIS A 32 -0.47 -4.61 -7.24
C HIS A 32 0.83 -3.98 -7.75
N ILE A 33 1.63 -3.44 -6.86
CA ILE A 33 2.91 -2.79 -7.29
C ILE A 33 3.75 -3.77 -8.10
N THR A 34 3.69 -5.03 -7.80
CA THR A 34 4.51 -6.02 -8.55
C THR A 34 4.21 -5.94 -10.04
N LYS A 35 2.99 -5.63 -10.40
CA LYS A 35 2.64 -5.55 -11.85
C LYS A 35 3.38 -4.38 -12.50
N HIS A 36 3.47 -3.27 -11.81
CA HIS A 36 4.17 -2.09 -12.41
C HIS A 36 5.63 -2.05 -11.94
N TYR A 37 6.03 -2.98 -11.13
CA TYR A 37 7.43 -3.01 -10.64
C TYR A 37 8.02 -4.42 -10.86
N PRO A 38 8.93 -4.52 -11.80
CA PRO A 38 9.57 -5.81 -12.14
C PRO A 38 10.60 -6.20 -11.08
N TYR A 39 10.92 -5.30 -10.19
CA TYR A 39 11.91 -5.63 -9.13
C TYR A 39 11.19 -6.20 -7.91
N TYR A 40 9.96 -5.83 -7.70
CA TYR A 40 9.21 -6.35 -6.53
C TYR A 40 8.47 -7.63 -6.91
N ARG A 41 8.52 -8.02 -8.16
CA ARG A 41 7.79 -9.26 -8.57
C ARG A 41 8.67 -10.49 -8.32
N THR A 42 9.72 -10.35 -7.56
CA THR A 42 10.59 -11.52 -7.28
C THR A 42 11.76 -11.10 -6.39
N ALA A 43 11.48 -10.40 -5.32
CA ALA A 43 12.57 -9.97 -4.42
C ALA A 43 11.98 -9.21 -3.22
N ASP A 44 11.21 -9.87 -2.41
CA ASP A 44 10.62 -9.19 -1.22
C ASP A 44 11.71 -8.95 -0.19
N LYS A 45 12.20 -7.74 -0.10
CA LYS A 45 13.28 -7.44 0.89
C LYS A 45 12.69 -7.46 2.31
N GLY A 46 11.93 -6.46 2.66
CA GLY A 46 11.32 -6.42 4.02
C GLY A 46 10.12 -5.48 4.02
N TRP A 47 9.32 -5.54 2.99
CA TRP A 47 8.13 -4.66 2.91
C TRP A 47 6.86 -5.50 2.93
N GLN A 48 6.99 -6.79 2.80
CA GLN A 48 5.79 -7.67 2.81
C GLN A 48 5.04 -7.42 4.11
N ASN A 49 5.59 -7.81 5.22
CA ASN A 49 4.91 -7.58 6.52
C ASN A 49 4.96 -6.10 6.87
N SER A 50 5.97 -5.41 6.40
CA SER A 50 6.08 -3.95 6.69
C SER A 50 4.86 -3.21 6.14
N ILE A 51 4.24 -3.75 5.13
CA ILE A 51 3.04 -3.09 4.55
C ILE A 51 1.89 -3.16 5.56
N ARG A 52 1.49 -4.34 5.93
CA ARG A 52 0.37 -4.48 6.92
C ARG A 52 0.69 -3.62 8.15
N HIS A 53 1.91 -3.67 8.62
CA HIS A 53 2.28 -2.87 9.81
C HIS A 53 2.26 -1.38 9.44
N ASN A 54 2.52 -1.06 8.21
CA ASN A 54 2.53 0.36 7.77
C ASN A 54 1.10 0.89 7.76
N LEU A 55 0.13 0.05 7.52
CA LEU A 55 -1.27 0.52 7.50
C LEU A 55 -1.72 0.86 8.93
N SER A 56 -0.92 0.51 9.90
CA SER A 56 -1.30 0.80 11.31
C SER A 56 -0.77 2.17 11.73
N LEU A 57 0.48 2.45 11.47
CA LEU A 57 1.06 3.77 11.86
C LEU A 57 0.79 4.81 10.76
N ASN A 58 0.40 4.38 9.59
CA ASN A 58 0.14 5.37 8.50
C ASN A 58 -1.06 6.23 8.89
N ARG A 59 -1.15 7.42 8.34
CA ARG A 59 -2.29 8.31 8.69
C ARG A 59 -3.47 8.09 7.74
N TYR A 60 -3.21 7.61 6.55
CA TYR A 60 -4.34 7.40 5.60
C TYR A 60 -4.49 5.90 5.28
N PHE A 61 -4.43 5.07 6.26
CA PHE A 61 -4.59 3.62 5.99
C PHE A 61 -5.30 2.96 7.17
N ILE A 62 -6.58 2.79 7.05
CA ILE A 62 -7.37 2.18 8.15
C ILE A 62 -7.78 0.75 7.76
N LYS A 63 -8.15 -0.04 8.72
CA LYS A 63 -8.57 -1.44 8.41
C LYS A 63 -9.99 -1.68 8.94
N VAL A 64 -10.81 -2.35 8.18
CA VAL A 64 -12.20 -2.60 8.64
C VAL A 64 -12.17 -3.56 9.84
N PRO A 65 -12.78 -3.15 10.92
CA PRO A 65 -12.83 -3.96 12.16
C PRO A 65 -13.89 -5.06 12.03
N ARG A 66 -15.13 -4.72 12.28
CA ARG A 66 -16.21 -5.75 12.17
C ARG A 66 -17.47 -5.09 11.57
N SER A 67 -17.29 -4.12 10.72
CA SER A 67 -18.46 -3.44 10.10
C SER A 67 -18.89 -4.19 8.84
N GLN A 68 -18.86 -5.49 8.89
CA GLN A 68 -19.27 -6.29 7.69
C GLN A 68 -20.28 -7.35 8.12
N GLU A 69 -20.97 -7.94 7.18
CA GLU A 69 -21.97 -8.98 7.55
C GLU A 69 -21.65 -10.28 6.81
N GLU A 70 -20.85 -11.13 7.41
CA GLU A 70 -20.49 -12.41 6.73
C GLU A 70 -20.20 -13.48 7.81
N PRO A 71 -20.46 -14.71 7.46
CA PRO A 71 -20.24 -15.85 8.36
C PRO A 71 -18.75 -16.21 8.43
N GLY A 72 -18.16 -16.56 7.32
CA GLY A 72 -16.71 -16.92 7.33
C GLY A 72 -15.89 -15.70 7.74
N LYS A 73 -14.60 -15.85 7.85
CA LYS A 73 -13.75 -14.70 8.26
C LYS A 73 -13.56 -13.76 7.07
N GLY A 74 -12.95 -12.62 7.29
CA GLY A 74 -12.73 -11.67 6.16
C GLY A 74 -11.89 -10.49 6.64
N SER A 75 -11.48 -9.64 5.73
CA SER A 75 -10.65 -8.47 6.12
C SER A 75 -10.36 -7.62 4.88
N PHE A 76 -10.27 -6.33 5.02
CA PHE A 76 -9.99 -5.47 3.83
C PHE A 76 -9.22 -4.21 4.27
N TRP A 77 -8.02 -4.06 3.78
CA TRP A 77 -7.21 -2.86 4.14
C TRP A 77 -7.60 -1.71 3.21
N ARG A 78 -7.80 -0.53 3.74
CA ARG A 78 -8.18 0.61 2.86
C ARG A 78 -7.55 1.91 3.38
N ILE A 79 -7.67 2.97 2.62
CA ILE A 79 -7.09 4.28 3.07
C ILE A 79 -8.21 5.23 3.44
N ASP A 80 -7.88 6.40 3.91
CA ASP A 80 -8.94 7.37 4.31
C ASP A 80 -9.82 7.69 3.09
N PRO A 81 -10.96 8.27 3.35
CA PRO A 81 -11.93 8.62 2.28
C PRO A 81 -11.51 9.89 1.53
N ALA A 82 -11.57 11.02 2.15
CA ALA A 82 -11.21 12.29 1.45
C ALA A 82 -9.70 12.56 1.56
N SER A 83 -8.92 11.57 1.88
CA SER A 83 -7.46 11.80 1.98
C SER A 83 -6.79 11.18 0.76
N GLU A 84 -7.53 10.49 -0.05
CA GLU A 84 -6.93 9.85 -1.25
C GLU A 84 -6.27 10.91 -2.14
N ALA A 85 -7.05 11.80 -2.70
CA ALA A 85 -6.46 12.84 -3.59
C ALA A 85 -5.14 13.35 -3.01
N LYS A 86 -4.99 13.30 -1.72
CA LYS A 86 -3.72 13.78 -1.09
C LYS A 86 -2.64 12.70 -1.22
N LEU A 87 -2.86 11.56 -0.63
CA LEU A 87 -1.84 10.47 -0.70
C LEU A 87 -1.51 10.16 -2.16
N VAL A 88 -2.47 9.69 -2.88
CA VAL A 88 -2.24 9.34 -4.30
C VAL A 88 -1.39 10.41 -5.00
N GLU A 89 -1.46 11.61 -4.53
CA GLU A 89 -0.67 12.70 -5.20
C GLU A 89 0.79 12.27 -5.28
N GLN A 90 1.37 11.85 -4.20
CA GLN A 90 2.78 11.40 -4.23
C GLN A 90 2.82 9.92 -4.65
N ALA A 91 1.67 9.30 -4.79
CA ALA A 91 1.64 7.87 -5.18
C ALA A 91 2.00 7.71 -6.67
N PHE A 92 1.57 8.63 -7.49
CA PHE A 92 1.90 8.52 -8.94
C PHE A 92 3.26 9.17 -9.22
N ARG A 93 3.89 9.72 -8.22
CA ARG A 93 5.22 10.37 -8.43
C ARG A 93 6.32 9.51 -7.80
N LYS A 94 7.50 10.05 -7.68
CA LYS A 94 8.62 9.26 -7.09
C LYS A 94 8.91 9.77 -5.67
N ARG A 95 8.36 9.15 -4.68
CA ARG A 95 8.60 9.60 -3.27
C ARG A 95 10.06 9.30 -2.91
N ARG A 96 10.88 10.32 -2.82
CA ARG A 96 12.31 10.10 -2.47
C ARG A 96 12.85 11.31 -1.70
N GLN A 97 11.99 12.06 -1.07
CA GLN A 97 12.48 13.25 -0.31
C GLN A 97 12.42 12.94 1.19
N ARG A 98 11.47 12.15 1.60
CA ARG A 98 11.36 11.81 3.05
C ARG A 98 10.60 10.49 3.21
N GLY A 99 11.19 9.52 3.86
CA GLY A 99 10.50 8.22 4.03
C GLY A 99 10.23 7.97 5.52
N VAL A 100 11.01 8.57 6.38
CA VAL A 100 10.80 8.37 7.84
C VAL A 100 11.47 9.51 8.61
N SER A 101 11.10 10.72 8.33
CA SER A 101 11.72 11.88 9.05
C SER A 101 13.23 11.66 9.16
N GLU A 1 18.13 -1.79 1.06
CA GLU A 1 18.52 -0.57 0.29
C GLU A 1 18.34 -0.84 -1.21
N SER A 2 17.18 -1.29 -1.60
CA SER A 2 16.93 -1.57 -3.04
C SER A 2 15.50 -1.18 -3.40
N LYS A 3 14.87 -0.37 -2.59
CA LYS A 3 13.48 0.06 -2.88
C LYS A 3 13.36 1.57 -2.68
N PRO A 4 14.14 2.31 -3.43
CA PRO A 4 14.18 3.79 -3.39
C PRO A 4 12.94 4.47 -4.03
N PRO A 5 12.31 3.86 -5.03
CA PRO A 5 11.15 4.49 -5.69
C PRO A 5 9.90 4.47 -4.79
N TYR A 6 9.25 3.35 -4.64
CA TYR A 6 8.02 3.31 -3.81
C TYR A 6 8.37 3.11 -2.34
N SER A 7 8.31 4.18 -1.60
CA SER A 7 8.61 4.11 -0.15
C SER A 7 7.68 3.10 0.53
N TYR A 8 7.76 2.99 1.83
CA TYR A 8 6.87 2.03 2.54
C TYR A 8 5.69 2.80 3.15
N ALA A 9 4.90 3.41 2.32
CA ALA A 9 3.73 4.20 2.80
C ALA A 9 2.93 4.65 1.59
N GLN A 10 3.61 5.03 0.55
CA GLN A 10 2.94 5.44 -0.71
C GLN A 10 2.80 4.18 -1.56
N LEU A 11 3.68 3.25 -1.33
CA LEU A 11 3.64 1.98 -2.06
C LEU A 11 2.23 1.38 -1.90
N ILE A 12 1.63 1.64 -0.77
CA ILE A 12 0.25 1.12 -0.51
C ILE A 12 -0.77 2.08 -1.11
N VAL A 13 -0.60 3.34 -0.88
CA VAL A 13 -1.58 4.33 -1.39
C VAL A 13 -1.86 4.10 -2.87
N GLN A 14 -0.85 4.07 -3.69
CA GLN A 14 -1.10 3.84 -5.14
C GLN A 14 -1.62 2.42 -5.34
N ALA A 15 -1.34 1.56 -4.42
CA ALA A 15 -1.81 0.15 -4.54
C ALA A 15 -3.33 0.10 -4.39
N ILE A 16 -3.86 0.73 -3.39
CA ILE A 16 -5.35 0.71 -3.17
C ILE A 16 -6.03 1.82 -3.98
N SER A 17 -5.62 3.04 -3.76
CA SER A 17 -6.25 4.19 -4.48
C SER A 17 -6.10 4.05 -6.00
N SER A 18 -5.00 3.52 -6.46
CA SER A 18 -4.81 3.40 -7.94
C SER A 18 -5.48 2.13 -8.47
N ALA A 19 -6.02 1.32 -7.60
CA ALA A 19 -6.69 0.07 -8.09
C ALA A 19 -8.19 0.33 -8.23
N GLN A 20 -8.86 -0.39 -9.10
CA GLN A 20 -10.33 -0.17 -9.26
C GLN A 20 -10.94 -0.06 -7.86
N ASP A 21 -10.64 -1.00 -7.01
CA ASP A 21 -11.18 -0.95 -5.62
C ASP A 21 -10.17 -0.19 -4.74
N ARG A 22 -10.60 0.85 -4.09
CA ARG A 22 -9.66 1.62 -3.22
C ARG A 22 -9.25 0.78 -2.01
N GLN A 23 -9.80 -0.39 -1.88
CA GLN A 23 -9.43 -1.25 -0.71
C GLN A 23 -8.72 -2.51 -1.18
N LEU A 24 -7.60 -2.81 -0.58
CA LEU A 24 -6.83 -4.02 -0.97
C LEU A 24 -6.66 -4.93 0.24
N THR A 25 -6.47 -6.20 0.03
CA THR A 25 -6.28 -7.13 1.18
C THR A 25 -4.82 -7.01 1.64
N LEU A 26 -4.47 -7.67 2.71
CA LEU A 26 -3.07 -7.57 3.18
C LEU A 26 -2.12 -8.06 2.08
N SER A 27 -2.48 -9.13 1.42
CA SER A 27 -1.60 -9.67 0.34
C SER A 27 -2.13 -9.22 -1.03
N GLY A 28 -2.83 -8.13 -1.09
CA GLY A 28 -3.35 -7.64 -2.40
C GLY A 28 -2.45 -6.53 -2.88
N ILE A 29 -2.05 -5.70 -1.97
CA ILE A 29 -1.17 -4.55 -2.28
C ILE A 29 0.09 -5.04 -2.97
N TYR A 30 0.55 -6.20 -2.60
CA TYR A 30 1.79 -6.75 -3.21
C TYR A 30 1.52 -7.10 -4.67
N ALA A 31 0.51 -7.88 -4.94
CA ALA A 31 0.21 -8.25 -6.34
C ALA A 31 -0.19 -6.99 -7.12
N HIS A 32 -0.47 -5.91 -6.43
CA HIS A 32 -0.86 -4.66 -7.13
C HIS A 32 0.38 -3.97 -7.71
N ILE A 33 1.23 -3.45 -6.87
CA ILE A 33 2.44 -2.74 -7.38
C ILE A 33 3.36 -3.73 -8.12
N THR A 34 3.48 -4.93 -7.64
CA THR A 34 4.35 -5.93 -8.32
C THR A 34 3.92 -6.11 -9.76
N LYS A 35 2.69 -5.80 -10.07
CA LYS A 35 2.20 -5.97 -11.47
C LYS A 35 3.01 -5.09 -12.40
N HIS A 36 3.26 -3.86 -12.03
CA HIS A 36 4.05 -2.95 -12.91
C HIS A 36 5.45 -2.74 -12.32
N TYR A 37 5.77 -3.41 -11.25
CA TYR A 37 7.11 -3.25 -10.64
C TYR A 37 7.88 -4.58 -10.71
N PRO A 38 8.94 -4.60 -11.48
CA PRO A 38 9.77 -5.81 -11.66
C PRO A 38 10.69 -6.02 -10.45
N TYR A 39 11.01 -4.97 -9.74
CA TYR A 39 11.91 -5.12 -8.56
C TYR A 39 11.20 -5.92 -7.47
N TYR A 40 9.90 -5.82 -7.40
CA TYR A 40 9.17 -6.57 -6.33
C TYR A 40 8.76 -7.95 -6.86
N ARG A 41 9.00 -8.24 -8.10
CA ARG A 41 8.64 -9.57 -8.65
C ARG A 41 9.55 -10.63 -8.04
N THR A 42 10.64 -10.20 -7.42
CA THR A 42 11.57 -11.18 -6.80
C THR A 42 12.63 -10.41 -6.00
N ALA A 43 12.21 -9.42 -5.26
CA ALA A 43 13.18 -8.63 -4.45
C ALA A 43 13.44 -9.34 -3.11
N ASP A 44 12.66 -9.05 -2.11
CA ASP A 44 12.87 -9.71 -0.79
C ASP A 44 11.54 -9.78 -0.03
N LYS A 45 11.39 -10.74 0.84
CA LYS A 45 10.12 -10.86 1.61
C LYS A 45 10.20 -9.98 2.87
N GLY A 46 10.57 -8.74 2.72
CA GLY A 46 10.67 -7.84 3.90
C GLY A 46 9.47 -6.88 3.92
N TRP A 47 9.24 -6.19 2.84
CA TRP A 47 8.10 -5.24 2.78
C TRP A 47 6.77 -5.99 2.88
N GLN A 48 6.79 -7.30 2.90
CA GLN A 48 5.50 -8.04 3.00
C GLN A 48 4.80 -7.63 4.31
N ASN A 49 5.36 -8.01 5.43
CA ASN A 49 4.73 -7.64 6.74
C ASN A 49 4.92 -6.15 7.00
N SER A 50 5.93 -5.56 6.41
CA SER A 50 6.17 -4.11 6.63
C SER A 50 4.96 -3.30 6.17
N ILE A 51 4.38 -3.67 5.05
CA ILE A 51 3.20 -2.91 4.53
C ILE A 51 2.05 -3.00 5.55
N ARG A 52 1.72 -4.18 5.99
CA ARG A 52 0.61 -4.33 6.98
C ARG A 52 0.89 -3.46 8.20
N HIS A 53 2.06 -3.58 8.78
CA HIS A 53 2.38 -2.77 9.97
C HIS A 53 2.52 -1.30 9.58
N ASN A 54 2.73 -1.04 8.32
CA ASN A 54 2.87 0.38 7.86
C ASN A 54 1.51 1.07 7.92
N LEU A 55 0.49 0.40 7.48
CA LEU A 55 -0.87 1.00 7.49
C LEU A 55 -1.35 1.15 8.93
N SER A 56 -0.61 0.64 9.88
CA SER A 56 -1.03 0.77 11.31
C SER A 56 -0.58 2.13 11.83
N LEU A 57 0.54 2.62 11.36
CA LEU A 57 1.02 3.96 11.82
C LEU A 57 0.44 5.05 10.93
N ASN A 58 0.30 4.77 9.66
CA ASN A 58 -0.26 5.79 8.74
C ASN A 58 -1.70 6.12 9.11
N ARG A 59 -2.09 7.36 9.00
CA ARG A 59 -3.47 7.75 9.37
C ARG A 59 -4.41 7.65 8.17
N TYR A 60 -3.90 7.75 6.97
CA TYR A 60 -4.81 7.69 5.79
C TYR A 60 -5.09 6.26 5.37
N PHE A 61 -4.84 5.31 6.21
CA PHE A 61 -5.14 3.89 5.85
C PHE A 61 -6.07 3.29 6.89
N ILE A 62 -7.29 3.04 6.53
CA ILE A 62 -8.25 2.46 7.51
C ILE A 62 -8.12 0.94 7.50
N LYS A 63 -8.75 0.28 8.43
CA LYS A 63 -8.66 -1.21 8.48
C LYS A 63 -10.01 -1.80 8.86
N VAL A 64 -10.38 -2.89 8.23
CA VAL A 64 -11.69 -3.53 8.55
C VAL A 64 -11.54 -4.31 9.86
N PRO A 65 -12.61 -4.37 10.62
CA PRO A 65 -12.62 -5.08 11.91
C PRO A 65 -12.66 -6.60 11.69
N ARG A 66 -12.27 -7.36 12.66
CA ARG A 66 -12.28 -8.84 12.51
C ARG A 66 -13.72 -9.36 12.48
N SER A 67 -13.93 -10.58 12.90
CA SER A 67 -15.32 -11.14 12.90
C SER A 67 -15.97 -10.89 14.26
N GLN A 68 -15.62 -9.81 14.90
CA GLN A 68 -16.24 -9.51 16.23
C GLN A 68 -17.47 -8.62 16.02
N GLU A 69 -17.86 -8.41 14.79
CA GLU A 69 -19.05 -7.57 14.53
C GLU A 69 -20.09 -8.39 13.77
N GLU A 70 -21.27 -7.86 13.59
CA GLU A 70 -22.33 -8.61 12.87
C GLU A 70 -22.11 -8.52 11.35
N PRO A 71 -21.90 -7.32 10.86
CA PRO A 71 -21.68 -7.08 9.42
C PRO A 71 -20.24 -7.42 9.03
N GLY A 72 -19.33 -7.40 9.97
CA GLY A 72 -17.92 -7.73 9.65
C GLY A 72 -17.81 -9.18 9.20
N LYS A 73 -16.63 -9.63 8.87
CA LYS A 73 -16.46 -11.04 8.43
C LYS A 73 -14.98 -11.38 8.36
N GLY A 74 -14.27 -10.83 7.40
CA GLY A 74 -12.81 -11.12 7.30
C GLY A 74 -12.01 -9.82 7.46
N SER A 75 -10.78 -9.82 7.03
CA SER A 75 -9.95 -8.59 7.16
C SER A 75 -9.80 -7.92 5.79
N PHE A 76 -9.46 -6.66 5.76
CA PHE A 76 -9.30 -5.97 4.46
C PHE A 76 -8.63 -4.61 4.67
N TRP A 77 -7.48 -4.41 4.07
CA TRP A 77 -6.77 -3.11 4.22
C TRP A 77 -7.32 -2.12 3.20
N ARG A 78 -7.35 -0.86 3.53
CA ARG A 78 -7.88 0.14 2.56
C ARG A 78 -7.42 1.55 2.91
N ILE A 79 -7.31 2.40 1.92
CA ILE A 79 -6.92 3.81 2.17
C ILE A 79 -8.18 4.66 2.04
N ASP A 80 -8.42 5.55 2.94
CA ASP A 80 -9.66 6.36 2.84
C ASP A 80 -9.66 7.09 1.49
N PRO A 81 -10.84 7.23 0.93
CA PRO A 81 -11.01 7.91 -0.36
C PRO A 81 -10.89 9.42 -0.14
N ALA A 82 -11.52 9.92 0.86
CA ALA A 82 -11.41 11.36 1.16
C ALA A 82 -10.22 11.57 2.11
N SER A 83 -9.41 10.54 2.27
CA SER A 83 -8.24 10.67 3.18
C SER A 83 -7.30 11.73 2.62
N GLU A 84 -7.02 11.69 1.35
CA GLU A 84 -6.11 12.72 0.79
C GLU A 84 -5.92 12.56 -0.72
N ALA A 85 -6.72 13.24 -1.49
CA ALA A 85 -6.52 13.18 -2.96
C ALA A 85 -5.03 13.46 -3.22
N LYS A 86 -4.37 14.07 -2.27
CA LYS A 86 -2.92 14.35 -2.43
C LYS A 86 -2.14 13.10 -1.99
N LEU A 87 -2.54 12.45 -0.93
CA LEU A 87 -1.79 11.22 -0.48
C LEU A 87 -1.73 10.26 -1.64
N VAL A 88 -2.73 10.28 -2.44
CA VAL A 88 -2.78 9.37 -3.60
C VAL A 88 -1.99 9.99 -4.76
N GLU A 89 -1.93 11.28 -4.84
CA GLU A 89 -1.18 11.93 -5.94
C GLU A 89 0.25 11.40 -5.91
N GLN A 90 0.85 11.41 -4.75
CA GLN A 90 2.24 10.89 -4.64
C GLN A 90 2.22 9.40 -4.97
N ALA A 91 1.07 8.77 -4.81
CA ALA A 91 0.97 7.32 -5.12
C ALA A 91 1.12 7.09 -6.62
N PHE A 92 0.44 7.86 -7.42
CA PHE A 92 0.52 7.67 -8.90
C PHE A 92 1.98 7.81 -9.36
N ARG A 93 2.68 8.80 -8.89
CA ARG A 93 4.10 8.97 -9.33
C ARG A 93 5.03 9.03 -8.10
N LYS A 94 6.23 8.53 -8.25
CA LYS A 94 7.18 8.56 -7.10
C LYS A 94 8.53 9.11 -7.58
N ARG A 95 9.19 8.42 -8.46
CA ARG A 95 10.50 8.91 -8.97
C ARG A 95 11.06 7.90 -9.97
N ARG A 96 11.78 8.37 -10.97
CA ARG A 96 12.34 7.42 -11.97
C ARG A 96 13.45 8.13 -12.76
N GLN A 97 14.52 8.50 -12.11
CA GLN A 97 15.63 9.18 -12.82
C GLN A 97 16.95 8.47 -12.53
N ARG A 98 17.86 8.47 -13.46
CA ARG A 98 19.17 7.78 -13.23
C ARG A 98 20.32 8.68 -13.69
N GLY A 99 20.16 9.33 -14.82
CA GLY A 99 21.25 10.21 -15.31
C GLY A 99 20.66 11.31 -16.22
N VAL A 100 19.87 10.93 -17.17
CA VAL A 100 19.27 11.94 -18.09
C VAL A 100 17.92 11.44 -18.61
N SER A 101 17.25 10.61 -17.85
CA SER A 101 15.94 10.08 -18.30
C SER A 101 16.11 9.33 -19.63
N GLU A 1 19.80 2.15 -5.37
CA GLU A 1 18.65 2.26 -6.31
C GLU A 1 17.72 1.06 -6.12
N SER A 2 17.29 0.82 -4.91
CA SER A 2 16.38 -0.33 -4.65
C SER A 2 14.92 0.12 -4.80
N LYS A 3 14.44 0.91 -3.87
CA LYS A 3 13.03 1.39 -3.96
C LYS A 3 12.99 2.90 -3.71
N PRO A 4 13.69 3.64 -4.53
CA PRO A 4 13.75 5.10 -4.43
C PRO A 4 12.44 5.81 -4.85
N PRO A 5 11.69 5.27 -5.79
CA PRO A 5 10.42 5.89 -6.23
C PRO A 5 9.31 5.62 -5.21
N TYR A 6 8.86 4.40 -5.15
CA TYR A 6 7.77 4.05 -4.18
C TYR A 6 8.37 3.84 -2.80
N SER A 7 7.70 4.33 -1.80
CA SER A 7 8.19 4.18 -0.40
C SER A 7 7.32 3.16 0.33
N TYR A 8 7.40 3.13 1.63
CA TYR A 8 6.57 2.16 2.40
C TYR A 8 5.36 2.88 2.97
N ALA A 9 4.61 3.51 2.11
CA ALA A 9 3.38 4.25 2.54
C ALA A 9 2.75 4.85 1.29
N GLN A 10 3.56 5.36 0.41
CA GLN A 10 3.05 5.91 -0.87
C GLN A 10 2.91 4.71 -1.80
N LEU A 11 3.74 3.73 -1.59
CA LEU A 11 3.67 2.50 -2.39
C LEU A 11 2.30 1.87 -2.13
N ILE A 12 1.85 1.94 -0.91
CA ILE A 12 0.51 1.39 -0.56
C ILE A 12 -0.54 2.26 -1.24
N VAL A 13 -0.45 3.55 -1.04
CA VAL A 13 -1.43 4.46 -1.67
C VAL A 13 -1.47 4.16 -3.16
N GLN A 14 -0.40 3.65 -3.70
CA GLN A 14 -0.39 3.29 -5.14
C GLN A 14 -1.20 2.01 -5.32
N ALA A 15 -1.06 1.11 -4.39
CA ALA A 15 -1.77 -0.19 -4.46
C ALA A 15 -3.30 0.02 -4.40
N ILE A 16 -3.80 0.76 -3.44
CA ILE A 16 -5.29 0.93 -3.38
C ILE A 16 -5.78 2.06 -4.28
N SER A 17 -4.99 3.08 -4.49
CA SER A 17 -5.46 4.16 -5.40
C SER A 17 -5.67 3.54 -6.76
N SER A 18 -4.96 2.48 -7.01
CA SER A 18 -5.10 1.77 -8.30
C SER A 18 -6.02 0.57 -8.12
N ALA A 19 -6.28 0.18 -6.89
CA ALA A 19 -7.19 -0.98 -6.67
C ALA A 19 -8.58 -0.65 -7.22
N GLN A 20 -9.42 -1.63 -7.35
CA GLN A 20 -10.79 -1.37 -7.88
C GLN A 20 -11.34 -0.11 -7.21
N ASP A 21 -11.96 -0.25 -6.08
CA ASP A 21 -12.51 0.95 -5.38
C ASP A 21 -11.35 1.70 -4.71
N ARG A 22 -10.83 1.16 -3.65
CA ARG A 22 -9.70 1.83 -2.94
C ARG A 22 -9.31 1.00 -1.73
N GLN A 23 -9.49 -0.30 -1.80
CA GLN A 23 -9.14 -1.16 -0.63
C GLN A 23 -8.38 -2.40 -1.10
N LEU A 24 -7.35 -2.77 -0.40
CA LEU A 24 -6.58 -3.97 -0.78
C LEU A 24 -6.50 -4.91 0.42
N THR A 25 -6.39 -6.19 0.20
CA THR A 25 -6.30 -7.14 1.34
C THR A 25 -4.86 -7.10 1.85
N LEU A 26 -4.57 -7.79 2.92
CA LEU A 26 -3.18 -7.78 3.43
C LEU A 26 -2.22 -8.24 2.32
N SER A 27 -2.59 -9.28 1.62
CA SER A 27 -1.72 -9.79 0.53
C SER A 27 -2.24 -9.28 -0.83
N GLY A 28 -2.83 -8.12 -0.86
CA GLY A 28 -3.35 -7.59 -2.15
C GLY A 28 -2.35 -6.57 -2.67
N ILE A 29 -1.87 -5.75 -1.79
CA ILE A 29 -0.87 -4.72 -2.15
C ILE A 29 0.34 -5.37 -2.81
N TYR A 30 0.62 -6.57 -2.42
CA TYR A 30 1.80 -7.29 -2.98
C TYR A 30 1.51 -7.68 -4.43
N ALA A 31 0.39 -8.28 -4.68
CA ALA A 31 0.07 -8.67 -6.09
C ALA A 31 -0.26 -7.41 -6.90
N HIS A 32 -0.52 -6.32 -6.24
CA HIS A 32 -0.85 -5.07 -6.98
C HIS A 32 0.43 -4.41 -7.54
N ILE A 33 1.28 -3.92 -6.68
CA ILE A 33 2.52 -3.26 -7.16
C ILE A 33 3.38 -4.25 -7.94
N THR A 34 3.51 -5.45 -7.48
CA THR A 34 4.35 -6.44 -8.23
C THR A 34 3.81 -6.57 -9.65
N LYS A 35 2.58 -6.20 -9.86
CA LYS A 35 2.00 -6.29 -11.23
C LYS A 35 2.30 -5.01 -12.02
N HIS A 36 2.20 -3.87 -11.39
CA HIS A 36 2.48 -2.60 -12.12
C HIS A 36 3.87 -2.06 -11.76
N TYR A 37 4.70 -2.88 -11.19
CA TYR A 37 6.08 -2.41 -10.84
C TYR A 37 7.10 -3.48 -11.26
N PRO A 38 8.08 -3.08 -12.03
CA PRO A 38 9.12 -4.00 -12.52
C PRO A 38 10.16 -4.28 -11.43
N TYR A 39 10.57 -3.28 -10.70
CA TYR A 39 11.58 -3.51 -9.63
C TYR A 39 11.04 -4.52 -8.61
N TYR A 40 9.76 -4.48 -8.36
CA TYR A 40 9.17 -5.44 -7.38
C TYR A 40 8.78 -6.73 -8.11
N ARG A 41 9.73 -7.43 -8.65
CA ARG A 41 9.40 -8.69 -9.38
C ARG A 41 10.41 -9.78 -9.01
N THR A 42 11.26 -9.52 -8.04
CA THR A 42 12.26 -10.55 -7.64
C THR A 42 12.87 -10.17 -6.28
N ALA A 43 12.11 -9.53 -5.44
CA ALA A 43 12.65 -9.15 -4.11
C ALA A 43 11.49 -8.69 -3.21
N ASP A 44 10.96 -9.57 -2.41
CA ASP A 44 9.84 -9.16 -1.52
C ASP A 44 10.02 -9.78 -0.13
N LYS A 45 11.23 -10.14 0.21
CA LYS A 45 11.48 -10.74 1.54
C LYS A 45 11.80 -9.63 2.55
N GLY A 46 11.02 -8.58 2.57
CA GLY A 46 11.29 -7.47 3.53
C GLY A 46 10.08 -6.54 3.62
N TRP A 47 9.66 -5.97 2.52
CA TRP A 47 8.49 -5.04 2.57
C TRP A 47 7.20 -5.84 2.71
N GLN A 48 7.28 -7.14 2.76
CA GLN A 48 6.05 -7.94 2.90
C GLN A 48 5.40 -7.63 4.25
N ASN A 49 6.06 -7.95 5.33
CA ASN A 49 5.49 -7.66 6.67
C ASN A 49 5.54 -6.16 6.95
N SER A 50 6.33 -5.44 6.20
CA SER A 50 6.44 -3.96 6.42
C SER A 50 5.16 -3.26 5.94
N ILE A 51 4.51 -3.81 4.95
CA ILE A 51 3.27 -3.16 4.42
C ILE A 51 2.14 -3.30 5.43
N ARG A 52 1.93 -4.47 5.97
CA ARG A 52 0.82 -4.64 6.96
C ARG A 52 1.09 -3.78 8.20
N HIS A 53 2.33 -3.65 8.58
CA HIS A 53 2.65 -2.84 9.78
C HIS A 53 2.52 -1.34 9.45
N ASN A 54 2.81 -0.97 8.23
CA ASN A 54 2.71 0.48 7.84
C ASN A 54 1.24 0.90 7.86
N LEU A 55 0.37 0.09 7.32
CA LEU A 55 -1.07 0.45 7.28
C LEU A 55 -1.57 0.76 8.70
N SER A 56 -0.84 0.35 9.70
CA SER A 56 -1.27 0.63 11.10
C SER A 56 -0.68 1.97 11.57
N LEU A 57 0.51 2.29 11.14
CA LEU A 57 1.14 3.57 11.56
C LEU A 57 0.77 4.68 10.58
N ASN A 58 -0.01 4.37 9.57
CA ASN A 58 -0.39 5.43 8.58
C ASN A 58 -1.67 6.11 9.05
N ARG A 59 -1.84 7.37 8.75
CA ARG A 59 -3.07 8.08 9.20
C ARG A 59 -4.17 7.99 8.13
N TYR A 60 -3.86 7.51 6.96
CA TYR A 60 -4.91 7.41 5.91
C TYR A 60 -5.33 5.95 5.73
N PHE A 61 -4.45 5.03 5.98
CA PHE A 61 -4.82 3.60 5.79
C PHE A 61 -5.64 3.11 6.97
N ILE A 62 -6.92 3.03 6.77
CA ILE A 62 -7.83 2.58 7.86
C ILE A 62 -8.02 1.06 7.75
N LYS A 63 -8.67 0.46 8.72
CA LYS A 63 -8.88 -1.01 8.65
C LYS A 63 -10.38 -1.30 8.64
N VAL A 64 -10.83 -2.12 7.72
CA VAL A 64 -12.28 -2.43 7.66
C VAL A 64 -12.50 -3.95 7.59
N PRO A 65 -12.61 -4.56 8.74
CA PRO A 65 -12.81 -6.00 8.85
C PRO A 65 -14.28 -6.35 8.57
N ARG A 66 -14.72 -7.51 8.97
CA ARG A 66 -16.14 -7.89 8.72
C ARG A 66 -16.41 -9.28 9.29
N SER A 67 -17.34 -9.38 10.21
CA SER A 67 -17.65 -10.71 10.80
C SER A 67 -19.09 -11.10 10.42
N GLN A 68 -19.60 -10.53 9.38
CA GLN A 68 -21.00 -10.86 8.96
C GLN A 68 -20.97 -11.70 7.67
N GLU A 69 -20.26 -11.26 6.67
CA GLU A 69 -20.20 -12.04 5.41
C GLU A 69 -19.30 -13.25 5.58
N GLU A 70 -18.04 -13.04 5.80
CA GLU A 70 -17.10 -14.20 5.97
C GLU A 70 -17.51 -15.01 7.19
N PRO A 71 -17.15 -16.26 7.18
CA PRO A 71 -17.46 -17.20 8.28
C PRO A 71 -16.51 -16.98 9.45
N GLY A 72 -15.62 -16.01 9.34
CA GLY A 72 -14.67 -15.75 10.45
C GLY A 72 -14.31 -14.26 10.47
N LYS A 73 -13.27 -13.90 11.18
CA LYS A 73 -12.87 -12.47 11.23
C LYS A 73 -12.32 -12.05 9.87
N GLY A 74 -12.99 -11.14 9.20
CA GLY A 74 -12.51 -10.69 7.87
C GLY A 74 -11.48 -9.57 8.05
N SER A 75 -10.50 -9.51 7.20
CA SER A 75 -9.47 -8.44 7.31
C SER A 75 -9.21 -7.82 5.95
N PHE A 76 -9.69 -6.63 5.72
CA PHE A 76 -9.46 -5.97 4.40
C PHE A 76 -8.85 -4.59 4.62
N TRP A 77 -7.69 -4.35 4.08
CA TRP A 77 -7.03 -3.04 4.27
C TRP A 77 -7.64 -2.01 3.31
N ARG A 78 -7.69 -0.76 3.71
CA ARG A 78 -8.27 0.29 2.83
C ARG A 78 -7.80 1.66 3.28
N ILE A 79 -7.79 2.61 2.39
CA ILE A 79 -7.36 4.00 2.76
C ILE A 79 -8.60 4.90 2.77
N ASP A 80 -8.52 6.04 3.40
CA ASP A 80 -9.71 6.94 3.44
C ASP A 80 -10.02 7.44 2.03
N PRO A 81 -11.29 7.69 1.79
CA PRO A 81 -11.76 8.18 0.48
C PRO A 81 -11.51 9.68 0.35
N ALA A 82 -11.55 10.40 1.43
CA ALA A 82 -11.32 11.87 1.36
C ALA A 82 -9.82 12.16 1.53
N SER A 83 -9.08 11.23 2.08
CA SER A 83 -7.62 11.47 2.26
C SER A 83 -6.88 10.98 1.03
N GLU A 84 -7.54 10.27 0.16
CA GLU A 84 -6.85 9.76 -1.06
C GLU A 84 -6.27 10.92 -1.86
N ALA A 85 -7.10 11.78 -2.38
CA ALA A 85 -6.60 12.94 -3.19
C ALA A 85 -5.30 13.47 -2.59
N LYS A 86 -5.12 13.34 -1.30
CA LYS A 86 -3.87 13.83 -0.66
C LYS A 86 -2.76 12.79 -0.81
N LEU A 87 -2.93 11.64 -0.21
CA LEU A 87 -1.87 10.59 -0.31
C LEU A 87 -1.53 10.32 -1.77
N VAL A 88 -2.51 9.92 -2.53
CA VAL A 88 -2.27 9.62 -3.96
C VAL A 88 -1.35 10.67 -4.58
N GLU A 89 -1.36 11.87 -4.08
CA GLU A 89 -0.49 12.93 -4.66
C GLU A 89 0.94 12.40 -4.70
N GLN A 90 1.45 11.96 -3.59
CA GLN A 90 2.83 11.41 -3.58
C GLN A 90 2.81 10.06 -4.29
N ALA A 91 1.65 9.48 -4.47
CA ALA A 91 1.55 8.17 -5.15
C ALA A 91 1.85 8.33 -6.65
N PHE A 92 0.89 8.81 -7.40
CA PHE A 92 1.13 9.00 -8.86
C PHE A 92 2.48 9.68 -9.08
N ARG A 93 2.84 10.59 -8.23
CA ARG A 93 4.16 11.29 -8.41
C ARG A 93 5.22 10.59 -7.55
N LYS A 94 6.08 9.82 -8.17
CA LYS A 94 7.14 9.12 -7.39
C LYS A 94 8.03 10.15 -6.68
N ARG A 95 8.74 9.74 -5.67
CA ARG A 95 9.63 10.70 -4.94
C ARG A 95 11.09 10.31 -5.18
N ARG A 96 11.74 10.96 -6.11
CA ARG A 96 13.17 10.64 -6.37
C ARG A 96 14.05 11.20 -5.26
N GLN A 97 15.34 11.09 -5.39
CA GLN A 97 16.24 11.63 -4.34
C GLN A 97 17.14 12.72 -4.94
N ARG A 98 17.86 12.40 -5.98
CA ARG A 98 18.75 13.42 -6.60
C ARG A 98 18.01 14.09 -7.76
N GLY A 99 16.89 14.71 -7.49
CA GLY A 99 16.13 15.38 -8.58
C GLY A 99 16.07 16.88 -8.32
N VAL A 100 17.14 17.45 -7.82
CA VAL A 100 17.14 18.91 -7.55
C VAL A 100 17.38 19.68 -8.85
N SER A 101 16.41 20.43 -9.29
CA SER A 101 16.57 21.20 -10.55
C SER A 101 15.45 22.23 -10.67
N GLU A 1 19.42 2.89 -8.39
CA GLU A 1 20.16 2.13 -9.45
C GLU A 1 19.94 0.62 -9.23
N SER A 2 19.20 0.26 -8.22
CA SER A 2 18.97 -1.19 -7.96
C SER A 2 17.46 -1.45 -7.89
N LYS A 3 16.82 -0.97 -6.87
CA LYS A 3 15.34 -1.18 -6.76
C LYS A 3 14.74 -0.15 -5.80
N PRO A 4 14.60 1.06 -6.27
CA PRO A 4 14.01 2.17 -5.50
C PRO A 4 12.49 2.18 -5.72
N PRO A 5 11.76 1.62 -4.80
CA PRO A 5 10.30 1.53 -4.89
C PRO A 5 9.63 2.73 -4.25
N TYR A 6 8.33 2.71 -4.19
CA TYR A 6 7.59 3.82 -3.55
C TYR A 6 7.65 3.61 -2.04
N SER A 7 7.63 4.66 -1.28
CA SER A 7 7.69 4.49 0.19
C SER A 7 6.68 3.42 0.58
N TYR A 8 6.74 2.90 1.76
CA TYR A 8 5.76 1.85 2.13
C TYR A 8 4.46 2.51 2.60
N ALA A 9 4.30 3.78 2.36
CA ALA A 9 3.06 4.48 2.76
C ALA A 9 2.37 4.99 1.48
N GLN A 10 3.15 5.38 0.52
CA GLN A 10 2.58 5.88 -0.79
C GLN A 10 2.48 4.67 -1.70
N LEU A 11 3.40 3.77 -1.54
CA LEU A 11 3.38 2.53 -2.36
C LEU A 11 2.02 1.87 -2.19
N ILE A 12 1.54 1.85 -0.98
CA ILE A 12 0.19 1.26 -0.73
C ILE A 12 -0.85 2.10 -1.46
N VAL A 13 -0.73 3.39 -1.38
CA VAL A 13 -1.71 4.28 -2.05
C VAL A 13 -1.91 3.86 -3.51
N GLN A 14 -0.87 3.87 -4.30
CA GLN A 14 -1.05 3.46 -5.72
C GLN A 14 -1.64 2.06 -5.73
N ALA A 15 -1.40 1.30 -4.70
CA ALA A 15 -1.94 -0.07 -4.62
C ALA A 15 -3.47 -0.03 -4.46
N ILE A 16 -3.92 0.24 -3.26
CA ILE A 16 -5.39 0.28 -3.00
C ILE A 16 -6.01 1.49 -3.70
N SER A 17 -5.42 2.65 -3.55
CA SER A 17 -5.99 3.86 -4.21
C SER A 17 -6.15 3.62 -5.71
N SER A 18 -5.16 3.06 -6.34
CA SER A 18 -5.26 2.81 -7.81
C SER A 18 -5.97 1.48 -8.06
N ALA A 19 -6.24 0.73 -7.03
CA ALA A 19 -6.92 -0.58 -7.21
C ALA A 19 -8.37 -0.34 -7.64
N GLN A 20 -9.17 -1.37 -7.68
CA GLN A 20 -10.59 -1.20 -8.09
C GLN A 20 -11.17 0.04 -7.39
N ASP A 21 -11.79 -0.15 -6.25
CA ASP A 21 -12.36 1.02 -5.52
C ASP A 21 -11.28 1.69 -4.68
N ARG A 22 -10.88 1.07 -3.61
CA ARG A 22 -9.82 1.67 -2.74
C ARG A 22 -9.55 0.76 -1.55
N GLN A 23 -9.60 -0.53 -1.74
CA GLN A 23 -9.36 -1.47 -0.61
C GLN A 23 -8.74 -2.76 -1.12
N LEU A 24 -7.65 -3.17 -0.54
CA LEU A 24 -6.99 -4.44 -0.97
C LEU A 24 -6.79 -5.33 0.25
N THR A 25 -6.56 -6.60 0.04
CA THR A 25 -6.33 -7.49 1.20
C THR A 25 -4.89 -7.30 1.66
N LEU A 26 -4.46 -7.97 2.69
CA LEU A 26 -3.05 -7.80 3.13
C LEU A 26 -2.13 -8.26 2.01
N SER A 27 -2.54 -9.27 1.29
CA SER A 27 -1.70 -9.78 0.17
C SER A 27 -2.23 -9.23 -1.16
N GLY A 28 -2.88 -8.10 -1.11
CA GLY A 28 -3.40 -7.48 -2.37
C GLY A 28 -2.44 -6.37 -2.75
N ILE A 29 -2.05 -5.62 -1.78
CA ILE A 29 -1.10 -4.51 -1.99
C ILE A 29 0.16 -5.06 -2.64
N TYR A 30 0.48 -6.28 -2.34
CA TYR A 30 1.71 -6.90 -2.92
C TYR A 30 1.43 -7.30 -4.38
N ALA A 31 0.37 -8.02 -4.62
CA ALA A 31 0.06 -8.42 -6.02
C ALA A 31 -0.22 -7.17 -6.85
N HIS A 32 -0.47 -6.07 -6.21
CA HIS A 32 -0.75 -4.81 -6.96
C HIS A 32 0.56 -4.21 -7.47
N ILE A 33 1.36 -3.69 -6.60
CA ILE A 33 2.66 -3.08 -7.01
C ILE A 33 3.46 -4.10 -7.81
N THR A 34 3.47 -5.33 -7.40
CA THR A 34 4.25 -6.37 -8.13
C THR A 34 3.75 -6.46 -9.58
N LYS A 35 2.50 -6.21 -9.80
CA LYS A 35 1.97 -6.28 -11.20
C LYS A 35 2.56 -5.13 -12.03
N HIS A 36 2.64 -3.96 -11.47
CA HIS A 36 3.20 -2.80 -12.22
C HIS A 36 4.71 -2.72 -12.01
N TYR A 37 5.26 -3.56 -11.18
CA TYR A 37 6.73 -3.51 -10.93
C TYR A 37 7.33 -4.90 -11.15
N PRO A 38 8.31 -4.99 -12.02
CA PRO A 38 8.98 -6.26 -12.33
C PRO A 38 9.97 -6.64 -11.23
N TYR A 39 10.83 -5.74 -10.84
CA TYR A 39 11.81 -6.06 -9.77
C TYR A 39 11.06 -6.45 -8.50
N TYR A 40 10.03 -5.71 -8.16
CA TYR A 40 9.26 -6.03 -6.94
C TYR A 40 8.35 -7.23 -7.19
N ARG A 41 8.83 -8.42 -6.95
CA ARG A 41 8.01 -9.63 -7.17
C ARG A 41 8.40 -10.71 -6.16
N THR A 42 9.65 -11.12 -6.18
CA THR A 42 10.11 -12.17 -5.22
C THR A 42 11.60 -11.97 -4.95
N ALA A 43 12.03 -10.74 -4.89
CA ALA A 43 13.48 -10.48 -4.63
C ALA A 43 13.71 -10.24 -3.15
N ASP A 44 13.18 -9.17 -2.61
CA ASP A 44 13.38 -8.88 -1.16
C ASP A 44 12.04 -8.97 -0.41
N LYS A 45 11.95 -9.82 0.58
CA LYS A 45 10.67 -9.92 1.34
C LYS A 45 10.70 -8.94 2.51
N GLY A 46 11.34 -7.82 2.34
CA GLY A 46 11.41 -6.83 3.45
C GLY A 46 10.15 -5.98 3.48
N TRP A 47 9.81 -5.35 2.38
CA TRP A 47 8.58 -4.50 2.36
C TRP A 47 7.34 -5.36 2.58
N GLN A 48 7.48 -6.66 2.58
CA GLN A 48 6.29 -7.52 2.79
C GLN A 48 5.66 -7.16 4.14
N ASN A 49 6.36 -7.43 5.22
CA ASN A 49 5.83 -7.10 6.57
C ASN A 49 5.85 -5.59 6.77
N SER A 50 6.50 -4.87 5.90
CA SER A 50 6.57 -3.39 6.04
C SER A 50 5.20 -2.78 5.74
N ILE A 51 4.60 -3.17 4.64
CA ILE A 51 3.26 -2.62 4.26
C ILE A 51 2.25 -2.89 5.39
N ARG A 52 2.18 -4.11 5.85
CA ARG A 52 1.20 -4.43 6.93
C ARG A 52 1.38 -3.49 8.12
N HIS A 53 2.57 -3.43 8.66
CA HIS A 53 2.81 -2.55 9.84
C HIS A 53 2.67 -1.07 9.45
N ASN A 54 2.85 -0.74 8.21
CA ASN A 54 2.74 0.69 7.78
C ASN A 54 1.27 1.12 7.79
N LEU A 55 0.42 0.32 7.24
CA LEU A 55 -1.02 0.67 7.18
C LEU A 55 -1.59 0.86 8.59
N SER A 56 -0.86 0.47 9.60
CA SER A 56 -1.39 0.64 10.98
C SER A 56 -0.96 2.02 11.51
N LEU A 57 0.29 2.36 11.35
CA LEU A 57 0.77 3.69 11.85
C LEU A 57 0.63 4.74 10.76
N ASN A 58 -0.09 4.46 9.70
CA ASN A 58 -0.23 5.47 8.62
C ASN A 58 -1.40 6.40 8.95
N ARG A 59 -1.35 7.62 8.47
CA ARG A 59 -2.46 8.58 8.77
C ARG A 59 -3.58 8.45 7.72
N TYR A 60 -3.36 7.72 6.66
CA TYR A 60 -4.44 7.58 5.64
C TYR A 60 -4.58 6.13 5.20
N PHE A 61 -4.60 5.21 6.13
CA PHE A 61 -4.75 3.78 5.76
C PHE A 61 -5.59 3.08 6.81
N ILE A 62 -6.84 2.88 6.54
CA ILE A 62 -7.73 2.20 7.53
C ILE A 62 -8.24 0.88 6.96
N LYS A 63 -8.46 -0.10 7.80
CA LYS A 63 -8.95 -1.41 7.30
C LYS A 63 -10.44 -1.56 7.68
N VAL A 64 -10.95 -2.76 7.62
CA VAL A 64 -12.39 -2.95 7.97
C VAL A 64 -12.57 -4.32 8.65
N PRO A 65 -12.40 -4.32 9.95
CA PRO A 65 -12.54 -5.54 10.77
C PRO A 65 -14.02 -5.88 10.99
N ARG A 66 -14.31 -7.06 11.46
CA ARG A 66 -15.72 -7.44 11.70
C ARG A 66 -15.77 -8.50 12.80
N SER A 67 -16.37 -8.19 13.92
CA SER A 67 -16.44 -9.18 15.03
C SER A 67 -17.76 -9.01 15.79
N GLN A 68 -18.72 -8.36 15.19
CA GLN A 68 -20.03 -8.15 15.88
C GLN A 68 -21.04 -9.19 15.39
N GLU A 69 -20.67 -10.00 14.43
CA GLU A 69 -21.61 -11.03 13.93
C GLU A 69 -20.89 -12.36 13.78
N GLU A 70 -19.98 -12.46 12.84
CA GLU A 70 -19.24 -13.73 12.65
C GLU A 70 -17.95 -13.70 13.48
N PRO A 71 -17.51 -14.86 13.89
CA PRO A 71 -16.28 -15.02 14.69
C PRO A 71 -15.03 -14.87 13.80
N GLY A 72 -15.22 -14.76 12.52
CA GLY A 72 -14.05 -14.61 11.61
C GLY A 72 -13.64 -13.14 11.53
N LYS A 73 -12.59 -12.78 12.20
CA LYS A 73 -12.13 -11.36 12.17
C LYS A 73 -11.75 -10.98 10.73
N GLY A 74 -12.36 -9.96 10.20
CA GLY A 74 -12.03 -9.54 8.81
C GLY A 74 -10.63 -8.92 8.78
N SER A 75 -10.15 -8.57 7.61
CA SER A 75 -8.79 -7.98 7.53
C SER A 75 -8.60 -7.30 6.17
N PHE A 76 -9.58 -6.58 5.71
CA PHE A 76 -9.43 -5.91 4.38
C PHE A 76 -8.80 -4.53 4.57
N TRP A 77 -7.67 -4.29 3.96
CA TRP A 77 -6.99 -2.98 4.11
C TRP A 77 -7.60 -1.96 3.16
N ARG A 78 -7.67 -0.71 3.57
CA ARG A 78 -8.23 0.35 2.70
C ARG A 78 -7.62 1.69 3.08
N ILE A 79 -7.78 2.70 2.25
CA ILE A 79 -7.20 4.04 2.61
C ILE A 79 -8.35 5.00 2.91
N ASP A 80 -8.06 6.11 3.54
CA ASP A 80 -9.15 7.07 3.85
C ASP A 80 -9.80 7.52 2.54
N PRO A 81 -11.06 7.87 2.62
CA PRO A 81 -11.84 8.31 1.44
C PRO A 81 -11.52 9.75 1.07
N ALA A 82 -11.52 10.65 2.02
CA ALA A 82 -11.21 12.08 1.70
C ALA A 82 -9.71 12.34 1.81
N SER A 83 -8.92 11.31 1.83
CA SER A 83 -7.45 11.50 1.91
C SER A 83 -6.81 10.88 0.68
N GLU A 84 -7.57 10.16 -0.11
CA GLU A 84 -7.01 9.52 -1.32
C GLU A 84 -6.41 10.57 -2.25
N ALA A 85 -6.86 11.79 -2.18
CA ALA A 85 -6.30 12.84 -3.08
C ALA A 85 -4.98 13.36 -2.52
N LYS A 86 -4.75 13.23 -1.24
CA LYS A 86 -3.48 13.73 -0.65
C LYS A 86 -2.45 12.60 -0.62
N LEU A 87 -2.87 11.38 -0.43
CA LEU A 87 -1.90 10.25 -0.40
C LEU A 87 -1.44 9.94 -1.81
N VAL A 88 -2.35 9.85 -2.71
CA VAL A 88 -2.00 9.56 -4.11
C VAL A 88 -0.89 10.49 -4.59
N GLU A 89 -0.82 11.68 -4.05
CA GLU A 89 0.22 12.63 -4.48
C GLU A 89 1.60 11.97 -4.35
N GLN A 90 1.83 11.30 -3.25
CA GLN A 90 3.14 10.62 -3.06
C GLN A 90 3.10 9.27 -3.80
N ALA A 91 1.93 8.83 -4.17
CA ALA A 91 1.81 7.53 -4.88
C ALA A 91 2.55 7.58 -6.22
N PHE A 92 2.36 8.64 -6.97
CA PHE A 92 3.06 8.73 -8.29
C PHE A 92 4.45 9.35 -8.10
N ARG A 93 4.95 9.34 -6.90
CA ARG A 93 6.31 9.93 -6.65
C ARG A 93 7.31 8.81 -6.36
N LYS A 94 8.50 9.18 -5.97
CA LYS A 94 9.53 8.14 -5.66
C LYS A 94 9.98 8.29 -4.20
N ARG A 95 11.02 7.61 -3.82
CA ARG A 95 11.49 7.73 -2.41
C ARG A 95 12.32 9.01 -2.25
N ARG A 96 11.68 10.09 -1.90
CA ARG A 96 12.43 11.37 -1.73
C ARG A 96 12.16 11.93 -0.34
N GLN A 97 12.53 13.17 -0.10
CA GLN A 97 12.30 13.77 1.23
C GLN A 97 11.10 14.71 1.17
N ARG A 98 10.70 15.26 2.29
CA ARG A 98 9.53 16.19 2.28
C ARG A 98 9.99 17.59 1.89
N GLY A 99 9.27 18.25 1.02
CA GLY A 99 9.68 19.62 0.60
C GLY A 99 8.42 20.48 0.41
N VAL A 100 7.60 20.57 1.40
CA VAL A 100 6.37 21.39 1.26
C VAL A 100 5.97 21.95 2.63
N SER A 101 5.79 23.25 2.73
CA SER A 101 5.41 23.85 4.04
C SER A 101 4.28 24.85 3.82
N GLU A 1 17.04 -2.27 -11.28
CA GLU A 1 18.10 -2.63 -10.30
C GLU A 1 17.88 -1.87 -8.99
N SER A 2 18.67 -2.13 -8.00
CA SER A 2 18.50 -1.42 -6.69
C SER A 2 17.02 -1.38 -6.33
N LYS A 3 16.65 -0.56 -5.39
CA LYS A 3 15.21 -0.49 -4.99
C LYS A 3 14.60 0.82 -5.51
N PRO A 4 13.78 0.71 -6.54
CA PRO A 4 13.10 1.88 -7.15
C PRO A 4 11.72 2.24 -6.53
N PRO A 5 11.32 1.69 -5.39
CA PRO A 5 10.00 2.02 -4.83
C PRO A 5 10.06 3.37 -4.09
N TYR A 6 8.99 3.74 -3.43
CA TYR A 6 8.98 5.04 -2.72
C TYR A 6 8.95 4.79 -1.21
N SER A 7 8.87 5.83 -0.42
CA SER A 7 8.84 5.61 1.05
C SER A 7 7.81 4.53 1.35
N TYR A 8 8.06 3.69 2.31
CA TYR A 8 7.09 2.60 2.63
C TYR A 8 5.74 3.22 3.03
N ALA A 9 4.93 3.50 2.05
CA ALA A 9 3.60 4.10 2.30
C ALA A 9 2.95 4.41 0.94
N GLN A 10 3.79 4.68 -0.04
CA GLN A 10 3.28 5.00 -1.41
C GLN A 10 3.01 3.70 -2.15
N LEU A 11 3.71 2.64 -1.84
CA LEU A 11 3.43 1.36 -2.53
C LEU A 11 2.02 0.98 -2.16
N ILE A 12 1.58 1.46 -1.02
CA ILE A 12 0.20 1.13 -0.61
C ILE A 12 -0.77 2.05 -1.35
N VAL A 13 -0.56 3.32 -1.27
CA VAL A 13 -1.48 4.25 -1.96
C VAL A 13 -1.67 3.81 -3.41
N GLN A 14 -0.61 3.68 -4.15
CA GLN A 14 -0.77 3.23 -5.56
C GLN A 14 -1.26 1.79 -5.57
N ALA A 15 -1.05 1.08 -4.49
CA ALA A 15 -1.51 -0.33 -4.41
C ALA A 15 -3.05 -0.39 -4.36
N ILE A 16 -3.65 0.20 -3.35
CA ILE A 16 -5.14 0.18 -3.22
C ILE A 16 -5.75 1.35 -4.01
N SER A 17 -5.22 2.52 -3.84
CA SER A 17 -5.79 3.72 -4.54
C SER A 17 -5.78 3.51 -6.06
N SER A 18 -4.70 3.04 -6.61
CA SER A 18 -4.65 2.84 -8.09
C SER A 18 -5.41 1.57 -8.49
N ALA A 19 -5.93 0.85 -7.53
CA ALA A 19 -6.68 -0.38 -7.87
C ALA A 19 -8.17 -0.07 -7.83
N GLN A 20 -8.92 -0.55 -8.80
CA GLN A 20 -10.39 -0.27 -8.81
C GLN A 20 -10.92 -0.46 -7.39
N ASP A 21 -10.38 -1.42 -6.69
CA ASP A 21 -10.82 -1.66 -5.28
C ASP A 21 -9.93 -0.85 -4.33
N ARG A 22 -10.42 0.25 -3.83
CA ARG A 22 -9.61 1.07 -2.89
C ARG A 22 -9.23 0.23 -1.66
N GLN A 23 -9.82 -0.92 -1.50
CA GLN A 23 -9.49 -1.79 -0.34
C GLN A 23 -8.71 -3.01 -0.82
N LEU A 24 -7.68 -3.38 -0.12
CA LEU A 24 -6.88 -4.56 -0.51
C LEU A 24 -6.75 -5.50 0.68
N THR A 25 -6.58 -6.77 0.44
CA THR A 25 -6.41 -7.70 1.57
C THR A 25 -4.96 -7.55 2.04
N LEU A 26 -4.55 -8.22 3.08
CA LEU A 26 -3.14 -8.06 3.50
C LEU A 26 -2.24 -8.48 2.36
N SER A 27 -2.61 -9.51 1.63
CA SER A 27 -1.78 -9.97 0.49
C SER A 27 -2.37 -9.44 -0.82
N GLY A 28 -2.96 -8.27 -0.81
CA GLY A 28 -3.54 -7.72 -2.07
C GLY A 28 -2.59 -6.67 -2.61
N ILE A 29 -2.17 -5.78 -1.75
CA ILE A 29 -1.25 -4.70 -2.13
C ILE A 29 0.00 -5.28 -2.78
N TYR A 30 0.41 -6.43 -2.35
CA TYR A 30 1.63 -7.05 -2.93
C TYR A 30 1.37 -7.44 -4.38
N ALA A 31 0.30 -8.12 -4.64
CA ALA A 31 0.01 -8.53 -6.04
C ALA A 31 -0.37 -7.30 -6.87
N HIS A 32 -0.75 -6.22 -6.23
CA HIS A 32 -1.14 -5.00 -6.98
C HIS A 32 0.12 -4.28 -7.47
N ILE A 33 0.99 -3.98 -6.55
CA ILE A 33 2.25 -3.26 -6.89
C ILE A 33 3.07 -4.01 -7.93
N THR A 34 3.00 -5.32 -7.91
CA THR A 34 3.80 -6.11 -8.88
C THR A 34 3.47 -5.70 -10.30
N LYS A 35 2.36 -5.04 -10.50
CA LYS A 35 1.99 -4.60 -11.88
C LYS A 35 2.65 -3.23 -12.18
N HIS A 36 2.85 -2.42 -11.17
CA HIS A 36 3.47 -1.10 -11.40
C HIS A 36 5.00 -1.19 -11.24
N TYR A 37 5.49 -1.23 -10.04
CA TYR A 37 6.96 -1.33 -9.84
C TYR A 37 7.38 -2.80 -10.03
N PRO A 38 8.23 -3.04 -11.00
CA PRO A 38 8.70 -4.40 -11.32
C PRO A 38 9.76 -4.85 -10.31
N TYR A 39 10.04 -4.06 -9.31
CA TYR A 39 11.06 -4.45 -8.30
C TYR A 39 10.38 -5.23 -7.17
N TYR A 40 9.15 -4.87 -6.85
CA TYR A 40 8.44 -5.59 -5.75
C TYR A 40 7.66 -6.77 -6.33
N ARG A 41 8.29 -7.91 -6.45
CA ARG A 41 7.59 -9.10 -7.00
C ARG A 41 8.29 -10.37 -6.50
N THR A 42 9.59 -10.35 -6.43
CA THR A 42 10.33 -11.55 -5.94
C THR A 42 11.81 -11.20 -5.75
N ALA A 43 12.08 -10.18 -4.99
CA ALA A 43 13.51 -9.78 -4.77
C ALA A 43 13.88 -10.05 -3.31
N ASP A 44 13.31 -9.32 -2.40
CA ASP A 44 13.65 -9.54 -0.96
C ASP A 44 12.36 -9.66 -0.15
N LYS A 45 12.34 -10.51 0.85
CA LYS A 45 11.11 -10.67 1.67
C LYS A 45 11.17 -9.68 2.84
N GLY A 46 10.59 -8.52 2.68
CA GLY A 46 10.62 -7.51 3.77
C GLY A 46 9.40 -6.61 3.68
N TRP A 47 9.18 -5.98 2.55
CA TRP A 47 8.02 -5.06 2.42
C TRP A 47 6.72 -5.81 2.68
N GLN A 48 6.76 -7.11 2.71
CA GLN A 48 5.50 -7.87 2.98
C GLN A 48 4.92 -7.43 4.32
N ASN A 49 5.59 -7.72 5.40
CA ASN A 49 5.08 -7.32 6.74
C ASN A 49 5.22 -5.80 6.91
N SER A 50 6.26 -5.23 6.37
CA SER A 50 6.43 -3.75 6.51
C SER A 50 5.19 -3.05 5.96
N ILE A 51 4.53 -3.68 5.01
CA ILE A 51 3.32 -3.06 4.42
C ILE A 51 2.18 -3.12 5.45
N ARG A 52 1.81 -4.28 5.89
CA ARG A 52 0.72 -4.38 6.90
C ARG A 52 1.03 -3.40 8.03
N HIS A 53 2.29 -3.16 8.27
CA HIS A 53 2.69 -2.22 9.34
C HIS A 53 2.43 -0.77 8.87
N ASN A 54 2.69 -0.50 7.63
CA ASN A 54 2.48 0.87 7.07
C ASN A 54 0.98 1.19 6.96
N LEU A 55 0.14 0.19 6.89
CA LEU A 55 -1.32 0.46 6.76
C LEU A 55 -1.87 0.96 8.10
N SER A 56 -1.45 0.37 9.19
CA SER A 56 -1.96 0.80 10.53
C SER A 56 -1.06 1.90 11.10
N LEU A 57 0.07 2.14 10.49
CA LEU A 57 1.00 3.18 11.01
C LEU A 57 0.68 4.54 10.36
N ASN A 58 0.43 4.53 9.09
CA ASN A 58 0.12 5.81 8.38
C ASN A 58 -1.27 6.31 8.79
N ARG A 59 -1.43 7.60 8.87
CA ARG A 59 -2.75 8.17 9.28
C ARG A 59 -3.73 8.15 8.09
N TYR A 60 -3.23 8.01 6.89
CA TYR A 60 -4.15 8.00 5.72
C TYR A 60 -4.45 6.56 5.30
N PHE A 61 -4.38 5.65 6.22
CA PHE A 61 -4.69 4.22 5.91
C PHE A 61 -5.49 3.65 7.07
N ILE A 62 -6.44 2.79 6.82
CA ILE A 62 -7.26 2.23 7.95
C ILE A 62 -7.87 0.89 7.53
N LYS A 63 -8.51 0.21 8.44
CA LYS A 63 -9.14 -1.10 8.09
C LYS A 63 -10.56 -0.88 7.56
N VAL A 64 -11.19 -1.92 7.09
CA VAL A 64 -12.59 -1.77 6.57
C VAL A 64 -13.56 -1.49 7.72
N PRO A 65 -13.54 -2.34 8.71
CA PRO A 65 -14.42 -2.23 9.89
C PRO A 65 -13.88 -1.15 10.84
N ARG A 66 -14.42 -1.08 12.02
CA ARG A 66 -13.94 -0.06 12.99
C ARG A 66 -13.82 -0.68 14.39
N SER A 67 -13.35 -1.89 14.46
CA SER A 67 -13.20 -2.56 15.78
C SER A 67 -11.74 -2.97 16.01
N GLN A 68 -11.27 -2.90 17.22
CA GLN A 68 -9.85 -3.28 17.49
C GLN A 68 -9.81 -4.71 18.04
N GLU A 69 -10.49 -5.62 17.39
CA GLU A 69 -10.50 -7.03 17.88
C GLU A 69 -11.10 -7.93 16.79
N GLU A 70 -10.27 -8.50 15.96
CA GLU A 70 -10.80 -9.40 14.89
C GLU A 70 -9.80 -10.51 14.61
N PRO A 71 -9.56 -11.32 15.61
CA PRO A 71 -8.62 -12.45 15.50
C PRO A 71 -9.29 -13.64 14.78
N GLY A 72 -9.54 -13.50 13.51
CA GLY A 72 -10.18 -14.62 12.76
C GLY A 72 -9.50 -14.78 11.40
N LYS A 73 -10.27 -14.93 10.35
CA LYS A 73 -9.66 -15.11 9.00
C LYS A 73 -10.15 -13.99 8.07
N GLY A 74 -10.27 -12.79 8.57
CA GLY A 74 -10.73 -11.67 7.72
C GLY A 74 -9.71 -10.54 7.77
N SER A 75 -8.85 -10.46 6.79
CA SER A 75 -7.82 -9.37 6.79
C SER A 75 -8.02 -8.48 5.57
N PHE A 76 -8.96 -7.58 5.62
CA PHE A 76 -9.20 -6.67 4.47
C PHE A 76 -9.21 -5.22 4.95
N TRP A 77 -8.28 -4.43 4.50
CA TRP A 77 -8.23 -3.00 4.92
C TRP A 77 -8.27 -2.09 3.70
N ARG A 78 -8.51 -0.82 3.89
CA ARG A 78 -8.55 0.12 2.74
C ARG A 78 -7.88 1.44 3.12
N ILE A 79 -7.57 2.28 2.17
CA ILE A 79 -6.93 3.59 2.52
C ILE A 79 -8.02 4.57 2.94
N ASP A 80 -7.68 5.59 3.68
CA ASP A 80 -8.71 6.57 4.11
C ASP A 80 -9.34 7.17 2.85
N PRO A 81 -10.62 7.47 2.94
CA PRO A 81 -11.39 8.03 1.81
C PRO A 81 -11.09 9.52 1.61
N ALA A 82 -11.14 10.29 2.67
CA ALA A 82 -10.88 11.75 2.52
C ALA A 82 -9.38 12.03 2.46
N SER A 83 -8.57 11.01 2.40
CA SER A 83 -7.11 11.23 2.33
C SER A 83 -6.58 10.57 1.06
N GLU A 84 -7.39 9.78 0.40
CA GLU A 84 -6.92 9.12 -0.84
C GLU A 84 -6.50 10.16 -1.87
N ALA A 85 -7.29 11.17 -2.09
CA ALA A 85 -6.89 12.19 -3.09
C ALA A 85 -5.58 12.86 -2.68
N LYS A 86 -5.22 12.73 -1.44
CA LYS A 86 -3.94 13.35 -0.97
C LYS A 86 -2.80 12.35 -1.12
N LEU A 87 -2.91 11.20 -0.51
CA LEU A 87 -1.83 10.18 -0.62
C LEU A 87 -1.49 9.94 -2.08
N VAL A 88 -2.46 9.59 -2.85
CA VAL A 88 -2.23 9.31 -4.28
C VAL A 88 -1.38 10.40 -4.95
N GLU A 89 -1.48 11.62 -4.50
CA GLU A 89 -0.70 12.71 -5.14
C GLU A 89 0.78 12.30 -5.19
N GLN A 90 1.30 11.78 -4.11
CA GLN A 90 2.71 11.34 -4.12
C GLN A 90 2.79 9.95 -4.76
N ALA A 91 1.68 9.26 -4.81
CA ALA A 91 1.65 7.90 -5.41
C ALA A 91 2.05 7.99 -6.89
N PHE A 92 1.56 8.97 -7.59
CA PHE A 92 1.89 9.10 -9.04
C PHE A 92 3.33 9.58 -9.20
N ARG A 93 3.78 10.47 -8.36
CA ARG A 93 5.17 10.98 -8.48
C ARG A 93 5.89 10.86 -7.13
N LYS A 94 7.10 10.37 -7.13
CA LYS A 94 7.86 10.23 -5.86
C LYS A 94 9.35 10.10 -6.14
N ARG A 95 9.76 9.04 -6.79
CA ARG A 95 11.20 8.85 -7.10
C ARG A 95 11.69 10.00 -7.98
N ARG A 96 12.87 10.49 -7.72
CA ARG A 96 13.42 11.60 -8.54
C ARG A 96 14.67 11.14 -9.30
N GLN A 97 15.47 12.06 -9.77
CA GLN A 97 16.70 11.67 -10.51
C GLN A 97 17.90 11.70 -9.55
N ARG A 98 19.10 11.57 -10.07
CA ARG A 98 20.29 11.59 -9.19
C ARG A 98 21.33 12.56 -9.76
N GLY A 99 20.92 13.73 -10.13
CA GLY A 99 21.88 14.71 -10.69
C GLY A 99 21.50 16.13 -10.23
N VAL A 100 22.10 17.13 -10.81
CA VAL A 100 21.77 18.53 -10.41
C VAL A 100 21.79 19.43 -11.65
N SER A 101 20.90 20.37 -11.72
CA SER A 101 20.86 21.28 -12.90
C SER A 101 20.50 22.69 -12.44
N GLU A 1 17.03 -6.13 -1.17
CA GLU A 1 16.36 -6.88 -0.07
C GLU A 1 14.87 -6.51 -0.06
N SER A 2 14.20 -6.68 -1.17
CA SER A 2 12.75 -6.35 -1.22
C SER A 2 12.54 -4.88 -0.85
N LYS A 3 13.52 -4.04 -1.12
CA LYS A 3 13.37 -2.61 -0.79
C LYS A 3 12.53 -1.92 -1.88
N PRO A 4 11.58 -1.11 -1.46
CA PRO A 4 10.69 -0.39 -2.38
C PRO A 4 11.39 0.85 -2.94
N PRO A 5 11.02 1.19 -4.15
CA PRO A 5 11.56 2.37 -4.83
C PRO A 5 10.93 3.64 -4.28
N TYR A 6 9.71 3.52 -3.81
CA TYR A 6 9.01 4.72 -3.22
C TYR A 6 9.02 4.57 -1.71
N SER A 7 8.61 5.59 -0.99
CA SER A 7 8.59 5.48 0.49
C SER A 7 7.82 4.20 0.84
N TYR A 8 7.57 3.95 2.10
CA TYR A 8 6.82 2.71 2.43
C TYR A 8 5.33 3.04 2.49
N ALA A 9 4.92 4.02 1.75
CA ALA A 9 3.48 4.40 1.73
C ALA A 9 3.05 4.68 0.28
N GLN A 10 3.97 4.74 -0.64
CA GLN A 10 3.59 4.98 -2.07
C GLN A 10 3.28 3.63 -2.71
N LEU A 11 3.83 2.58 -2.17
CA LEU A 11 3.53 1.23 -2.73
C LEU A 11 2.12 0.91 -2.28
N ILE A 12 1.69 1.52 -1.22
CA ILE A 12 0.33 1.24 -0.75
C ILE A 12 -0.67 2.16 -1.46
N VAL A 13 -0.51 3.45 -1.34
CA VAL A 13 -1.48 4.36 -2.01
C VAL A 13 -1.63 3.98 -3.48
N GLN A 14 -0.56 3.70 -4.16
CA GLN A 14 -0.68 3.31 -5.59
C GLN A 14 -1.26 1.89 -5.64
N ALA A 15 -1.03 1.14 -4.60
CA ALA A 15 -1.53 -0.26 -4.56
C ALA A 15 -3.07 -0.30 -4.43
N ILE A 16 -3.63 0.39 -3.46
CA ILE A 16 -5.11 0.37 -3.28
C ILE A 16 -5.78 1.43 -4.17
N SER A 17 -5.21 2.61 -4.25
CA SER A 17 -5.83 3.68 -5.08
C SER A 17 -6.05 3.16 -6.51
N SER A 18 -5.09 2.49 -7.06
CA SER A 18 -5.24 1.97 -8.46
C SER A 18 -6.13 0.72 -8.44
N ALA A 19 -6.33 0.13 -7.30
CA ALA A 19 -7.18 -1.08 -7.22
C ALA A 19 -8.58 -0.76 -7.71
N GLN A 20 -9.49 -1.70 -7.63
CA GLN A 20 -10.88 -1.42 -8.10
C GLN A 20 -11.36 -0.09 -7.49
N ASP A 21 -11.83 -0.12 -6.28
CA ASP A 21 -12.31 1.13 -5.64
C ASP A 21 -11.14 1.78 -4.89
N ARG A 22 -10.72 1.18 -3.81
CA ARG A 22 -9.59 1.74 -3.03
C ARG A 22 -9.33 0.86 -1.82
N GLN A 23 -9.50 -0.42 -1.96
CA GLN A 23 -9.27 -1.34 -0.81
C GLN A 23 -8.50 -2.57 -1.26
N LEU A 24 -7.64 -3.07 -0.42
CA LEU A 24 -6.83 -4.27 -0.79
C LEU A 24 -6.75 -5.21 0.41
N THR A 25 -6.61 -6.48 0.16
CA THR A 25 -6.48 -7.42 1.30
C THR A 25 -5.03 -7.34 1.77
N LEU A 26 -4.65 -8.12 2.74
CA LEU A 26 -3.23 -8.05 3.19
C LEU A 26 -2.33 -8.46 2.02
N SER A 27 -2.76 -9.43 1.26
CA SER A 27 -1.94 -9.88 0.10
C SER A 27 -2.49 -9.25 -1.20
N GLY A 28 -3.09 -8.10 -1.10
CA GLY A 28 -3.63 -7.44 -2.33
C GLY A 28 -2.65 -6.37 -2.76
N ILE A 29 -2.23 -5.58 -1.82
CA ILE A 29 -1.25 -4.51 -2.09
C ILE A 29 -0.01 -5.08 -2.76
N TYR A 30 0.27 -6.32 -2.48
CA TYR A 30 1.47 -6.97 -3.07
C TYR A 30 1.20 -7.31 -4.53
N ALA A 31 0.31 -8.20 -4.80
CA ALA A 31 0.02 -8.57 -6.21
C ALA A 31 -0.38 -7.33 -7.02
N HIS A 32 -0.71 -6.25 -6.35
CA HIS A 32 -1.12 -5.03 -7.10
C HIS A 32 0.10 -4.28 -7.65
N ILE A 33 0.75 -3.50 -6.83
CA ILE A 33 1.94 -2.72 -7.30
C ILE A 33 3.05 -3.64 -7.82
N THR A 34 3.10 -4.84 -7.36
CA THR A 34 4.19 -5.74 -7.84
C THR A 34 4.13 -5.83 -9.37
N LYS A 35 2.97 -5.70 -9.93
CA LYS A 35 2.85 -5.77 -11.41
C LYS A 35 3.08 -4.37 -12.01
N HIS A 36 2.85 -3.33 -11.24
CA HIS A 36 3.04 -1.95 -11.77
C HIS A 36 4.30 -1.31 -11.20
N TYR A 37 5.12 -2.05 -10.50
CA TYR A 37 6.35 -1.46 -9.92
C TYR A 37 7.59 -2.04 -10.62
N PRO A 38 8.66 -1.28 -10.58
CA PRO A 38 9.93 -1.68 -11.20
C PRO A 38 10.66 -2.69 -10.31
N TYR A 39 11.02 -2.30 -9.12
CA TYR A 39 11.72 -3.25 -8.21
C TYR A 39 10.71 -4.23 -7.61
N TYR A 40 9.62 -3.74 -7.09
CA TYR A 40 8.61 -4.66 -6.50
C TYR A 40 7.91 -5.42 -7.63
N ARG A 41 8.30 -6.65 -7.85
CA ARG A 41 7.66 -7.44 -8.93
C ARG A 41 7.56 -8.91 -8.50
N THR A 42 8.66 -9.60 -8.44
CA THR A 42 8.62 -11.02 -8.02
C THR A 42 8.96 -11.13 -6.53
N ALA A 43 9.69 -10.19 -6.01
CA ALA A 43 10.04 -10.23 -4.56
C ALA A 43 8.75 -10.21 -3.73
N ASP A 44 8.84 -10.46 -2.45
CA ASP A 44 7.61 -10.45 -1.60
C ASP A 44 7.98 -10.58 -0.13
N LYS A 45 8.84 -11.51 0.20
CA LYS A 45 9.23 -11.69 1.62
C LYS A 45 10.20 -10.58 2.03
N GLY A 46 9.69 -9.43 2.36
CA GLY A 46 10.59 -8.31 2.77
C GLY A 46 9.78 -7.06 3.06
N TRP A 47 8.83 -6.73 2.22
CA TRP A 47 8.01 -5.51 2.44
C TRP A 47 6.60 -5.90 2.87
N GLN A 48 6.12 -7.03 2.46
CA GLN A 48 4.74 -7.42 2.86
C GLN A 48 4.60 -7.28 4.39
N ASN A 49 5.68 -7.42 5.13
CA ASN A 49 5.62 -7.28 6.61
C ASN A 49 5.50 -5.82 6.99
N SER A 50 6.36 -4.98 6.46
CA SER A 50 6.29 -3.54 6.79
C SER A 50 4.97 -2.98 6.27
N ILE A 51 4.34 -3.71 5.39
CA ILE A 51 3.05 -3.25 4.82
C ILE A 51 1.93 -3.45 5.85
N ARG A 52 1.67 -4.65 6.27
CA ARG A 52 0.60 -4.87 7.27
C ARG A 52 0.83 -3.89 8.42
N HIS A 53 2.06 -3.70 8.82
CA HIS A 53 2.37 -2.77 9.93
C HIS A 53 2.30 -1.32 9.45
N ASN A 54 2.53 -1.09 8.19
CA ASN A 54 2.51 0.31 7.67
C ASN A 54 1.09 0.88 7.64
N LEU A 55 0.11 0.11 7.24
CA LEU A 55 -1.27 0.66 7.18
C LEU A 55 -1.68 1.13 8.57
N SER A 56 -0.96 0.71 9.58
CA SER A 56 -1.31 1.13 10.96
C SER A 56 -0.53 2.41 11.32
N LEU A 57 0.64 2.58 10.76
CA LEU A 57 1.45 3.79 11.06
C LEU A 57 0.93 4.97 10.23
N ASN A 58 0.93 4.85 8.94
CA ASN A 58 0.45 5.97 8.07
C ASN A 58 -0.80 6.60 8.70
N ARG A 59 -0.97 7.88 8.56
CA ARG A 59 -2.16 8.55 9.16
C ARG A 59 -3.32 8.57 8.15
N TYR A 60 -3.22 7.88 7.06
CA TYR A 60 -4.35 7.88 6.08
C TYR A 60 -4.79 6.44 5.83
N PHE A 61 -3.94 5.49 6.06
CA PHE A 61 -4.33 4.06 5.82
C PHE A 61 -5.10 3.52 7.03
N ILE A 62 -6.13 2.76 6.78
CA ILE A 62 -6.95 2.21 7.91
C ILE A 62 -7.50 0.84 7.52
N LYS A 63 -8.25 0.22 8.40
CA LYS A 63 -8.84 -1.11 8.07
C LYS A 63 -10.36 -0.99 8.04
N VAL A 64 -11.01 -1.82 7.27
CA VAL A 64 -12.50 -1.74 7.20
C VAL A 64 -13.12 -2.16 8.54
N PRO A 65 -14.01 -1.35 9.04
CA PRO A 65 -14.69 -1.62 10.33
C PRO A 65 -15.81 -2.65 10.12
N ARG A 66 -16.75 -2.70 11.02
CA ARG A 66 -17.87 -3.68 10.87
C ARG A 66 -18.65 -3.37 9.59
N SER A 67 -18.23 -3.94 8.48
CA SER A 67 -18.94 -3.67 7.20
C SER A 67 -18.89 -4.93 6.33
N GLN A 68 -19.67 -5.92 6.66
CA GLN A 68 -19.66 -7.17 5.86
C GLN A 68 -20.87 -7.18 4.93
N GLU A 69 -20.88 -6.30 3.97
CA GLU A 69 -22.03 -6.26 3.01
C GLU A 69 -21.77 -7.25 1.86
N GLU A 70 -20.54 -7.39 1.46
CA GLU A 70 -20.23 -8.33 0.35
C GLU A 70 -19.94 -9.71 0.93
N PRO A 71 -20.01 -10.72 0.09
CA PRO A 71 -19.76 -12.12 0.49
C PRO A 71 -18.26 -12.38 0.63
N GLY A 72 -17.75 -12.35 1.84
CA GLY A 72 -16.30 -12.59 2.03
C GLY A 72 -16.05 -13.10 3.45
N LYS A 73 -15.23 -14.10 3.61
CA LYS A 73 -14.96 -14.64 4.97
C LYS A 73 -13.46 -14.51 5.28
N GLY A 74 -13.02 -13.35 5.67
CA GLY A 74 -11.58 -13.17 5.99
C GLY A 74 -11.33 -11.74 6.47
N SER A 75 -10.33 -11.08 5.95
CA SER A 75 -10.05 -9.68 6.38
C SER A 75 -9.86 -8.80 5.14
N PHE A 76 -10.05 -7.52 5.28
CA PHE A 76 -9.89 -6.60 4.13
C PHE A 76 -9.52 -5.20 4.63
N TRP A 77 -8.32 -4.75 4.34
CA TRP A 77 -7.91 -3.41 4.81
C TRP A 77 -7.93 -2.44 3.62
N ARG A 78 -7.89 -1.15 3.85
CA ARG A 78 -7.94 -0.18 2.70
C ARG A 78 -7.39 1.18 3.11
N ILE A 79 -7.45 2.15 2.22
CA ILE A 79 -6.93 3.52 2.55
C ILE A 79 -8.12 4.46 2.78
N ASP A 80 -7.89 5.57 3.42
CA ASP A 80 -9.00 6.52 3.69
C ASP A 80 -9.61 6.99 2.36
N PRO A 81 -10.90 7.16 2.36
CA PRO A 81 -11.65 7.60 1.16
C PRO A 81 -11.54 9.12 0.97
N ALA A 82 -11.53 9.87 2.03
CA ALA A 82 -11.45 11.35 1.89
C ALA A 82 -10.00 11.82 1.88
N SER A 83 -9.08 11.01 2.33
CA SER A 83 -7.65 11.42 2.31
C SER A 83 -7.01 10.88 1.05
N GLU A 84 -7.76 10.18 0.23
CA GLU A 84 -7.18 9.62 -1.01
C GLU A 84 -6.59 10.72 -1.86
N ALA A 85 -7.34 11.72 -2.18
CA ALA A 85 -6.79 12.83 -3.02
C ALA A 85 -5.46 13.30 -2.43
N LYS A 86 -5.23 13.05 -1.17
CA LYS A 86 -3.94 13.50 -0.55
C LYS A 86 -2.87 12.42 -0.75
N LEU A 87 -3.09 11.24 -0.25
CA LEU A 87 -2.08 10.16 -0.41
C LEU A 87 -1.69 10.03 -1.87
N VAL A 88 -2.64 9.74 -2.70
CA VAL A 88 -2.36 9.57 -4.15
C VAL A 88 -1.39 10.66 -4.65
N GLU A 89 -1.42 11.80 -4.03
CA GLU A 89 -0.52 12.91 -4.49
C GLU A 89 0.92 12.40 -4.55
N GLN A 90 1.39 11.79 -3.51
CA GLN A 90 2.78 11.26 -3.52
C GLN A 90 2.78 9.88 -4.17
N ALA A 91 1.62 9.35 -4.46
CA ALA A 91 1.54 8.00 -5.10
C ALA A 91 2.35 8.01 -6.40
N PHE A 92 1.94 8.78 -7.37
CA PHE A 92 2.68 8.82 -8.66
C PHE A 92 3.79 9.87 -8.59
N ARG A 93 4.17 10.27 -7.40
CA ARG A 93 5.25 11.29 -7.27
C ARG A 93 6.41 10.71 -6.47
N LYS A 94 7.56 10.55 -7.08
CA LYS A 94 8.73 9.99 -6.36
C LYS A 94 9.39 11.11 -5.53
N ARG A 95 10.45 10.79 -4.84
CA ARG A 95 11.13 11.83 -4.01
C ARG A 95 12.18 12.53 -4.87
N ARG A 96 11.96 13.77 -5.22
CA ARG A 96 12.94 14.51 -6.05
C ARG A 96 13.71 15.51 -5.19
N GLN A 97 13.15 15.89 -4.07
CA GLN A 97 13.83 16.87 -3.19
C GLN A 97 15.06 16.21 -2.55
N ARG A 98 16.21 16.83 -2.69
CA ARG A 98 17.44 16.25 -2.09
C ARG A 98 17.40 16.42 -0.57
N GLY A 99 17.36 15.33 0.15
CA GLY A 99 17.31 15.41 1.64
C GLY A 99 18.61 16.06 2.16
N VAL A 100 18.50 16.91 3.15
CA VAL A 100 19.72 17.57 3.69
C VAL A 100 19.54 17.77 5.21
N SER A 101 20.63 17.92 5.92
CA SER A 101 20.53 18.10 7.40
C SER A 101 20.21 19.57 7.70
N GLU A 1 18.07 -4.65 -8.38
CA GLU A 1 18.50 -3.28 -8.77
C GLU A 1 18.07 -2.28 -7.69
N SER A 2 16.80 -2.06 -7.54
CA SER A 2 16.32 -1.11 -6.50
C SER A 2 15.29 -1.80 -5.61
N LYS A 3 15.55 -1.87 -4.32
CA LYS A 3 14.57 -2.55 -3.42
C LYS A 3 13.43 -1.60 -3.04
N PRO A 4 13.79 -0.40 -2.64
CA PRO A 4 12.82 0.66 -2.24
C PRO A 4 12.40 1.60 -3.40
N PRO A 5 11.63 1.15 -4.37
CA PRO A 5 11.16 2.02 -5.46
C PRO A 5 10.08 2.97 -4.92
N TYR A 6 9.04 2.39 -4.35
CA TYR A 6 7.94 3.23 -3.79
C TYR A 6 8.06 3.24 -2.27
N SER A 7 8.01 4.39 -1.66
CA SER A 7 8.11 4.41 -0.18
C SER A 7 7.13 3.38 0.38
N TYR A 8 7.28 2.99 1.61
CA TYR A 8 6.34 1.97 2.17
C TYR A 8 5.13 2.68 2.75
N ALA A 9 4.56 3.57 1.97
CA ALA A 9 3.36 4.33 2.40
C ALA A 9 2.64 4.78 1.13
N GLN A 10 3.39 5.21 0.14
CA GLN A 10 2.78 5.61 -1.15
C GLN A 10 2.68 4.34 -1.98
N LEU A 11 3.57 3.42 -1.75
CA LEU A 11 3.55 2.13 -2.47
C LEU A 11 2.18 1.51 -2.24
N ILE A 12 1.62 1.79 -1.10
CA ILE A 12 0.26 1.26 -0.75
C ILE A 12 -0.78 2.08 -1.49
N VAL A 13 -0.70 3.37 -1.38
CA VAL A 13 -1.69 4.25 -2.05
C VAL A 13 -1.87 3.85 -3.52
N GLN A 14 -0.83 3.89 -4.29
CA GLN A 14 -0.98 3.50 -5.72
C GLN A 14 -1.54 2.09 -5.78
N ALA A 15 -1.34 1.32 -4.75
CA ALA A 15 -1.87 -0.07 -4.71
C ALA A 15 -3.39 -0.07 -4.58
N ILE A 16 -3.90 0.55 -3.56
CA ILE A 16 -5.38 0.57 -3.33
C ILE A 16 -6.01 1.74 -4.08
N SER A 17 -5.53 2.93 -3.85
CA SER A 17 -6.11 4.13 -4.52
C SER A 17 -6.04 3.98 -6.05
N SER A 18 -4.92 3.52 -6.57
CA SER A 18 -4.79 3.37 -8.05
C SER A 18 -5.53 2.12 -8.52
N ALA A 19 -6.10 1.36 -7.63
CA ALA A 19 -6.83 0.13 -8.06
C ALA A 19 -8.33 0.41 -8.06
N GLN A 20 -9.07 -0.25 -8.90
CA GLN A 20 -10.54 -0.02 -8.92
C GLN A 20 -11.05 0.07 -7.49
N ASP A 21 -10.74 -0.90 -6.69
CA ASP A 21 -11.18 -0.88 -5.27
C ASP A 21 -10.09 -0.19 -4.42
N ARG A 22 -10.46 0.84 -3.69
CA ARG A 22 -9.45 1.55 -2.84
C ARG A 22 -9.09 0.67 -1.64
N GLN A 23 -9.64 -0.51 -1.54
CA GLN A 23 -9.31 -1.40 -0.40
C GLN A 23 -8.53 -2.62 -0.93
N LEU A 24 -7.58 -3.09 -0.17
CA LEU A 24 -6.79 -4.26 -0.62
C LEU A 24 -6.58 -5.20 0.56
N THR A 25 -6.39 -6.46 0.29
CA THR A 25 -6.15 -7.42 1.41
C THR A 25 -4.69 -7.25 1.82
N LEU A 26 -4.27 -7.86 2.89
CA LEU A 26 -2.85 -7.67 3.30
C LEU A 26 -1.94 -8.15 2.16
N SER A 27 -2.29 -9.24 1.51
CA SER A 27 -1.45 -9.75 0.40
C SER A 27 -2.03 -9.32 -0.95
N GLY A 28 -2.69 -8.19 -0.99
CA GLY A 28 -3.26 -7.71 -2.28
C GLY A 28 -2.36 -6.61 -2.84
N ILE A 29 -1.98 -5.73 -1.99
CA ILE A 29 -1.12 -4.60 -2.38
C ILE A 29 0.17 -5.11 -3.04
N TYR A 30 0.66 -6.21 -2.56
CA TYR A 30 1.91 -6.78 -3.14
C TYR A 30 1.66 -7.22 -4.57
N ALA A 31 0.61 -7.94 -4.81
CA ALA A 31 0.31 -8.37 -6.20
C ALA A 31 -0.09 -7.14 -7.04
N HIS A 32 -0.39 -6.05 -6.40
CA HIS A 32 -0.79 -4.83 -7.16
C HIS A 32 0.46 -4.15 -7.74
N ILE A 33 1.34 -3.68 -6.89
CA ILE A 33 2.59 -3.00 -7.38
C ILE A 33 3.40 -3.95 -8.24
N THR A 34 3.37 -5.22 -7.92
CA THR A 34 4.17 -6.21 -8.70
C THR A 34 3.78 -6.14 -10.18
N LYS A 35 2.59 -5.70 -10.48
CA LYS A 35 2.17 -5.62 -11.90
C LYS A 35 3.16 -4.74 -12.68
N HIS A 36 3.53 -3.62 -12.10
CA HIS A 36 4.48 -2.72 -12.80
C HIS A 36 5.88 -2.87 -12.18
N TYR A 37 5.99 -3.67 -11.15
CA TYR A 37 7.32 -3.86 -10.51
C TYR A 37 7.57 -5.36 -10.34
N PRO A 38 8.22 -5.94 -11.32
CA PRO A 38 8.54 -7.38 -11.33
C PRO A 38 9.67 -7.67 -10.36
N TYR A 39 10.48 -6.70 -10.06
CA TYR A 39 11.60 -6.94 -9.11
C TYR A 39 11.01 -7.19 -7.72
N TYR A 40 9.79 -6.76 -7.51
CA TYR A 40 9.14 -6.98 -6.18
C TYR A 40 8.39 -8.31 -6.18
N ARG A 41 9.05 -9.37 -6.53
CA ARG A 41 8.38 -10.70 -6.55
C ARG A 41 9.36 -11.78 -6.05
N THR A 42 10.61 -11.65 -6.39
CA THR A 42 11.61 -12.66 -5.94
C THR A 42 12.77 -11.95 -5.25
N ALA A 43 12.48 -11.05 -4.35
CA ALA A 43 13.58 -10.33 -3.65
C ALA A 43 13.61 -10.76 -2.18
N ASP A 44 12.86 -10.10 -1.34
CA ASP A 44 12.85 -10.48 0.09
C ASP A 44 11.50 -10.10 0.71
N LYS A 45 11.18 -10.66 1.84
CA LYS A 45 9.87 -10.35 2.48
C LYS A 45 10.04 -9.14 3.41
N GLY A 46 10.80 -8.17 3.01
CA GLY A 46 11.00 -6.97 3.86
C GLY A 46 9.74 -6.10 3.80
N TRP A 47 9.46 -5.52 2.67
CA TRP A 47 8.24 -4.66 2.55
C TRP A 47 6.98 -5.49 2.77
N GLN A 48 7.10 -6.78 2.89
CA GLN A 48 5.90 -7.62 3.12
C GLN A 48 5.30 -7.25 4.49
N ASN A 49 6.04 -7.47 5.54
CA ASN A 49 5.53 -7.11 6.90
C ASN A 49 5.51 -5.60 7.05
N SER A 50 6.44 -4.92 6.44
CA SER A 50 6.47 -3.44 6.54
C SER A 50 5.13 -2.87 6.08
N ILE A 51 4.62 -3.36 4.99
CA ILE A 51 3.31 -2.86 4.46
C ILE A 51 2.22 -3.15 5.50
N ARG A 52 2.14 -4.36 5.96
CA ARG A 52 1.10 -4.72 6.97
C ARG A 52 1.12 -3.69 8.10
N HIS A 53 2.28 -3.37 8.60
CA HIS A 53 2.40 -2.38 9.71
C HIS A 53 2.19 -0.96 9.18
N ASN A 54 2.41 -0.76 7.91
CA ASN A 54 2.26 0.60 7.31
C ASN A 54 0.78 0.97 7.22
N LEU A 55 -0.08 0.03 6.94
CA LEU A 55 -1.53 0.35 6.82
C LEU A 55 -2.12 0.57 8.22
N SER A 56 -1.35 0.31 9.25
CA SER A 56 -1.87 0.49 10.63
C SER A 56 -1.55 1.91 11.12
N LEU A 57 -0.31 2.29 11.09
CA LEU A 57 0.07 3.65 11.57
C LEU A 57 -0.31 4.69 10.52
N ASN A 58 -0.23 4.36 9.27
CA ASN A 58 -0.58 5.35 8.20
C ASN A 58 -1.82 6.14 8.62
N ARG A 59 -1.66 7.38 8.96
CA ARG A 59 -2.82 8.21 9.40
C ARG A 59 -3.92 8.24 8.34
N TYR A 60 -3.62 7.89 7.12
CA TYR A 60 -4.70 7.91 6.07
C TYR A 60 -5.18 6.49 5.83
N PHE A 61 -4.34 5.52 6.05
CA PHE A 61 -4.76 4.11 5.85
C PHE A 61 -5.52 3.63 7.08
N ILE A 62 -6.49 2.78 6.90
CA ILE A 62 -7.27 2.27 8.06
C ILE A 62 -7.60 0.80 7.84
N LYS A 63 -8.09 0.13 8.85
CA LYS A 63 -8.41 -1.32 8.69
C LYS A 63 -9.89 -1.54 9.02
N VAL A 64 -10.55 -2.40 8.28
CA VAL A 64 -11.99 -2.66 8.55
C VAL A 64 -12.12 -3.44 9.87
N PRO A 65 -13.30 -3.42 10.44
CA PRO A 65 -13.58 -4.11 11.71
C PRO A 65 -13.73 -5.63 11.47
N ARG A 66 -13.69 -6.40 12.52
CA ARG A 66 -13.82 -7.88 12.36
C ARG A 66 -14.74 -8.44 13.45
N SER A 67 -14.65 -9.72 13.71
CA SER A 67 -15.51 -10.34 14.75
C SER A 67 -14.82 -11.61 15.29
N GLN A 68 -15.57 -12.48 15.92
CA GLN A 68 -14.97 -13.72 16.47
C GLN A 68 -14.88 -14.78 15.37
N GLU A 69 -14.00 -14.61 14.43
CA GLU A 69 -13.86 -15.61 13.33
C GLU A 69 -12.38 -15.98 13.16
N GLU A 70 -12.06 -16.65 12.09
CA GLU A 70 -10.63 -17.03 11.85
C GLU A 70 -10.50 -17.82 10.55
N PRO A 71 -11.23 -18.91 10.46
CA PRO A 71 -11.21 -19.78 9.26
C PRO A 71 -12.05 -19.18 8.13
N GLY A 72 -12.50 -17.97 8.29
CA GLY A 72 -13.32 -17.34 7.22
C GLY A 72 -12.51 -17.26 5.93
N LYS A 73 -11.94 -16.12 5.64
CA LYS A 73 -11.13 -15.99 4.40
C LYS A 73 -9.84 -15.24 4.72
N GLY A 74 -9.91 -13.95 4.86
CA GLY A 74 -8.68 -13.16 5.18
C GLY A 74 -9.08 -11.79 5.73
N SER A 75 -8.12 -10.92 5.91
CA SER A 75 -8.45 -9.56 6.45
C SER A 75 -8.65 -8.59 5.27
N PHE A 76 -9.10 -7.40 5.55
CA PHE A 76 -9.32 -6.42 4.45
C PHE A 76 -9.23 -5.00 5.00
N TRP A 77 -8.58 -4.13 4.29
CA TRP A 77 -8.45 -2.72 4.77
C TRP A 77 -8.48 -1.76 3.58
N ARG A 78 -8.56 -0.48 3.82
CA ARG A 78 -8.61 0.50 2.69
C ARG A 78 -8.01 1.84 3.13
N ILE A 79 -7.66 2.69 2.21
CA ILE A 79 -7.08 4.00 2.61
C ILE A 79 -8.21 4.95 2.99
N ASP A 80 -7.89 6.14 3.41
CA ASP A 80 -8.96 7.09 3.80
C ASP A 80 -9.67 7.58 2.54
N PRO A 81 -10.91 7.97 2.71
CA PRO A 81 -11.75 8.45 1.59
C PRO A 81 -11.46 9.90 1.23
N ALA A 82 -11.46 10.79 2.18
CA ALA A 82 -11.22 12.23 1.86
C ALA A 82 -9.72 12.54 1.82
N SER A 83 -8.89 11.58 2.10
CA SER A 83 -7.43 11.85 2.05
C SER A 83 -6.84 11.10 0.87
N GLU A 84 -7.65 10.36 0.16
CA GLU A 84 -7.10 9.60 -1.00
C GLU A 84 -6.48 10.57 -2.00
N ALA A 85 -7.04 11.75 -2.14
CA ALA A 85 -6.47 12.73 -3.11
C ALA A 85 -5.10 13.21 -2.60
N LYS A 86 -4.87 13.12 -1.33
CA LYS A 86 -3.57 13.57 -0.77
C LYS A 86 -2.55 12.42 -0.85
N LEU A 87 -2.88 11.28 -0.30
CA LEU A 87 -1.93 10.14 -0.34
C LEU A 87 -1.51 9.85 -1.77
N VAL A 88 -2.46 9.70 -2.63
CA VAL A 88 -2.16 9.40 -4.04
C VAL A 88 -1.11 10.37 -4.60
N GLU A 89 -1.05 11.55 -4.07
CA GLU A 89 -0.06 12.53 -4.59
C GLU A 89 1.32 11.91 -4.56
N GLN A 90 1.66 11.24 -3.49
CA GLN A 90 2.99 10.58 -3.42
C GLN A 90 2.94 9.25 -4.19
N ALA A 91 1.75 8.77 -4.46
CA ALA A 91 1.62 7.48 -5.19
C ALA A 91 2.15 7.63 -6.62
N PHE A 92 1.94 8.76 -7.23
CA PHE A 92 2.41 8.95 -8.64
C PHE A 92 3.83 9.51 -8.66
N ARG A 93 4.09 10.55 -7.91
CA ARG A 93 5.45 11.16 -7.92
C ARG A 93 6.44 10.25 -7.17
N LYS A 94 7.34 9.64 -7.87
CA LYS A 94 8.35 8.77 -7.21
C LYS A 94 9.74 9.03 -7.81
N ARG A 95 10.42 8.01 -8.29
CA ARG A 95 11.76 8.24 -8.89
C ARG A 95 11.65 8.21 -10.41
N ARG A 96 12.24 9.15 -11.09
CA ARG A 96 12.15 9.15 -12.58
C ARG A 96 13.20 10.11 -13.15
N GLN A 97 14.12 9.61 -13.92
CA GLN A 97 15.18 10.49 -14.50
C GLN A 97 15.70 9.87 -15.80
N ARG A 98 16.14 8.65 -15.76
CA ARG A 98 16.66 7.99 -16.99
C ARG A 98 15.87 6.71 -17.27
N GLY A 99 14.73 6.84 -17.90
CA GLY A 99 13.92 5.63 -18.20
C GLY A 99 12.67 6.04 -19.00
N VAL A 100 12.26 5.24 -19.94
CA VAL A 100 11.05 5.59 -20.74
C VAL A 100 10.53 4.33 -21.45
N SER A 101 9.87 3.47 -20.73
CA SER A 101 9.34 2.23 -21.37
C SER A 101 8.44 1.49 -20.38
N GLU A 1 20.41 -4.26 -1.81
CA GLU A 1 19.38 -3.25 -1.44
C GLU A 1 19.15 -2.29 -2.61
N SER A 2 18.68 -2.79 -3.71
CA SER A 2 18.44 -1.90 -4.88
C SER A 2 16.94 -1.81 -5.16
N LYS A 3 16.20 -1.20 -4.27
CA LYS A 3 14.74 -1.08 -4.48
C LYS A 3 14.40 0.32 -5.01
N PRO A 4 13.85 0.36 -6.21
CA PRO A 4 13.45 1.62 -6.86
C PRO A 4 12.00 2.12 -6.55
N PRO A 5 11.28 1.56 -5.57
CA PRO A 5 9.91 2.02 -5.29
C PRO A 5 9.91 3.31 -4.48
N TYR A 6 8.76 3.78 -4.10
CA TYR A 6 8.69 5.05 -3.31
C TYR A 6 8.80 4.72 -1.82
N SER A 7 8.76 5.72 -0.99
CA SER A 7 8.86 5.46 0.48
C SER A 7 7.88 4.36 0.85
N TYR A 8 7.99 3.80 2.02
CA TYR A 8 7.05 2.72 2.41
C TYR A 8 5.70 3.34 2.76
N ALA A 9 4.90 3.59 1.76
CA ALA A 9 3.57 4.20 1.99
C ALA A 9 2.87 4.39 0.64
N GLN A 10 3.63 4.59 -0.40
CA GLN A 10 3.04 4.77 -1.75
C GLN A 10 2.74 3.40 -2.34
N LEU A 11 3.55 2.42 -2.05
CA LEU A 11 3.26 1.06 -2.60
C LEU A 11 1.88 0.71 -2.11
N ILE A 12 1.45 1.34 -1.05
CA ILE A 12 0.10 1.04 -0.53
C ILE A 12 -0.90 1.97 -1.18
N VAL A 13 -0.74 3.25 -1.01
CA VAL A 13 -1.69 4.21 -1.61
C VAL A 13 -1.91 3.87 -3.09
N GLN A 14 -0.90 4.00 -3.90
CA GLN A 14 -1.08 3.67 -5.34
C GLN A 14 -1.58 2.23 -5.47
N ALA A 15 -1.31 1.42 -4.48
CA ALA A 15 -1.76 -0.01 -4.53
C ALA A 15 -3.28 -0.10 -4.37
N ILE A 16 -3.82 0.55 -3.38
CA ILE A 16 -5.30 0.49 -3.13
C ILE A 16 -6.03 1.56 -3.95
N SER A 17 -5.67 2.80 -3.77
CA SER A 17 -6.36 3.89 -4.51
C SER A 17 -6.33 3.61 -6.02
N SER A 18 -5.26 3.05 -6.52
CA SER A 18 -5.18 2.77 -7.98
C SER A 18 -5.76 1.38 -8.27
N ALA A 19 -5.92 0.56 -7.26
CA ALA A 19 -6.47 -0.80 -7.49
C ALA A 19 -7.92 -0.69 -7.95
N GLN A 20 -8.66 -1.76 -7.89
CA GLN A 20 -10.08 -1.72 -8.33
C GLN A 20 -10.74 -0.42 -7.81
N ASP A 21 -11.35 -0.48 -6.66
CA ASP A 21 -12.01 0.73 -6.10
C ASP A 21 -11.00 1.50 -5.24
N ARG A 22 -10.68 0.97 -4.09
CA ARG A 22 -9.70 1.66 -3.20
C ARG A 22 -9.51 0.82 -1.93
N GLN A 23 -9.61 -0.47 -2.04
CA GLN A 23 -9.45 -1.35 -0.84
C GLN A 23 -8.59 -2.55 -1.20
N LEU A 24 -7.55 -2.81 -0.46
CA LEU A 24 -6.68 -3.97 -0.76
C LEU A 24 -6.57 -4.86 0.47
N THR A 25 -6.59 -6.15 0.28
CA THR A 25 -6.43 -7.06 1.45
C THR A 25 -4.95 -7.10 1.80
N LEU A 26 -4.54 -7.93 2.71
CA LEU A 26 -3.09 -7.97 3.03
C LEU A 26 -2.32 -8.45 1.80
N SER A 27 -2.93 -9.29 1.00
CA SER A 27 -2.25 -9.80 -0.21
C SER A 27 -2.72 -9.01 -1.45
N GLY A 28 -3.25 -7.82 -1.25
CA GLY A 28 -3.68 -6.99 -2.41
C GLY A 28 -2.58 -5.99 -2.63
N ILE A 29 -2.14 -5.41 -1.56
CA ILE A 29 -1.04 -4.44 -1.60
C ILE A 29 0.18 -5.13 -2.20
N TYR A 30 0.21 -6.42 -2.07
CA TYR A 30 1.36 -7.20 -2.63
C TYR A 30 1.08 -7.54 -4.10
N ALA A 31 0.02 -8.23 -4.37
CA ALA A 31 -0.29 -8.59 -5.78
C ALA A 31 -0.37 -7.31 -6.61
N HIS A 32 -0.50 -6.17 -5.97
CA HIS A 32 -0.60 -4.90 -6.73
C HIS A 32 0.79 -4.47 -7.21
N ILE A 33 1.67 -4.12 -6.31
CA ILE A 33 3.04 -3.69 -6.71
C ILE A 33 3.74 -4.80 -7.51
N THR A 34 3.49 -6.03 -7.16
CA THR A 34 4.15 -7.15 -7.89
C THR A 34 3.79 -7.10 -9.38
N LYS A 35 2.65 -6.55 -9.71
CA LYS A 35 2.24 -6.48 -11.14
C LYS A 35 2.94 -5.30 -11.83
N HIS A 36 2.72 -4.11 -11.34
CA HIS A 36 3.35 -2.91 -11.98
C HIS A 36 4.83 -2.84 -11.59
N TYR A 37 5.12 -2.89 -10.31
CA TYR A 37 6.55 -2.82 -9.88
C TYR A 37 7.22 -4.19 -10.07
N PRO A 38 8.24 -4.21 -10.90
CA PRO A 38 8.99 -5.44 -11.19
C PRO A 38 9.98 -5.76 -10.07
N TYR A 39 10.78 -4.80 -9.69
CA TYR A 39 11.77 -5.05 -8.60
C TYR A 39 11.04 -5.47 -7.32
N TYR A 40 9.85 -4.97 -7.12
CA TYR A 40 9.11 -5.35 -5.89
C TYR A 40 8.27 -6.60 -6.15
N ARG A 41 8.75 -7.47 -7.00
CA ARG A 41 7.98 -8.72 -7.29
C ARG A 41 8.88 -9.94 -7.04
N THR A 42 10.16 -9.80 -7.22
CA THR A 42 11.07 -10.97 -7.00
C THR A 42 11.39 -11.08 -5.51
N ALA A 43 11.69 -9.99 -4.87
CA ALA A 43 12.01 -10.05 -3.41
C ALA A 43 10.72 -10.26 -2.61
N ASP A 44 10.84 -10.72 -1.40
CA ASP A 44 9.62 -10.94 -0.57
C ASP A 44 9.95 -10.68 0.90
N LYS A 45 11.05 -11.17 1.37
CA LYS A 45 11.41 -10.96 2.80
C LYS A 45 12.03 -9.57 2.98
N GLY A 46 11.22 -8.55 3.01
CA GLY A 46 11.76 -7.17 3.18
C GLY A 46 10.61 -6.16 3.16
N TRP A 47 9.74 -6.27 2.19
CA TRP A 47 8.59 -5.33 2.10
C TRP A 47 7.30 -6.06 2.49
N GLN A 48 7.37 -7.36 2.64
CA GLN A 48 6.15 -8.11 3.01
C GLN A 48 5.61 -7.59 4.34
N ASN A 49 6.29 -7.86 5.43
CA ASN A 49 5.82 -7.37 6.75
C ASN A 49 5.99 -5.85 6.80
N SER A 50 6.76 -5.30 5.91
CA SER A 50 6.95 -3.83 5.90
C SER A 50 5.63 -3.15 5.56
N ILE A 51 4.89 -3.72 4.62
CA ILE A 51 3.59 -3.12 4.24
C ILE A 51 2.62 -3.22 5.42
N ARG A 52 2.42 -4.41 5.94
CA ARG A 52 1.48 -4.56 7.07
C ARG A 52 1.80 -3.52 8.14
N HIS A 53 3.04 -3.41 8.52
CA HIS A 53 3.43 -2.42 9.55
C HIS A 53 3.21 -1.00 8.99
N ASN A 54 3.34 -0.85 7.70
CA ASN A 54 3.14 0.49 7.07
C ASN A 54 1.67 0.87 7.11
N LEU A 55 0.78 -0.09 7.08
CA LEU A 55 -0.66 0.24 7.11
C LEU A 55 -1.06 0.69 8.51
N SER A 56 -0.19 0.51 9.47
CA SER A 56 -0.50 0.95 10.85
C SER A 56 -0.02 2.39 11.04
N LEU A 57 1.03 2.75 10.36
CA LEU A 57 1.55 4.15 10.48
C LEU A 57 0.70 5.09 9.62
N ASN A 58 0.56 4.79 8.36
CA ASN A 58 -0.25 5.65 7.47
C ASN A 58 -1.54 6.05 8.19
N ARG A 59 -1.69 7.31 8.49
CA ARG A 59 -2.92 7.75 9.20
C ARG A 59 -4.08 7.88 8.22
N TYR A 60 -3.88 7.50 6.99
CA TYR A 60 -4.99 7.59 6.01
C TYR A 60 -5.57 6.20 5.76
N PHE A 61 -4.79 5.17 5.95
CA PHE A 61 -5.31 3.80 5.73
C PHE A 61 -6.17 3.40 6.94
N ILE A 62 -7.12 2.54 6.74
CA ILE A 62 -8.01 2.14 7.87
C ILE A 62 -8.40 0.67 7.74
N LYS A 63 -9.17 0.17 8.68
CA LYS A 63 -9.61 -1.25 8.62
C LYS A 63 -11.12 -1.28 8.35
N VAL A 64 -11.54 -1.97 7.33
CA VAL A 64 -12.99 -2.02 7.02
C VAL A 64 -13.56 -3.41 7.33
N PRO A 65 -14.32 -3.50 8.40
CA PRO A 65 -14.94 -4.77 8.81
C PRO A 65 -16.17 -5.06 7.94
N ARG A 66 -16.89 -6.10 8.22
CA ARG A 66 -18.09 -6.42 7.41
C ARG A 66 -19.25 -6.84 8.32
N SER A 67 -19.16 -8.00 8.89
CA SER A 67 -20.25 -8.47 9.79
C SER A 67 -19.67 -8.91 11.13
N GLN A 68 -20.46 -9.53 11.97
CA GLN A 68 -19.95 -9.97 13.29
C GLN A 68 -19.18 -11.28 13.12
N GLU A 69 -19.52 -12.06 12.13
CA GLU A 69 -18.80 -13.35 11.92
C GLU A 69 -18.04 -13.29 10.58
N GLU A 70 -16.81 -13.73 10.55
CA GLU A 70 -16.03 -13.69 9.29
C GLU A 70 -16.20 -15.02 8.54
N PRO A 71 -16.35 -14.95 7.25
CA PRO A 71 -16.51 -16.13 6.39
C PRO A 71 -15.16 -16.80 6.15
N GLY A 72 -14.09 -16.19 6.57
CA GLY A 72 -12.75 -16.78 6.38
C GLY A 72 -11.81 -16.31 7.50
N LYS A 73 -10.56 -16.07 7.20
CA LYS A 73 -9.62 -15.61 8.24
C LYS A 73 -8.67 -14.57 7.65
N GLY A 74 -9.18 -13.69 6.83
CA GLY A 74 -8.31 -12.65 6.21
C GLY A 74 -8.87 -11.26 6.52
N SER A 75 -8.10 -10.23 6.32
CA SER A 75 -8.59 -8.85 6.61
C SER A 75 -8.63 -8.05 5.31
N PHE A 76 -9.25 -6.91 5.32
CA PHE A 76 -9.32 -6.07 4.09
C PHE A 76 -8.98 -4.62 4.43
N TRP A 77 -7.86 -4.16 3.96
CA TRP A 77 -7.46 -2.75 4.24
C TRP A 77 -8.21 -1.82 3.29
N ARG A 78 -8.26 -0.55 3.60
CA ARG A 78 -8.95 0.42 2.73
C ARG A 78 -8.46 1.82 3.05
N ILE A 79 -8.03 2.55 2.06
CA ILE A 79 -7.55 3.94 2.34
C ILE A 79 -8.76 4.87 2.48
N ASP A 80 -8.64 5.90 3.26
CA ASP A 80 -9.79 6.82 3.46
C ASP A 80 -10.24 7.41 2.13
N PRO A 81 -11.47 7.86 2.10
CA PRO A 81 -12.08 8.44 0.90
C PRO A 81 -11.64 9.91 0.73
N ALA A 82 -11.69 10.68 1.78
CA ALA A 82 -11.27 12.10 1.67
C ALA A 82 -9.77 12.22 1.96
N SER A 83 -9.12 11.12 2.20
CA SER A 83 -7.65 11.19 2.45
C SER A 83 -6.93 10.81 1.16
N GLU A 84 -7.67 10.42 0.16
CA GLU A 84 -7.04 10.02 -1.13
C GLU A 84 -6.22 11.19 -1.70
N ALA A 85 -6.87 12.23 -2.15
CA ALA A 85 -6.11 13.36 -2.74
C ALA A 85 -4.84 13.66 -1.92
N LYS A 86 -4.83 13.32 -0.66
CA LYS A 86 -3.63 13.59 0.18
C LYS A 86 -2.61 12.45 0.00
N LEU A 87 -3.07 11.23 0.01
CA LEU A 87 -2.14 10.07 -0.13
C LEU A 87 -1.70 9.93 -1.59
N VAL A 88 -2.63 9.78 -2.46
CA VAL A 88 -2.31 9.60 -3.90
C VAL A 88 -1.42 10.73 -4.41
N GLU A 89 -1.53 11.92 -3.88
CA GLU A 89 -0.70 13.04 -4.40
C GLU A 89 0.77 12.64 -4.36
N GLN A 90 1.15 11.83 -3.41
CA GLN A 90 2.57 11.38 -3.34
C GLN A 90 2.70 10.08 -4.14
N ALA A 91 1.59 9.42 -4.36
CA ALA A 91 1.61 8.14 -5.13
C ALA A 91 2.25 8.39 -6.50
N PHE A 92 1.88 9.46 -7.16
CA PHE A 92 2.46 9.75 -8.50
C PHE A 92 3.82 10.43 -8.34
N ARG A 93 4.82 9.70 -7.96
CA ARG A 93 6.18 10.31 -7.78
C ARG A 93 7.18 9.23 -7.42
N LYS A 94 8.20 9.05 -8.22
CA LYS A 94 9.22 8.01 -7.92
C LYS A 94 10.24 8.57 -6.92
N ARG A 95 10.46 7.89 -5.82
CA ARG A 95 11.44 8.38 -4.82
C ARG A 95 12.80 7.74 -5.08
N ARG A 96 13.81 8.52 -5.34
CA ARG A 96 15.16 7.95 -5.60
C ARG A 96 15.83 7.59 -4.26
N GLN A 97 17.04 7.10 -4.30
CA GLN A 97 17.73 6.74 -3.04
C GLN A 97 18.40 7.97 -2.45
N ARG A 98 18.02 8.34 -1.25
CA ARG A 98 18.63 9.54 -0.62
C ARG A 98 19.17 9.16 0.77
N GLY A 99 19.92 8.10 0.85
CA GLY A 99 20.48 7.68 2.17
C GLY A 99 21.97 7.36 2.02
N VAL A 100 22.62 7.00 3.09
CA VAL A 100 24.07 6.68 3.00
C VAL A 100 24.32 5.28 3.55
N SER A 101 23.65 4.29 3.01
CA SER A 101 23.85 2.91 3.50
C SER A 101 24.50 2.06 2.40
N GLU A 1 20.07 2.95 -2.15
CA GLU A 1 18.68 3.48 -2.28
C GLU A 1 18.12 3.11 -3.65
N SER A 2 17.41 2.01 -3.74
CA SER A 2 16.84 1.61 -5.06
C SER A 2 15.32 1.79 -5.05
N LYS A 3 14.80 2.44 -4.03
CA LYS A 3 13.33 2.65 -3.97
C LYS A 3 13.03 4.12 -3.63
N PRO A 4 13.55 5.01 -4.42
CA PRO A 4 13.37 6.47 -4.23
C PRO A 4 11.94 6.97 -4.57
N PRO A 5 11.25 6.37 -5.53
CA PRO A 5 9.90 6.82 -5.91
C PRO A 5 8.85 6.41 -4.87
N TYR A 6 8.82 5.16 -4.51
CA TYR A 6 7.79 4.71 -3.54
C TYR A 6 8.41 4.50 -2.15
N SER A 7 7.59 4.45 -1.16
CA SER A 7 8.09 4.26 0.23
C SER A 7 7.20 3.25 0.95
N TYR A 8 7.24 3.21 2.24
CA TYR A 8 6.39 2.24 2.97
C TYR A 8 5.14 2.95 3.51
N ALA A 9 4.41 3.58 2.63
CA ALA A 9 3.17 4.30 3.04
C ALA A 9 2.56 4.93 1.79
N GLN A 10 3.40 5.44 0.93
CA GLN A 10 2.89 6.04 -0.34
C GLN A 10 2.86 4.91 -1.37
N LEU A 11 3.71 3.95 -1.16
CA LEU A 11 3.73 2.78 -2.07
C LEU A 11 2.39 2.08 -1.95
N ILE A 12 1.87 2.05 -0.76
CA ILE A 12 0.53 1.43 -0.51
C ILE A 12 -0.54 2.25 -1.22
N VAL A 13 -0.50 3.54 -1.06
CA VAL A 13 -1.51 4.41 -1.70
C VAL A 13 -1.61 4.10 -3.19
N GLN A 14 -0.54 3.64 -3.79
CA GLN A 14 -0.61 3.30 -5.23
C GLN A 14 -1.35 1.96 -5.35
N ALA A 15 -1.12 1.09 -4.40
CA ALA A 15 -1.78 -0.24 -4.42
C ALA A 15 -3.31 -0.08 -4.33
N ILE A 16 -3.82 0.46 -3.25
CA ILE A 16 -5.31 0.59 -3.14
C ILE A 16 -5.80 1.66 -4.11
N SER A 17 -4.94 2.54 -4.54
CA SER A 17 -5.38 3.57 -5.51
C SER A 17 -5.83 2.86 -6.78
N SER A 18 -5.48 1.60 -6.90
CA SER A 18 -5.88 0.82 -8.09
C SER A 18 -6.93 -0.21 -7.68
N ALA A 19 -7.13 -0.42 -6.41
CA ALA A 19 -8.15 -1.40 -5.96
C ALA A 19 -9.53 -0.98 -6.49
N GLN A 20 -10.42 -1.91 -6.65
CA GLN A 20 -11.78 -1.58 -7.18
C GLN A 20 -12.26 -0.27 -6.53
N ASP A 21 -12.68 -0.35 -5.29
CA ASP A 21 -13.16 0.88 -4.60
C ASP A 21 -11.97 1.61 -3.99
N ARG A 22 -11.39 1.05 -2.96
CA ARG A 22 -10.22 1.71 -2.32
C ARG A 22 -9.73 0.85 -1.15
N GLN A 23 -9.89 -0.44 -1.24
CA GLN A 23 -9.43 -1.33 -0.14
C GLN A 23 -8.67 -2.53 -0.72
N LEU A 24 -7.51 -2.81 -0.20
CA LEU A 24 -6.73 -3.96 -0.71
C LEU A 24 -6.57 -4.99 0.41
N THR A 25 -6.50 -6.24 0.08
CA THR A 25 -6.32 -7.26 1.14
C THR A 25 -4.84 -7.27 1.54
N LEU A 26 -4.48 -8.03 2.52
CA LEU A 26 -3.04 -8.04 2.92
C LEU A 26 -2.21 -8.52 1.72
N SER A 27 -2.69 -9.50 1.01
CA SER A 27 -1.94 -10.00 -0.17
C SER A 27 -2.48 -9.34 -1.45
N GLY A 28 -2.99 -8.14 -1.34
CA GLY A 28 -3.52 -7.45 -2.55
C GLY A 28 -2.46 -6.45 -3.00
N ILE A 29 -2.01 -5.66 -2.07
CA ILE A 29 -0.97 -4.64 -2.36
C ILE A 29 0.24 -5.32 -2.98
N TYR A 30 0.55 -6.48 -2.50
CA TYR A 30 1.73 -7.20 -3.03
C TYR A 30 1.49 -7.60 -4.48
N ALA A 31 0.38 -8.21 -4.77
CA ALA A 31 0.09 -8.60 -6.18
C ALA A 31 -0.09 -7.33 -7.02
N HIS A 32 -0.22 -6.20 -6.37
CA HIS A 32 -0.40 -4.94 -7.13
C HIS A 32 0.96 -4.47 -7.70
N ILE A 33 1.86 -4.12 -6.84
CA ILE A 33 3.20 -3.63 -7.32
C ILE A 33 3.92 -4.74 -8.10
N THR A 34 3.79 -5.97 -7.70
CA THR A 34 4.49 -7.06 -8.44
C THR A 34 4.06 -7.04 -9.91
N LYS A 35 2.87 -6.57 -10.17
CA LYS A 35 2.40 -6.52 -11.58
C LYS A 35 2.85 -5.21 -12.24
N HIS A 36 3.07 -4.19 -11.45
CA HIS A 36 3.52 -2.89 -12.05
C HIS A 36 5.00 -2.65 -11.73
N TYR A 37 5.34 -2.50 -10.48
CA TYR A 37 6.76 -2.24 -10.11
C TYR A 37 7.55 -3.55 -10.16
N PRO A 38 8.48 -3.64 -11.07
CA PRO A 38 9.33 -4.83 -11.25
C PRO A 38 10.45 -4.83 -10.21
N TYR A 39 10.81 -3.69 -9.70
CA TYR A 39 11.90 -3.61 -8.69
C TYR A 39 11.50 -4.46 -7.48
N TYR A 40 10.22 -4.66 -7.28
CA TYR A 40 9.77 -5.48 -6.12
C TYR A 40 9.73 -6.95 -6.53
N ARG A 41 10.86 -7.58 -6.64
CA ARG A 41 10.89 -9.01 -7.05
C ARG A 41 11.97 -9.76 -6.26
N THR A 42 13.19 -9.26 -6.28
CA THR A 42 14.28 -9.95 -5.54
C THR A 42 14.57 -9.22 -4.23
N ALA A 43 13.58 -8.61 -3.65
CA ALA A 43 13.78 -7.87 -2.38
C ALA A 43 12.46 -7.77 -1.63
N ASP A 44 11.98 -8.87 -1.11
CA ASP A 44 10.69 -8.85 -0.37
C ASP A 44 10.93 -9.10 1.11
N LYS A 45 12.14 -8.92 1.57
CA LYS A 45 12.44 -9.15 3.01
C LYS A 45 12.26 -7.85 3.79
N GLY A 46 11.76 -6.82 3.16
CA GLY A 46 11.58 -5.53 3.89
C GLY A 46 10.11 -5.07 3.84
N TRP A 47 9.50 -5.03 2.69
CA TRP A 47 8.09 -4.55 2.59
C TRP A 47 7.05 -5.63 2.88
N GLN A 48 7.39 -6.89 2.77
CA GLN A 48 6.36 -7.97 3.01
C GLN A 48 5.41 -7.62 4.18
N ASN A 49 5.57 -8.21 5.33
CA ASN A 49 4.65 -7.90 6.47
C ASN A 49 4.79 -6.42 6.88
N SER A 50 5.75 -5.73 6.34
CA SER A 50 5.93 -4.30 6.70
C SER A 50 4.78 -3.47 6.10
N ILE A 51 4.20 -3.95 5.04
CA ILE A 51 3.08 -3.21 4.41
C ILE A 51 1.86 -3.25 5.34
N ARG A 52 1.42 -4.42 5.72
CA ARG A 52 0.24 -4.50 6.63
C ARG A 52 0.55 -3.70 7.89
N HIS A 53 1.77 -3.75 8.34
CA HIS A 53 2.15 -2.99 9.56
C HIS A 53 2.25 -1.50 9.22
N ASN A 54 2.50 -1.20 7.98
CA ASN A 54 2.60 0.23 7.55
C ASN A 54 1.21 0.85 7.59
N LEU A 55 0.22 0.07 7.24
CA LEU A 55 -1.17 0.61 7.23
C LEU A 55 -1.64 0.91 8.66
N SER A 56 -0.94 0.41 9.64
CA SER A 56 -1.34 0.68 11.04
C SER A 56 -0.72 1.99 11.49
N LEU A 57 0.57 2.13 11.31
CA LEU A 57 1.25 3.38 11.70
C LEU A 57 1.24 4.38 10.54
N ASN A 58 0.37 4.19 9.58
CA ASN A 58 0.33 5.14 8.43
C ASN A 58 -0.64 6.28 8.73
N ARG A 59 -0.59 7.31 7.94
CA ARG A 59 -1.49 8.48 8.17
C ARG A 59 -2.81 8.32 7.41
N TYR A 60 -2.84 7.49 6.40
CA TYR A 60 -4.10 7.33 5.62
C TYR A 60 -4.36 5.86 5.29
N PHE A 61 -4.47 5.01 6.26
CA PHE A 61 -4.76 3.58 5.96
C PHE A 61 -5.56 2.97 7.09
N ILE A 62 -6.85 2.90 6.93
CA ILE A 62 -7.72 2.33 7.98
C ILE A 62 -8.01 0.86 7.69
N LYS A 63 -8.74 0.20 8.55
CA LYS A 63 -9.06 -1.24 8.33
C LYS A 63 -10.58 -1.41 8.31
N VAL A 64 -11.11 -2.01 7.27
CA VAL A 64 -12.59 -2.20 7.21
C VAL A 64 -12.94 -3.59 7.76
N PRO A 65 -13.69 -3.60 8.84
CA PRO A 65 -14.11 -4.86 9.49
C PRO A 65 -15.27 -5.51 8.72
N ARG A 66 -15.64 -6.70 9.09
CA ARG A 66 -16.76 -7.38 8.37
C ARG A 66 -17.80 -7.84 9.40
N SER A 67 -17.52 -8.88 10.12
CA SER A 67 -18.48 -9.39 11.14
C SER A 67 -18.29 -8.62 12.44
N GLN A 68 -19.01 -8.99 13.48
CA GLN A 68 -18.87 -8.29 14.77
C GLN A 68 -18.28 -9.24 15.82
N GLU A 69 -17.46 -10.16 15.40
CA GLU A 69 -16.86 -11.12 16.37
C GLU A 69 -15.58 -10.53 16.95
N GLU A 70 -14.79 -9.87 16.15
CA GLU A 70 -13.53 -9.27 16.67
C GLU A 70 -13.80 -7.83 17.12
N PRO A 71 -13.07 -7.41 18.12
CA PRO A 71 -13.20 -6.05 18.68
C PRO A 71 -12.51 -5.03 17.77
N GLY A 72 -11.31 -5.32 17.35
CA GLY A 72 -10.59 -4.37 16.46
C GLY A 72 -9.65 -5.14 15.54
N LYS A 73 -10.20 -5.88 14.61
CA LYS A 73 -9.33 -6.66 13.67
C LYS A 73 -10.20 -7.27 12.57
N GLY A 74 -10.10 -6.77 11.37
CA GLY A 74 -10.92 -7.32 10.25
C GLY A 74 -10.04 -8.15 9.33
N SER A 75 -10.19 -7.99 8.04
CA SER A 75 -9.35 -8.78 7.10
C SER A 75 -9.25 -8.04 5.76
N PHE A 76 -9.45 -6.76 5.75
CA PHE A 76 -9.35 -5.99 4.48
C PHE A 76 -8.78 -4.59 4.76
N TRP A 77 -7.73 -4.24 4.07
CA TRP A 77 -7.11 -2.90 4.29
C TRP A 77 -7.78 -1.83 3.43
N ARG A 78 -7.65 -0.59 3.80
CA ARG A 78 -8.29 0.51 3.01
C ARG A 78 -7.61 1.84 3.35
N ILE A 79 -7.60 2.78 2.43
CA ILE A 79 -6.98 4.10 2.72
C ILE A 79 -8.08 5.14 2.91
N ASP A 80 -7.82 6.18 3.66
CA ASP A 80 -8.88 7.20 3.88
C ASP A 80 -9.31 7.77 2.51
N PRO A 81 -10.60 7.90 2.33
CA PRO A 81 -11.18 8.40 1.06
C PRO A 81 -11.07 9.92 0.97
N ALA A 82 -11.50 10.62 1.99
CA ALA A 82 -11.43 12.11 1.93
C ALA A 82 -9.97 12.55 1.90
N SER A 83 -9.06 11.67 2.16
CA SER A 83 -7.62 12.04 2.10
C SER A 83 -6.99 11.32 0.93
N GLU A 84 -7.72 10.43 0.30
CA GLU A 84 -7.16 9.68 -0.85
C GLU A 84 -6.73 10.65 -1.95
N ALA A 85 -7.56 11.60 -2.29
CA ALA A 85 -7.16 12.55 -3.37
C ALA A 85 -5.87 13.28 -2.97
N LYS A 86 -5.53 13.28 -1.72
CA LYS A 86 -4.27 13.97 -1.29
C LYS A 86 -3.11 12.98 -1.30
N LEU A 87 -3.24 11.89 -0.59
CA LEU A 87 -2.14 10.89 -0.55
C LEU A 87 -1.75 10.53 -1.97
N VAL A 88 -2.69 10.10 -2.74
CA VAL A 88 -2.40 9.73 -4.14
C VAL A 88 -1.56 10.80 -4.81
N GLU A 89 -1.75 12.04 -4.44
CA GLU A 89 -0.96 13.13 -5.08
C GLU A 89 0.52 12.78 -4.93
N GLN A 90 0.94 12.44 -3.74
CA GLN A 90 2.35 12.05 -3.53
C GLN A 90 2.53 10.62 -4.04
N ALA A 91 1.45 9.91 -4.24
CA ALA A 91 1.54 8.51 -4.73
C ALA A 91 1.95 8.51 -6.20
N PHE A 92 1.04 8.81 -7.09
CA PHE A 92 1.40 8.84 -8.54
C PHE A 92 2.75 9.53 -8.72
N ARG A 93 2.94 10.64 -8.06
CA ARG A 93 4.24 11.38 -8.19
C ARG A 93 5.35 10.55 -7.55
N LYS A 94 6.54 11.09 -7.47
CA LYS A 94 7.65 10.33 -6.84
C LYS A 94 7.87 10.82 -5.41
N ARG A 95 8.81 10.25 -4.71
CA ARG A 95 9.07 10.68 -3.31
C ARG A 95 10.00 11.89 -3.32
N ARG A 96 9.49 13.05 -3.61
CA ARG A 96 10.35 14.27 -3.62
C ARG A 96 10.05 15.10 -2.38
N GLN A 97 10.19 14.52 -1.21
CA GLN A 97 9.91 15.29 0.03
C GLN A 97 10.58 14.59 1.22
N ARG A 98 10.92 15.33 2.24
CA ARG A 98 11.59 14.70 3.43
C ARG A 98 10.53 14.33 4.45
N GLY A 99 10.20 13.07 4.56
CA GLY A 99 9.17 12.64 5.54
C GLY A 99 9.77 12.68 6.95
N VAL A 100 9.52 11.67 7.75
CA VAL A 100 10.06 11.65 9.13
C VAL A 100 11.15 10.57 9.22
N SER A 101 10.93 9.44 8.61
CA SER A 101 11.94 8.34 8.67
C SER A 101 12.61 8.20 7.30
N GLU A 1 21.64 -6.17 -7.15
CA GLU A 1 20.41 -6.44 -6.35
C GLU A 1 20.06 -5.20 -5.53
N SER A 2 19.47 -4.22 -6.15
CA SER A 2 19.10 -2.98 -5.41
C SER A 2 17.62 -2.67 -5.63
N LYS A 3 16.89 -2.38 -4.59
CA LYS A 3 15.45 -2.09 -4.74
C LYS A 3 15.25 -0.56 -4.80
N PRO A 4 14.70 -0.09 -5.90
CA PRO A 4 14.41 1.35 -6.12
C PRO A 4 12.93 1.76 -5.79
N PRO A 5 12.28 1.18 -4.81
CA PRO A 5 10.88 1.56 -4.50
C PRO A 5 10.83 2.90 -3.78
N TYR A 6 9.65 3.30 -3.39
CA TYR A 6 9.49 4.59 -2.68
C TYR A 6 9.23 4.33 -1.20
N SER A 7 8.84 5.32 -0.45
CA SER A 7 8.57 5.08 0.98
C SER A 7 7.66 3.86 1.07
N TYR A 8 7.40 3.35 2.24
CA TYR A 8 6.51 2.17 2.31
C TYR A 8 5.06 2.61 2.44
N ALA A 9 4.74 3.69 1.77
CA ALA A 9 3.35 4.21 1.78
C ALA A 9 2.94 4.55 0.32
N GLN A 10 3.89 4.60 -0.60
CA GLN A 10 3.53 4.91 -2.01
C GLN A 10 3.24 3.60 -2.74
N LEU A 11 3.88 2.53 -2.33
CA LEU A 11 3.62 1.22 -2.99
C LEU A 11 2.24 0.79 -2.51
N ILE A 12 1.84 1.28 -1.37
CA ILE A 12 0.51 0.92 -0.85
C ILE A 12 -0.53 1.86 -1.43
N VAL A 13 -0.39 3.13 -1.22
CA VAL A 13 -1.41 4.07 -1.78
C VAL A 13 -1.57 3.77 -3.27
N GLN A 14 -0.51 3.77 -4.02
CA GLN A 14 -0.62 3.43 -5.45
C GLN A 14 -1.28 2.06 -5.55
N ALA A 15 -1.05 1.24 -4.57
CA ALA A 15 -1.66 -0.13 -4.58
C ALA A 15 -3.19 0.00 -4.44
N ILE A 16 -3.69 0.43 -3.30
CA ILE A 16 -5.17 0.55 -3.14
C ILE A 16 -5.68 1.86 -3.76
N SER A 17 -5.11 2.97 -3.40
CA SER A 17 -5.59 4.27 -3.94
C SER A 17 -5.64 4.22 -5.48
N SER A 18 -4.96 3.29 -6.08
CA SER A 18 -4.99 3.20 -7.57
C SER A 18 -5.97 2.12 -8.00
N ALA A 19 -6.22 1.15 -7.16
CA ALA A 19 -7.17 0.07 -7.53
C ALA A 19 -8.59 0.66 -7.59
N GLN A 20 -9.50 -0.01 -8.24
CA GLN A 20 -10.90 0.52 -8.31
C GLN A 20 -11.30 1.03 -6.93
N ASP A 21 -11.65 0.15 -6.04
CA ASP A 21 -12.02 0.59 -4.67
C ASP A 21 -10.74 0.64 -3.82
N ARG A 22 -10.39 1.78 -3.30
CA ARG A 22 -9.14 1.88 -2.48
C ARG A 22 -9.22 0.94 -1.28
N GLN A 23 -8.86 -0.30 -1.48
CA GLN A 23 -8.89 -1.30 -0.37
C GLN A 23 -8.22 -2.57 -0.88
N LEU A 24 -7.39 -3.18 -0.07
CA LEU A 24 -6.70 -4.42 -0.53
C LEU A 24 -6.57 -5.41 0.61
N THR A 25 -6.41 -6.66 0.30
CA THR A 25 -6.24 -7.67 1.38
C THR A 25 -4.78 -7.60 1.83
N LEU A 26 -4.40 -8.38 2.80
CA LEU A 26 -2.99 -8.31 3.24
C LEU A 26 -2.08 -8.69 2.07
N SER A 27 -2.47 -9.68 1.30
CA SER A 27 -1.64 -10.09 0.14
C SER A 27 -2.20 -9.47 -1.15
N GLY A 28 -2.85 -8.35 -1.05
CA GLY A 28 -3.40 -7.69 -2.27
C GLY A 28 -2.48 -6.56 -2.67
N ILE A 29 -2.07 -5.79 -1.71
CA ILE A 29 -1.16 -4.65 -1.96
C ILE A 29 0.08 -5.16 -2.68
N TYR A 30 0.54 -6.31 -2.30
CA TYR A 30 1.77 -6.87 -2.94
C TYR A 30 1.49 -7.22 -4.40
N ALA A 31 0.58 -8.12 -4.66
CA ALA A 31 0.29 -8.50 -6.07
C ALA A 31 -0.17 -7.28 -6.86
N HIS A 32 -0.55 -6.23 -6.19
CA HIS A 32 -1.01 -5.01 -6.91
C HIS A 32 0.20 -4.23 -7.44
N ILE A 33 1.08 -3.83 -6.55
CA ILE A 33 2.27 -3.05 -6.98
C ILE A 33 3.15 -3.87 -7.94
N THR A 34 3.13 -5.16 -7.81
CA THR A 34 3.97 -5.99 -8.69
C THR A 34 3.62 -5.67 -10.15
N LYS A 35 2.48 -5.08 -10.37
CA LYS A 35 2.08 -4.71 -11.75
C LYS A 35 2.67 -3.33 -12.08
N HIS A 36 2.77 -2.47 -11.10
CA HIS A 36 3.34 -1.12 -11.33
C HIS A 36 4.87 -1.19 -11.24
N TYR A 37 5.40 -1.39 -10.06
CA TYR A 37 6.87 -1.46 -9.92
C TYR A 37 7.33 -2.87 -10.33
N PRO A 38 8.34 -2.93 -11.18
CA PRO A 38 8.88 -4.20 -11.69
C PRO A 38 9.81 -4.86 -10.66
N TYR A 39 10.70 -4.11 -10.07
CA TYR A 39 11.64 -4.72 -9.08
C TYR A 39 10.87 -5.19 -7.84
N TYR A 40 9.69 -4.68 -7.61
CA TYR A 40 8.91 -5.11 -6.42
C TYR A 40 8.03 -6.31 -6.76
N ARG A 41 8.25 -6.92 -7.88
CA ARG A 41 7.42 -8.11 -8.25
C ARG A 41 7.70 -9.21 -7.22
N THR A 42 8.95 -9.45 -6.94
CA THR A 42 9.32 -10.50 -5.95
C THR A 42 10.33 -9.91 -4.97
N ALA A 43 9.93 -8.90 -4.23
CA ALA A 43 10.86 -8.27 -3.26
C ALA A 43 11.34 -9.31 -2.24
N ASP A 44 12.02 -8.86 -1.22
CA ASP A 44 12.52 -9.82 -0.19
C ASP A 44 11.63 -9.76 1.05
N LYS A 45 12.09 -10.25 2.16
CA LYS A 45 11.26 -10.21 3.40
C LYS A 45 11.48 -8.88 4.13
N GLY A 46 10.65 -7.90 3.86
CA GLY A 46 10.79 -6.58 4.53
C GLY A 46 9.46 -5.84 4.40
N TRP A 47 9.11 -5.47 3.21
CA TRP A 47 7.82 -4.75 2.98
C TRP A 47 6.65 -5.71 3.19
N GLN A 48 6.85 -6.98 2.94
CA GLN A 48 5.73 -7.95 3.14
C GLN A 48 4.96 -7.59 4.42
N ASN A 49 5.34 -8.14 5.54
CA ASN A 49 4.63 -7.83 6.82
C ASN A 49 4.74 -6.33 7.13
N SER A 50 5.89 -5.74 6.92
CA SER A 50 6.05 -4.28 7.22
C SER A 50 4.96 -3.49 6.48
N ILE A 51 4.37 -4.08 5.47
CA ILE A 51 3.30 -3.38 4.71
C ILE A 51 2.00 -3.49 5.51
N ARG A 52 1.55 -4.68 5.80
CA ARG A 52 0.29 -4.83 6.59
C ARG A 52 0.39 -3.92 7.81
N HIS A 53 1.58 -3.79 8.34
CA HIS A 53 1.80 -2.92 9.52
C HIS A 53 1.79 -1.45 9.10
N ASN A 54 2.31 -1.16 7.93
CA ASN A 54 2.36 0.24 7.45
C ASN A 54 0.97 0.81 7.20
N LEU A 55 0.03 0.02 6.74
CA LEU A 55 -1.31 0.59 6.45
C LEU A 55 -2.06 0.81 7.76
N SER A 56 -1.53 0.37 8.87
CA SER A 56 -2.23 0.57 10.17
C SER A 56 -1.78 1.89 10.80
N LEU A 57 -0.49 2.05 10.97
CA LEU A 57 0.03 3.29 11.59
C LEU A 57 0.33 4.34 10.51
N ASN A 58 -0.11 4.11 9.31
CA ASN A 58 0.17 5.12 8.24
C ASN A 58 -0.61 6.40 8.51
N ARG A 59 -0.47 7.38 7.67
CA ARG A 59 -1.19 8.67 7.89
C ARG A 59 -2.56 8.67 7.21
N TYR A 60 -2.77 7.81 6.25
CA TYR A 60 -4.11 7.80 5.57
C TYR A 60 -4.66 6.38 5.49
N PHE A 61 -3.88 5.39 5.78
CA PHE A 61 -4.41 4.00 5.69
C PHE A 61 -5.26 3.70 6.94
N ILE A 62 -6.07 2.68 6.87
CA ILE A 62 -6.93 2.34 8.04
C ILE A 62 -7.23 0.84 8.02
N LYS A 63 -8.05 0.38 8.94
CA LYS A 63 -8.38 -1.08 8.98
C LYS A 63 -9.90 -1.23 9.02
N VAL A 64 -10.43 -2.17 8.29
CA VAL A 64 -11.91 -2.37 8.28
C VAL A 64 -12.38 -2.90 9.64
N PRO A 65 -13.58 -2.51 10.02
CA PRO A 65 -14.19 -2.94 11.28
C PRO A 65 -14.75 -4.35 11.14
N ARG A 66 -15.57 -4.77 12.08
CA ARG A 66 -16.16 -6.14 12.00
C ARG A 66 -17.49 -6.08 11.26
N SER A 67 -18.05 -4.91 11.10
CA SER A 67 -19.35 -4.80 10.38
C SER A 67 -19.09 -4.59 8.90
N GLN A 68 -18.63 -5.61 8.22
CA GLN A 68 -18.36 -5.46 6.75
C GLN A 68 -19.43 -6.21 5.96
N GLU A 69 -19.38 -6.14 4.66
CA GLU A 69 -20.40 -6.84 3.82
C GLU A 69 -19.79 -8.10 3.23
N GLU A 70 -18.99 -8.82 3.99
CA GLU A 70 -18.37 -10.05 3.45
C GLU A 70 -17.98 -10.98 4.62
N PRO A 71 -18.85 -11.92 4.90
CA PRO A 71 -18.63 -12.88 5.99
C PRO A 71 -17.67 -14.00 5.53
N GLY A 72 -16.43 -13.67 5.30
CA GLY A 72 -15.46 -14.70 4.86
C GLY A 72 -14.40 -14.89 5.94
N LYS A 73 -13.25 -15.42 5.58
CA LYS A 73 -12.18 -15.64 6.59
C LYS A 73 -10.89 -14.97 6.10
N GLY A 74 -10.86 -13.67 6.06
CA GLY A 74 -9.63 -12.96 5.60
C GLY A 74 -9.68 -11.50 6.04
N SER A 75 -8.58 -10.98 6.52
CA SER A 75 -8.57 -9.56 6.96
C SER A 75 -8.63 -8.64 5.74
N PHE A 76 -9.12 -7.44 5.91
CA PHE A 76 -9.20 -6.51 4.75
C PHE A 76 -8.95 -5.08 5.23
N TRP A 77 -7.87 -4.49 4.79
CA TRP A 77 -7.56 -3.09 5.21
C TRP A 77 -7.74 -2.17 3.99
N ARG A 78 -7.94 -0.89 4.21
CA ARG A 78 -8.13 0.04 3.04
C ARG A 78 -7.67 1.45 3.39
N ILE A 79 -7.56 2.32 2.43
CA ILE A 79 -7.13 3.72 2.74
C ILE A 79 -8.37 4.62 2.80
N ASP A 80 -8.28 5.72 3.50
CA ASP A 80 -9.45 6.63 3.61
C ASP A 80 -9.89 7.08 2.22
N PRO A 81 -11.15 7.43 2.13
CA PRO A 81 -11.76 7.87 0.86
C PRO A 81 -11.46 9.35 0.56
N ALA A 82 -11.86 10.23 1.44
CA ALA A 82 -11.63 11.69 1.20
C ALA A 82 -10.14 12.02 1.20
N SER A 83 -9.31 11.19 1.78
CA SER A 83 -7.86 11.51 1.80
C SER A 83 -7.21 10.95 0.54
N GLU A 84 -7.94 10.25 -0.27
CA GLU A 84 -7.32 9.67 -1.50
C GLU A 84 -6.72 10.78 -2.36
N ALA A 85 -7.49 11.73 -2.78
CA ALA A 85 -6.93 12.83 -3.62
C ALA A 85 -5.62 13.33 -2.97
N LYS A 86 -5.47 13.13 -1.70
CA LYS A 86 -4.23 13.60 -1.01
C LYS A 86 -3.11 12.57 -1.20
N LEU A 87 -3.27 11.40 -0.65
CA LEU A 87 -2.21 10.35 -0.78
C LEU A 87 -1.81 10.17 -2.23
N VAL A 88 -2.74 9.82 -3.05
CA VAL A 88 -2.43 9.61 -4.48
C VAL A 88 -1.46 10.68 -5.00
N GLU A 89 -1.55 11.87 -4.48
CA GLU A 89 -0.63 12.94 -4.98
C GLU A 89 0.80 12.43 -4.86
N GLN A 90 1.19 11.97 -3.70
CA GLN A 90 2.56 11.43 -3.53
C GLN A 90 2.62 10.02 -4.14
N ALA A 91 1.48 9.45 -4.45
CA ALA A 91 1.48 8.07 -5.04
C ALA A 91 2.25 8.09 -6.37
N PHE A 92 1.95 9.02 -7.22
CA PHE A 92 2.66 9.08 -8.54
C PHE A 92 3.92 9.94 -8.40
N ARG A 93 4.63 9.80 -7.31
CA ARG A 93 5.87 10.60 -7.12
C ARG A 93 7.03 9.68 -6.72
N LYS A 94 8.03 9.56 -7.55
CA LYS A 94 9.18 8.68 -7.20
C LYS A 94 10.08 9.38 -6.18
N ARG A 95 10.43 8.69 -5.13
CA ARG A 95 11.31 9.33 -4.10
C ARG A 95 12.61 8.52 -4.00
N ARG A 96 13.67 9.14 -3.53
CA ARG A 96 14.96 8.42 -3.41
C ARG A 96 15.08 7.78 -2.02
N GLN A 97 15.33 8.56 -1.01
CA GLN A 97 15.46 8.00 0.36
C GLN A 97 14.40 8.61 1.27
N ARG A 98 14.40 8.25 2.52
CA ARG A 98 13.39 8.82 3.47
C ARG A 98 13.80 10.23 3.85
N GLY A 99 13.39 10.69 5.01
CA GLY A 99 13.76 12.07 5.44
C GLY A 99 15.19 12.07 5.97
N VAL A 100 15.37 11.92 7.25
CA VAL A 100 16.74 11.91 7.82
C VAL A 100 17.07 10.52 8.35
N SER A 101 18.12 9.92 7.86
CA SER A 101 18.49 8.55 8.33
C SER A 101 19.71 8.06 7.55
N GLU A 1 19.76 1.79 -9.89
CA GLU A 1 18.54 0.96 -9.66
C GLU A 1 18.39 0.66 -8.17
N SER A 2 17.26 0.16 -7.77
CA SER A 2 17.06 -0.14 -6.32
C SER A 2 15.91 -1.15 -6.16
N LYS A 3 15.81 -1.79 -5.03
CA LYS A 3 14.72 -2.78 -4.83
C LYS A 3 13.39 -2.05 -4.49
N PRO A 4 13.42 -1.24 -3.48
CA PRO A 4 12.25 -0.47 -3.03
C PRO A 4 12.00 0.73 -3.96
N PRO A 5 10.94 0.64 -4.72
CA PRO A 5 10.56 1.72 -5.66
C PRO A 5 9.88 2.86 -4.91
N TYR A 6 8.87 2.56 -4.16
CA TYR A 6 8.16 3.64 -3.39
C TYR A 6 8.22 3.33 -1.91
N SER A 7 8.27 4.34 -1.09
CA SER A 7 8.32 4.10 0.38
C SER A 7 7.21 3.10 0.72
N TYR A 8 7.17 2.60 1.91
CA TYR A 8 6.10 1.61 2.23
C TYR A 8 4.85 2.35 2.71
N ALA A 9 4.82 3.64 2.53
CA ALA A 9 3.61 4.43 2.90
C ALA A 9 3.03 5.04 1.63
N GLN A 10 3.89 5.39 0.71
CA GLN A 10 3.43 5.96 -0.59
C GLN A 10 3.26 4.79 -1.55
N LEU A 11 3.99 3.73 -1.30
CA LEU A 11 3.88 2.52 -2.15
C LEU A 11 2.47 1.98 -1.98
N ILE A 12 1.95 2.13 -0.79
CA ILE A 12 0.57 1.65 -0.50
C ILE A 12 -0.43 2.59 -1.18
N VAL A 13 -0.27 3.86 -0.94
CA VAL A 13 -1.21 4.86 -1.53
C VAL A 13 -1.32 4.63 -3.03
N GLN A 14 -0.25 4.19 -3.65
CA GLN A 14 -0.33 3.93 -5.11
C GLN A 14 -1.05 2.60 -5.30
N ALA A 15 -0.86 1.70 -4.38
CA ALA A 15 -1.51 0.36 -4.48
C ALA A 15 -3.03 0.52 -4.52
N ILE A 16 -3.63 1.04 -3.47
CA ILE A 16 -5.13 1.17 -3.49
C ILE A 16 -5.56 2.19 -4.55
N SER A 17 -4.67 3.04 -4.97
CA SER A 17 -5.04 4.04 -6.00
C SER A 17 -5.52 3.29 -7.24
N SER A 18 -5.22 2.02 -7.32
CA SER A 18 -5.65 1.22 -8.49
C SER A 18 -6.73 0.23 -8.06
N ALA A 19 -6.91 0.02 -6.78
CA ALA A 19 -7.97 -0.94 -6.34
C ALA A 19 -9.32 -0.46 -6.85
N GLN A 20 -10.25 -1.35 -7.08
CA GLN A 20 -11.59 -0.94 -7.58
C GLN A 20 -12.02 0.31 -6.82
N ASP A 21 -12.35 0.16 -5.57
CA ASP A 21 -12.75 1.34 -4.76
C ASP A 21 -11.49 1.90 -4.10
N ARG A 22 -10.97 1.20 -3.13
CA ARG A 22 -9.74 1.67 -2.44
C ARG A 22 -9.38 0.67 -1.34
N GLN A 23 -9.58 -0.61 -1.58
CA GLN A 23 -9.27 -1.61 -0.53
C GLN A 23 -8.71 -2.90 -1.13
N LEU A 24 -7.66 -3.41 -0.54
CA LEU A 24 -7.06 -4.69 -1.00
C LEU A 24 -6.93 -5.58 0.22
N THR A 25 -6.68 -6.84 0.04
CA THR A 25 -6.49 -7.71 1.22
C THR A 25 -5.08 -7.44 1.73
N LEU A 26 -4.67 -8.00 2.82
CA LEU A 26 -3.29 -7.71 3.28
C LEU A 26 -2.33 -8.11 2.16
N SER A 27 -2.67 -9.13 1.43
CA SER A 27 -1.80 -9.58 0.31
C SER A 27 -2.35 -9.05 -1.02
N GLY A 28 -2.90 -7.86 -1.01
CA GLY A 28 -3.44 -7.28 -2.28
C GLY A 28 -2.44 -6.29 -2.81
N ILE A 29 -1.95 -5.45 -1.95
CA ILE A 29 -0.94 -4.44 -2.33
C ILE A 29 0.22 -5.13 -3.01
N TYR A 30 0.47 -6.34 -2.61
CA TYR A 30 1.59 -7.10 -3.22
C TYR A 30 1.22 -7.42 -4.65
N ALA A 31 0.03 -7.90 -4.86
CA ALA A 31 -0.41 -8.20 -6.25
C ALA A 31 -0.49 -6.88 -7.02
N HIS A 32 -0.56 -5.77 -6.32
CA HIS A 32 -0.64 -4.45 -7.01
C HIS A 32 0.75 -4.06 -7.55
N ILE A 33 1.65 -3.70 -6.67
CA ILE A 33 3.03 -3.29 -7.12
C ILE A 33 3.68 -4.45 -7.89
N THR A 34 3.63 -5.65 -7.37
CA THR A 34 4.28 -6.78 -8.08
C THR A 34 3.67 -6.91 -9.49
N LYS A 35 2.47 -6.46 -9.67
CA LYS A 35 1.82 -6.56 -11.01
C LYS A 35 2.32 -5.41 -11.90
N HIS A 36 2.60 -4.28 -11.31
CA HIS A 36 3.07 -3.12 -12.11
C HIS A 36 4.57 -2.90 -11.85
N TYR A 37 5.21 -3.84 -11.21
CA TYR A 37 6.66 -3.68 -10.94
C TYR A 37 7.35 -5.05 -11.06
N PRO A 38 8.34 -5.13 -11.92
CA PRO A 38 9.07 -6.38 -12.16
C PRO A 38 10.07 -6.67 -11.03
N TYR A 39 10.69 -5.65 -10.49
CA TYR A 39 11.67 -5.88 -9.40
C TYR A 39 10.97 -6.57 -8.22
N TYR A 40 9.73 -6.23 -7.98
CA TYR A 40 8.99 -6.86 -6.85
C TYR A 40 8.29 -8.12 -7.35
N ARG A 41 8.92 -8.85 -8.23
CA ARG A 41 8.29 -10.09 -8.76
C ARG A 41 8.92 -11.32 -8.10
N THR A 42 10.22 -11.38 -8.06
CA THR A 42 10.89 -12.55 -7.43
C THR A 42 11.73 -12.07 -6.24
N ALA A 43 11.21 -11.17 -5.47
CA ALA A 43 11.97 -10.65 -4.29
C ALA A 43 11.03 -9.86 -3.39
N ASP A 44 10.47 -10.49 -2.39
CA ASP A 44 9.53 -9.77 -1.48
C ASP A 44 9.81 -10.18 -0.04
N LYS A 45 11.02 -10.58 0.25
CA LYS A 45 11.36 -10.98 1.64
C LYS A 45 11.84 -9.77 2.44
N GLY A 46 10.99 -8.81 2.67
CA GLY A 46 11.41 -7.60 3.43
C GLY A 46 10.23 -6.63 3.55
N TRP A 47 9.79 -6.07 2.46
CA TRP A 47 8.65 -5.11 2.51
C TRP A 47 7.33 -5.85 2.73
N GLN A 48 7.39 -7.15 2.87
CA GLN A 48 6.13 -7.92 3.08
C GLN A 48 5.48 -7.50 4.40
N ASN A 49 6.08 -7.82 5.51
CA ASN A 49 5.49 -7.45 6.82
C ASN A 49 5.57 -5.94 7.03
N SER A 50 6.34 -5.24 6.23
CA SER A 50 6.45 -3.77 6.40
C SER A 50 5.14 -3.10 5.95
N ILE A 51 4.49 -3.67 4.97
CA ILE A 51 3.21 -3.06 4.47
C ILE A 51 2.11 -3.24 5.52
N ARG A 52 1.84 -4.45 5.92
CA ARG A 52 0.76 -4.67 6.94
C ARG A 52 0.99 -3.72 8.12
N HIS A 53 2.20 -3.61 8.59
CA HIS A 53 2.48 -2.71 9.74
C HIS A 53 2.46 -1.25 9.29
N ASN A 54 2.75 -1.00 8.04
CA ASN A 54 2.76 0.41 7.55
C ASN A 54 1.35 0.97 7.49
N LEU A 55 0.53 0.47 6.59
CA LEU A 55 -0.86 1.02 6.49
C LEU A 55 -1.57 0.92 7.85
N SER A 56 -1.04 0.16 8.76
CA SER A 56 -1.70 0.06 10.10
C SER A 56 -1.28 1.26 10.94
N LEU A 57 -0.01 1.57 10.94
CA LEU A 57 0.48 2.73 11.72
C LEU A 57 0.45 3.99 10.85
N ASN A 58 -0.19 3.92 9.71
CA ASN A 58 -0.25 5.11 8.82
C ASN A 58 -1.40 6.02 9.25
N ARG A 59 -1.45 7.21 8.71
CA ARG A 59 -2.55 8.15 9.10
C ARG A 59 -3.75 7.99 8.18
N TYR A 60 -3.53 7.95 6.88
CA TYR A 60 -4.69 7.81 5.95
C TYR A 60 -5.09 6.34 5.81
N PHE A 61 -4.20 5.43 6.06
CA PHE A 61 -4.59 4.01 5.92
C PHE A 61 -5.38 3.55 7.15
N ILE A 62 -6.41 2.80 6.91
CA ILE A 62 -7.28 2.31 8.02
C ILE A 62 -7.45 0.80 7.88
N LYS A 63 -8.08 0.16 8.82
CA LYS A 63 -8.30 -1.32 8.71
C LYS A 63 -9.79 -1.62 8.85
N VAL A 64 -10.28 -2.59 8.12
CA VAL A 64 -11.73 -2.93 8.21
C VAL A 64 -11.89 -4.33 8.80
N PRO A 65 -11.81 -4.41 10.11
CA PRO A 65 -11.96 -5.67 10.85
C PRO A 65 -13.43 -6.06 10.94
N ARG A 66 -13.73 -7.18 11.54
CA ARG A 66 -15.14 -7.61 11.66
C ARG A 66 -15.30 -8.50 12.91
N SER A 67 -14.70 -9.66 12.89
CA SER A 67 -14.82 -10.57 14.06
C SER A 67 -13.53 -11.39 14.20
N GLN A 68 -13.11 -11.68 15.40
CA GLN A 68 -11.87 -12.47 15.59
C GLN A 68 -12.20 -13.76 16.35
N GLU A 69 -12.97 -14.63 15.77
CA GLU A 69 -13.32 -15.90 16.47
C GLU A 69 -12.79 -17.09 15.66
N GLU A 70 -13.43 -17.41 14.56
CA GLU A 70 -12.95 -18.55 13.73
C GLU A 70 -12.27 -18.02 12.47
N PRO A 71 -11.46 -18.85 11.87
CA PRO A 71 -10.72 -18.49 10.64
C PRO A 71 -11.64 -18.64 9.42
N GLY A 72 -12.67 -17.85 9.34
CA GLY A 72 -13.60 -17.94 8.17
C GLY A 72 -13.51 -16.65 7.36
N LYS A 73 -12.52 -15.85 7.61
CA LYS A 73 -12.38 -14.57 6.86
C LYS A 73 -10.94 -14.05 7.01
N GLY A 74 -10.36 -13.60 5.93
CA GLY A 74 -8.97 -13.07 6.01
C GLY A 74 -8.99 -11.62 6.50
N SER A 75 -8.25 -10.75 5.86
CA SER A 75 -8.23 -9.33 6.29
C SER A 75 -8.61 -8.43 5.10
N PHE A 76 -8.84 -7.17 5.35
CA PHE A 76 -9.20 -6.25 4.25
C PHE A 76 -9.14 -4.81 4.74
N TRP A 77 -8.17 -4.06 4.29
CA TRP A 77 -8.05 -2.65 4.76
C TRP A 77 -8.11 -1.69 3.56
N ARG A 78 -8.26 -0.42 3.81
CA ARG A 78 -8.33 0.58 2.70
C ARG A 78 -7.87 1.94 3.20
N ILE A 79 -7.62 2.87 2.31
CA ILE A 79 -7.17 4.23 2.76
C ILE A 79 -8.38 5.16 2.84
N ASP A 80 -8.22 6.29 3.48
CA ASP A 80 -9.35 7.24 3.62
C ASP A 80 -9.84 7.68 2.24
N PRO A 81 -11.13 7.90 2.14
CA PRO A 81 -11.77 8.31 0.88
C PRO A 81 -11.60 9.82 0.65
N ALA A 82 -11.67 10.61 1.70
CA ALA A 82 -11.53 12.08 1.53
C ALA A 82 -10.06 12.50 1.60
N SER A 83 -9.18 11.58 1.89
CA SER A 83 -7.75 11.94 1.96
C SER A 83 -7.01 11.20 0.86
N GLU A 84 -7.64 10.24 0.25
CA GLU A 84 -6.98 9.47 -0.83
C GLU A 84 -6.54 10.40 -1.96
N ALA A 85 -7.42 11.26 -2.40
CA ALA A 85 -7.04 12.18 -3.51
C ALA A 85 -5.82 13.01 -3.11
N LYS A 86 -5.52 13.08 -1.85
CA LYS A 86 -4.34 13.88 -1.40
C LYS A 86 -3.10 12.98 -1.34
N LEU A 87 -3.17 11.92 -0.57
CA LEU A 87 -2.01 11.00 -0.45
C LEU A 87 -1.54 10.58 -1.83
N VAL A 88 -2.44 10.13 -2.63
CA VAL A 88 -2.09 9.67 -4.00
C VAL A 88 -1.29 10.73 -4.75
N GLU A 89 -1.52 11.97 -4.45
CA GLU A 89 -0.79 13.05 -5.17
C GLU A 89 0.71 12.76 -5.10
N GLN A 90 1.18 12.30 -3.98
CA GLN A 90 2.63 11.98 -3.87
C GLN A 90 2.86 10.56 -4.38
N ALA A 91 1.81 9.76 -4.44
CA ALA A 91 1.96 8.36 -4.92
C ALA A 91 2.37 8.35 -6.39
N PHE A 92 1.97 9.33 -7.14
CA PHE A 92 2.33 9.37 -8.58
C PHE A 92 3.72 9.99 -8.74
N ARG A 93 4.19 10.67 -7.73
CA ARG A 93 5.54 11.30 -7.82
C ARG A 93 6.53 10.53 -6.95
N LYS A 94 7.70 10.24 -7.47
CA LYS A 94 8.71 9.49 -6.66
C LYS A 94 9.34 10.43 -5.64
N ARG A 95 9.82 9.90 -4.55
CA ARG A 95 10.45 10.76 -3.51
C ARG A 95 11.83 10.21 -3.16
N ARG A 96 12.83 11.04 -3.18
CA ARG A 96 14.21 10.56 -2.86
C ARG A 96 15.05 11.73 -2.35
N GLN A 97 14.46 12.64 -1.63
CA GLN A 97 15.23 13.80 -1.10
C GLN A 97 15.73 13.48 0.31
N ARG A 98 16.87 12.84 0.41
CA ARG A 98 17.42 12.50 1.75
C ARG A 98 18.95 12.51 1.69
N GLY A 99 19.53 11.47 1.14
CA GLY A 99 21.01 11.43 1.04
C GLY A 99 21.41 10.39 -0.02
N VAL A 100 22.64 9.95 0.01
CA VAL A 100 23.09 8.94 -0.99
C VAL A 100 22.61 7.55 -0.57
N SER A 101 21.98 7.45 0.57
CA SER A 101 21.49 6.12 1.03
C SER A 101 20.01 5.99 0.69
N GLU A 1 18.97 3.06 -4.42
CA GLU A 1 20.25 2.30 -4.52
C GLU A 1 19.94 0.84 -4.91
N SER A 2 18.70 0.51 -5.07
CA SER A 2 18.35 -0.89 -5.45
C SER A 2 16.83 -1.07 -5.41
N LYS A 3 16.15 -0.33 -4.57
CA LYS A 3 14.68 -0.45 -4.49
C LYS A 3 14.01 0.50 -5.49
N PRO A 4 12.71 0.39 -5.59
CA PRO A 4 11.91 1.23 -6.51
C PRO A 4 11.70 2.63 -5.94
N PRO A 5 11.05 3.47 -6.70
CA PRO A 5 10.77 4.87 -6.30
C PRO A 5 9.63 4.92 -5.31
N TYR A 6 9.09 3.80 -4.94
CA TYR A 6 7.96 3.81 -3.99
C TYR A 6 8.43 3.38 -2.61
N SER A 7 7.90 4.03 -1.62
CA SER A 7 8.26 3.71 -0.22
C SER A 7 7.13 2.92 0.40
N TYR A 8 7.27 2.50 1.63
CA TYR A 8 6.19 1.72 2.27
C TYR A 8 5.16 2.68 2.88
N ALA A 9 4.43 3.35 2.04
CA ALA A 9 3.38 4.32 2.52
C ALA A 9 2.67 4.88 1.29
N GLN A 10 3.43 5.33 0.32
CA GLN A 10 2.81 5.86 -0.93
C GLN A 10 2.70 4.67 -1.88
N LEU A 11 3.58 3.72 -1.71
CA LEU A 11 3.54 2.49 -2.54
C LEU A 11 2.18 1.84 -2.29
N ILE A 12 1.75 1.87 -1.06
CA ILE A 12 0.41 1.30 -0.70
C ILE A 12 -0.66 2.10 -1.42
N VAL A 13 -0.59 3.40 -1.33
CA VAL A 13 -1.61 4.26 -1.98
C VAL A 13 -1.82 3.86 -3.44
N GLN A 14 -0.80 3.93 -4.24
CA GLN A 14 -0.97 3.55 -5.67
C GLN A 14 -1.50 2.11 -5.72
N ALA A 15 -1.23 1.36 -4.69
CA ALA A 15 -1.70 -0.06 -4.65
C ALA A 15 -3.23 -0.12 -4.45
N ILE A 16 -3.73 0.57 -3.47
CA ILE A 16 -5.20 0.54 -3.19
C ILE A 16 -5.94 1.60 -4.00
N SER A 17 -5.57 2.85 -3.83
CA SER A 17 -6.28 3.93 -4.58
C SER A 17 -6.22 3.65 -6.09
N SER A 18 -5.11 3.22 -6.59
CA SER A 18 -5.00 2.95 -8.05
C SER A 18 -5.67 1.60 -8.38
N ALA A 19 -5.89 0.79 -7.39
CA ALA A 19 -6.54 -0.53 -7.65
C ALA A 19 -7.94 -0.31 -8.22
N GLN A 20 -8.80 -1.28 -8.15
CA GLN A 20 -10.17 -1.09 -8.70
C GLN A 20 -10.82 0.11 -8.01
N ASP A 21 -11.38 -0.07 -6.85
CA ASP A 21 -12.02 1.08 -6.14
C ASP A 21 -10.98 1.75 -5.24
N ARG A 22 -10.65 1.13 -4.14
CA ARG A 22 -9.64 1.72 -3.21
C ARG A 22 -9.45 0.80 -2.00
N GLN A 23 -9.66 -0.48 -2.18
CA GLN A 23 -9.51 -1.42 -1.05
C GLN A 23 -8.60 -2.59 -1.46
N LEU A 24 -7.80 -3.08 -0.55
CA LEU A 24 -6.92 -4.22 -0.88
C LEU A 24 -6.83 -5.15 0.32
N THR A 25 -6.64 -6.41 0.09
CA THR A 25 -6.51 -7.34 1.23
C THR A 25 -5.10 -7.19 1.77
N LEU A 26 -4.78 -7.80 2.87
CA LEU A 26 -3.40 -7.63 3.39
C LEU A 26 -2.41 -8.08 2.31
N SER A 27 -2.72 -9.13 1.61
CA SER A 27 -1.80 -9.62 0.54
C SER A 27 -2.28 -9.15 -0.85
N GLY A 28 -2.88 -8.00 -0.94
CA GLY A 28 -3.36 -7.51 -2.27
C GLY A 28 -2.35 -6.49 -2.80
N ILE A 29 -1.88 -5.68 -1.92
CA ILE A 29 -0.88 -4.64 -2.28
C ILE A 29 0.32 -5.28 -2.98
N TYR A 30 0.69 -6.43 -2.52
CA TYR A 30 1.86 -7.12 -3.14
C TYR A 30 1.51 -7.51 -4.58
N ALA A 31 0.39 -8.13 -4.79
CA ALA A 31 0.01 -8.49 -6.18
C ALA A 31 -0.21 -7.22 -6.99
N HIS A 32 -0.35 -6.09 -6.33
CA HIS A 32 -0.58 -4.82 -7.07
C HIS A 32 0.72 -4.28 -7.69
N ILE A 33 1.55 -3.65 -6.90
CA ILE A 33 2.83 -3.08 -7.43
C ILE A 33 3.66 -4.17 -8.10
N THR A 34 3.71 -5.34 -7.54
CA THR A 34 4.54 -6.42 -8.18
C THR A 34 4.06 -6.66 -9.60
N LYS A 35 2.80 -6.40 -9.88
CA LYS A 35 2.28 -6.62 -11.25
C LYS A 35 2.66 -5.45 -12.16
N HIS A 36 2.81 -4.28 -11.61
CA HIS A 36 3.19 -3.11 -12.45
C HIS A 36 4.65 -2.73 -12.21
N TYR A 37 5.36 -3.53 -11.46
CA TYR A 37 6.78 -3.21 -11.19
C TYR A 37 7.63 -4.47 -11.40
N PRO A 38 8.60 -4.37 -12.27
CA PRO A 38 9.50 -5.49 -12.58
C PRO A 38 10.56 -5.68 -11.48
N TYR A 39 10.66 -4.74 -10.58
CA TYR A 39 11.68 -4.89 -9.50
C TYR A 39 11.09 -5.76 -8.38
N TYR A 40 9.86 -5.56 -8.05
CA TYR A 40 9.23 -6.38 -6.97
C TYR A 40 8.72 -7.70 -7.57
N ARG A 41 9.56 -8.69 -7.61
CA ARG A 41 9.13 -10.00 -8.18
C ARG A 41 9.80 -11.13 -7.39
N THR A 42 11.03 -11.43 -7.70
CA THR A 42 11.74 -12.52 -6.96
C THR A 42 12.48 -11.92 -5.78
N ALA A 43 12.16 -10.70 -5.42
CA ALA A 43 12.85 -10.05 -4.27
C ALA A 43 11.85 -9.21 -3.47
N ASP A 44 10.87 -9.84 -2.88
CA ASP A 44 9.87 -9.06 -2.09
C ASP A 44 10.11 -9.29 -0.60
N LYS A 45 11.21 -9.90 -0.25
CA LYS A 45 11.50 -10.15 1.19
C LYS A 45 12.06 -8.87 1.84
N GLY A 46 11.21 -7.93 2.14
CA GLY A 46 11.68 -6.67 2.78
C GLY A 46 10.48 -5.75 3.01
N TRP A 47 9.70 -5.53 1.99
CA TRP A 47 8.52 -4.63 2.14
C TRP A 47 7.27 -5.48 2.36
N GLN A 48 7.43 -6.68 2.82
CA GLN A 48 6.25 -7.55 3.06
C GLN A 48 5.65 -7.21 4.42
N ASN A 49 6.38 -7.44 5.48
CA ASN A 49 5.86 -7.11 6.83
C ASN A 49 5.86 -5.59 7.02
N SER A 50 6.56 -4.89 6.18
CA SER A 50 6.60 -3.40 6.31
C SER A 50 5.24 -2.82 5.93
N ILE A 51 4.56 -3.44 5.00
CA ILE A 51 3.22 -2.91 4.58
C ILE A 51 2.21 -3.09 5.72
N ARG A 52 1.99 -4.29 6.17
CA ARG A 52 0.99 -4.50 7.26
C ARG A 52 1.25 -3.50 8.39
N HIS A 53 2.49 -3.17 8.62
CA HIS A 53 2.81 -2.20 9.69
C HIS A 53 2.47 -0.78 9.22
N ASN A 54 2.70 -0.49 7.97
CA ASN A 54 2.41 0.88 7.43
C ASN A 54 0.91 1.16 7.33
N LEU A 55 0.09 0.16 7.14
CA LEU A 55 -1.37 0.44 7.03
C LEU A 55 -1.94 0.77 8.41
N SER A 56 -1.21 0.50 9.45
CA SER A 56 -1.71 0.80 10.83
C SER A 56 -1.28 2.21 11.24
N LEU A 57 -0.02 2.52 11.11
CA LEU A 57 0.47 3.87 11.52
C LEU A 57 0.11 4.91 10.46
N ASN A 58 0.17 4.53 9.21
CA ASN A 58 -0.15 5.50 8.12
C ASN A 58 -1.43 6.26 8.49
N ARG A 59 -1.34 7.55 8.61
CA ARG A 59 -2.55 8.34 8.98
C ARG A 59 -3.60 8.25 7.88
N TYR A 60 -3.20 8.05 6.66
CA TYR A 60 -4.22 7.98 5.56
C TYR A 60 -4.54 6.52 5.22
N PHE A 61 -4.33 5.62 6.15
CA PHE A 61 -4.63 4.19 5.88
C PHE A 61 -5.42 3.63 7.08
N ILE A 62 -6.41 2.82 6.83
CA ILE A 62 -7.21 2.27 7.95
C ILE A 62 -7.83 0.93 7.55
N LYS A 63 -8.29 0.16 8.51
CA LYS A 63 -8.90 -1.15 8.18
C LYS A 63 -10.43 -1.03 8.23
N VAL A 64 -11.12 -2.01 7.70
CA VAL A 64 -12.61 -1.97 7.72
C VAL A 64 -13.15 -3.27 8.32
N PRO A 65 -14.31 -3.19 8.91
CA PRO A 65 -14.97 -4.35 9.54
C PRO A 65 -15.59 -5.26 8.47
N ARG A 66 -16.43 -6.18 8.87
CA ARG A 66 -17.06 -7.09 7.88
C ARG A 66 -18.54 -7.29 8.23
N SER A 67 -18.89 -8.40 8.83
CA SER A 67 -20.31 -8.64 9.20
C SER A 67 -20.40 -9.72 10.27
N GLN A 68 -19.59 -10.74 10.16
CA GLN A 68 -19.62 -11.84 11.16
C GLN A 68 -18.31 -11.86 11.95
N GLU A 69 -18.32 -12.43 13.12
CA GLU A 69 -17.07 -12.49 13.94
C GLU A 69 -16.84 -13.93 14.40
N GLU A 70 -17.30 -14.88 13.65
CA GLU A 70 -17.11 -16.31 14.04
C GLU A 70 -15.70 -16.78 13.68
N PRO A 71 -15.30 -16.56 12.45
CA PRO A 71 -13.97 -16.97 11.97
C PRO A 71 -12.87 -16.02 12.45
N GLY A 72 -13.16 -14.74 12.52
CA GLY A 72 -12.13 -13.78 12.98
C GLY A 72 -12.75 -12.39 13.19
N LYS A 73 -11.98 -11.36 12.99
CA LYS A 73 -12.53 -9.98 13.17
C LYS A 73 -12.54 -9.25 11.82
N GLY A 74 -11.42 -8.69 11.44
CA GLY A 74 -11.38 -7.97 10.14
C GLY A 74 -10.10 -8.35 9.38
N SER A 75 -10.16 -8.34 8.08
CA SER A 75 -8.96 -8.72 7.27
C SER A 75 -8.83 -7.75 6.08
N PHE A 76 -9.92 -7.38 5.48
CA PHE A 76 -9.87 -6.45 4.32
C PHE A 76 -9.59 -5.03 4.83
N TRP A 77 -8.56 -4.40 4.33
CA TRP A 77 -8.24 -3.01 4.77
C TRP A 77 -8.17 -2.10 3.54
N ARG A 78 -8.28 -0.82 3.73
CA ARG A 78 -8.22 0.12 2.57
C ARG A 78 -7.65 1.46 3.02
N ILE A 79 -7.62 2.42 2.12
CA ILE A 79 -7.09 3.76 2.50
C ILE A 79 -8.27 4.67 2.85
N ASP A 80 -8.04 5.70 3.63
CA ASP A 80 -9.16 6.60 3.99
C ASP A 80 -9.75 7.19 2.70
N PRO A 81 -11.02 7.49 2.75
CA PRO A 81 -11.75 8.04 1.59
C PRO A 81 -11.48 9.54 1.42
N ALA A 82 -11.41 10.29 2.49
CA ALA A 82 -11.17 11.75 2.35
C ALA A 82 -9.68 12.04 2.38
N SER A 83 -8.86 11.03 2.30
CA SER A 83 -7.40 11.27 2.30
C SER A 83 -6.81 10.70 1.01
N GLU A 84 -7.59 10.00 0.25
CA GLU A 84 -7.05 9.42 -1.02
C GLU A 84 -6.51 10.52 -1.92
N ALA A 85 -7.21 11.60 -2.06
CA ALA A 85 -6.69 12.69 -2.94
C ALA A 85 -5.37 13.22 -2.38
N LYS A 86 -5.12 12.99 -1.12
CA LYS A 86 -3.84 13.49 -0.50
C LYS A 86 -2.75 12.43 -0.65
N LEU A 87 -2.99 11.23 -0.16
CA LEU A 87 -1.97 10.17 -0.25
C LEU A 87 -1.53 9.99 -1.70
N VAL A 88 -2.46 9.78 -2.56
CA VAL A 88 -2.13 9.59 -3.99
C VAL A 88 -1.10 10.63 -4.42
N GLU A 89 -1.11 11.79 -3.82
CA GLU A 89 -0.13 12.84 -4.22
C GLU A 89 1.27 12.25 -4.14
N GLN A 90 1.61 11.66 -3.03
CA GLN A 90 2.95 11.04 -2.90
C GLN A 90 2.98 9.76 -3.74
N ALA A 91 1.82 9.24 -4.08
CA ALA A 91 1.78 7.99 -4.90
C ALA A 91 2.38 8.25 -6.28
N PHE A 92 1.90 9.24 -6.99
CA PHE A 92 2.46 9.54 -8.33
C PHE A 92 3.87 10.11 -8.19
N ARG A 93 4.17 10.69 -7.06
CA ARG A 93 5.52 11.26 -6.86
C ARG A 93 6.55 10.14 -6.80
N LYS A 94 7.78 10.41 -7.15
CA LYS A 94 8.81 9.35 -7.11
C LYS A 94 9.99 9.80 -6.24
N ARG A 95 10.90 8.91 -5.96
CA ARG A 95 12.08 9.29 -5.12
C ARG A 95 13.35 8.70 -5.74
N ARG A 96 14.48 9.09 -5.25
CA ARG A 96 15.76 8.56 -5.82
C ARG A 96 16.93 9.05 -4.98
N GLN A 97 17.81 8.17 -4.59
CA GLN A 97 18.98 8.60 -3.78
C GLN A 97 20.10 9.08 -4.71
N ARG A 98 21.00 8.20 -5.06
CA ARG A 98 22.11 8.60 -5.97
C ARG A 98 22.39 7.47 -6.96
N GLY A 99 21.36 6.84 -7.45
CA GLY A 99 21.57 5.73 -8.42
C GLY A 99 20.66 5.93 -9.63
N VAL A 100 21.13 5.66 -10.81
CA VAL A 100 20.29 5.84 -12.02
C VAL A 100 19.57 4.54 -12.35
N SER A 101 18.65 4.56 -13.27
CA SER A 101 17.92 3.32 -13.64
C SER A 101 18.83 2.41 -14.47
N GLU A 1 19.27 -7.17 1.45
CA GLU A 1 19.18 -5.86 0.76
C GLU A 1 18.02 -5.89 -0.24
N SER A 2 17.35 -4.79 -0.43
CA SER A 2 16.21 -4.76 -1.39
C SER A 2 16.23 -3.44 -2.16
N LYS A 3 15.28 -3.24 -3.04
CA LYS A 3 15.25 -1.98 -3.83
C LYS A 3 13.85 -1.38 -3.74
N PRO A 4 13.64 -0.54 -2.77
CA PRO A 4 12.35 0.12 -2.53
C PRO A 4 12.16 1.29 -3.50
N PRO A 5 11.25 1.13 -4.43
CA PRO A 5 10.94 2.16 -5.43
C PRO A 5 10.03 3.22 -4.79
N TYR A 6 8.89 2.80 -4.34
CA TYR A 6 7.96 3.75 -3.69
C TYR A 6 7.99 3.52 -2.18
N SER A 7 7.89 4.56 -1.40
CA SER A 7 7.91 4.36 0.07
C SER A 7 6.94 3.23 0.40
N TYR A 8 6.94 2.71 1.59
CA TYR A 8 5.99 1.61 1.89
C TYR A 8 4.67 2.20 2.38
N ALA A 9 4.55 3.49 2.34
CA ALA A 9 3.27 4.14 2.76
C ALA A 9 2.66 4.80 1.51
N GLN A 10 3.49 5.23 0.61
CA GLN A 10 3.01 5.84 -0.65
C GLN A 10 2.83 4.71 -1.65
N LEU A 11 3.68 3.73 -1.56
CA LEU A 11 3.58 2.54 -2.44
C LEU A 11 2.19 1.95 -2.26
N ILE A 12 1.71 2.00 -1.04
CA ILE A 12 0.36 1.46 -0.73
C ILE A 12 -0.68 2.37 -1.38
N VAL A 13 -0.52 3.65 -1.21
CA VAL A 13 -1.50 4.60 -1.80
C VAL A 13 -1.69 4.28 -3.27
N GLN A 14 -0.70 3.74 -3.92
CA GLN A 14 -0.87 3.40 -5.36
C GLN A 14 -1.74 2.14 -5.45
N ALA A 15 -1.57 1.23 -4.52
CA ALA A 15 -2.36 -0.02 -4.53
C ALA A 15 -3.85 0.32 -4.48
N ILE A 16 -4.29 1.02 -3.46
CA ILE A 16 -5.75 1.34 -3.38
C ILE A 16 -6.08 2.60 -4.19
N SER A 17 -5.11 3.34 -4.60
CA SER A 17 -5.40 4.56 -5.40
C SER A 17 -6.13 4.12 -6.66
N SER A 18 -6.05 2.85 -6.97
CA SER A 18 -6.73 2.33 -8.18
C SER A 18 -8.21 2.13 -7.89
N ALA A 19 -8.56 1.86 -6.67
CA ALA A 19 -10.00 1.65 -6.35
C ALA A 19 -10.49 2.74 -5.37
N GLN A 20 -11.68 3.25 -5.59
CA GLN A 20 -12.21 4.32 -4.68
C GLN A 20 -11.90 3.97 -3.23
N ASP A 21 -12.83 3.36 -2.53
CA ASP A 21 -12.55 2.96 -1.12
C ASP A 21 -11.91 1.58 -1.15
N ARG A 22 -10.88 1.44 -1.92
CA ARG A 22 -10.22 0.13 -2.05
C ARG A 22 -9.72 -0.37 -0.70
N GLN A 23 -10.02 -1.59 -0.41
CA GLN A 23 -9.57 -2.20 0.86
C GLN A 23 -8.81 -3.48 0.49
N LEU A 24 -7.58 -3.33 0.11
CA LEU A 24 -6.79 -4.52 -0.30
C LEU A 24 -6.30 -5.26 0.94
N THR A 25 -6.19 -6.55 0.85
CA THR A 25 -5.69 -7.31 2.01
C THR A 25 -4.18 -7.15 2.06
N LEU A 26 -3.53 -7.75 3.00
CA LEU A 26 -2.05 -7.60 3.06
C LEU A 26 -1.45 -8.23 1.80
N SER A 27 -2.02 -9.31 1.33
CA SER A 27 -1.49 -9.97 0.11
C SER A 27 -2.11 -9.34 -1.16
N GLY A 28 -2.64 -8.15 -1.05
CA GLY A 28 -3.23 -7.50 -2.26
C GLY A 28 -2.20 -6.49 -2.77
N ILE A 29 -1.79 -5.63 -1.89
CA ILE A 29 -0.78 -4.62 -2.20
C ILE A 29 0.45 -5.30 -2.75
N TYR A 30 0.60 -6.54 -2.45
CA TYR A 30 1.77 -7.28 -2.96
C TYR A 30 1.53 -7.60 -4.42
N ALA A 31 0.35 -8.02 -4.74
CA ALA A 31 0.03 -8.30 -6.17
C ALA A 31 0.06 -6.96 -6.91
N HIS A 32 -0.06 -5.88 -6.20
CA HIS A 32 -0.03 -4.53 -6.82
C HIS A 32 1.34 -4.30 -7.47
N ILE A 33 2.28 -3.86 -6.69
CA ILE A 33 3.64 -3.56 -7.23
C ILE A 33 4.23 -4.80 -7.92
N THR A 34 3.96 -5.97 -7.44
CA THR A 34 4.53 -7.18 -8.11
C THR A 34 4.09 -7.22 -9.57
N LYS A 35 2.94 -6.68 -9.86
CA LYS A 35 2.45 -6.67 -11.27
C LYS A 35 3.16 -5.56 -12.05
N HIS A 36 3.10 -4.34 -11.57
CA HIS A 36 3.78 -3.23 -12.29
C HIS A 36 5.29 -3.36 -12.13
N TYR A 37 5.78 -3.27 -10.92
CA TYR A 37 7.25 -3.40 -10.70
C TYR A 37 7.62 -4.89 -10.76
N PRO A 38 8.42 -5.26 -11.74
CA PRO A 38 8.84 -6.66 -11.93
C PRO A 38 9.93 -7.06 -10.92
N TYR A 39 10.73 -6.14 -10.49
CA TYR A 39 11.81 -6.49 -9.52
C TYR A 39 11.17 -7.06 -8.25
N TYR A 40 10.14 -6.43 -7.76
CA TYR A 40 9.47 -6.94 -6.52
C TYR A 40 8.73 -8.23 -6.84
N ARG A 41 9.34 -9.36 -6.60
CA ARG A 41 8.67 -10.66 -6.89
C ARG A 41 9.54 -11.80 -6.37
N THR A 42 10.78 -11.84 -6.74
CA THR A 42 11.69 -12.93 -6.26
C THR A 42 12.42 -12.46 -5.00
N ALA A 43 12.08 -11.31 -4.50
CA ALA A 43 12.76 -10.81 -3.27
C ALA A 43 11.74 -10.07 -2.40
N ASP A 44 10.63 -10.70 -2.10
CA ASP A 44 9.60 -10.04 -1.26
C ASP A 44 10.19 -9.73 0.13
N LYS A 45 11.32 -10.29 0.44
CA LYS A 45 11.94 -10.02 1.77
C LYS A 45 12.45 -8.58 1.81
N GLY A 46 11.59 -7.65 2.11
CA GLY A 46 12.01 -6.21 2.16
C GLY A 46 10.81 -5.31 2.46
N TRP A 47 9.65 -5.63 1.94
CA TRP A 47 8.45 -4.79 2.19
C TRP A 47 7.27 -5.70 2.55
N GLN A 48 7.49 -7.00 2.62
CA GLN A 48 6.40 -7.95 2.95
C GLN A 48 5.50 -7.41 4.08
N ASN A 49 5.60 -7.93 5.28
CA ASN A 49 4.73 -7.45 6.39
C ASN A 49 5.00 -5.98 6.67
N SER A 50 6.12 -5.46 6.26
CA SER A 50 6.40 -4.02 6.51
C SER A 50 5.22 -3.20 5.97
N ILE A 51 4.55 -3.74 4.99
CA ILE A 51 3.38 -3.03 4.38
C ILE A 51 2.22 -2.99 5.40
N ARG A 52 1.76 -4.13 5.82
CA ARG A 52 0.64 -4.14 6.82
C ARG A 52 1.01 -3.20 7.96
N HIS A 53 2.19 -3.34 8.47
CA HIS A 53 2.64 -2.47 9.59
C HIS A 53 2.70 -1.02 9.12
N ASN A 54 2.98 -0.82 7.86
CA ASN A 54 3.07 0.57 7.32
C ASN A 54 1.67 1.21 7.27
N LEU A 55 0.86 0.76 6.37
CA LEU A 55 -0.51 1.33 6.24
C LEU A 55 -1.32 1.09 7.52
N SER A 56 -0.81 0.29 8.42
CA SER A 56 -1.56 0.05 9.68
C SER A 56 -1.27 1.19 10.65
N LEU A 57 -0.03 1.59 10.74
CA LEU A 57 0.33 2.70 11.66
C LEU A 57 0.23 4.04 10.92
N ASN A 58 -0.23 4.02 9.69
CA ASN A 58 -0.33 5.30 8.91
C ASN A 58 -1.61 6.03 9.32
N ARG A 59 -1.75 7.26 8.90
CA ARG A 59 -2.96 8.04 9.27
C ARG A 59 -4.06 7.88 8.23
N TYR A 60 -3.73 7.75 6.97
CA TYR A 60 -4.80 7.59 5.94
C TYR A 60 -5.17 6.13 5.76
N PHE A 61 -4.29 5.22 6.00
CA PHE A 61 -4.64 3.80 5.79
C PHE A 61 -5.46 3.26 6.96
N ILE A 62 -6.70 2.95 6.68
CA ILE A 62 -7.60 2.40 7.73
C ILE A 62 -7.90 0.93 7.43
N LYS A 63 -8.75 0.30 8.20
CA LYS A 63 -9.06 -1.12 7.94
C LYS A 63 -10.58 -1.31 7.82
N VAL A 64 -11.02 -2.42 7.28
CA VAL A 64 -12.48 -2.65 7.16
C VAL A 64 -13.12 -2.61 8.56
N PRO A 65 -12.58 -3.40 9.44
CA PRO A 65 -13.06 -3.49 10.83
C PRO A 65 -12.53 -2.31 11.64
N ARG A 66 -12.83 -2.26 12.91
CA ARG A 66 -12.33 -1.14 13.75
C ARG A 66 -11.89 -1.68 15.11
N SER A 67 -10.94 -1.04 15.74
CA SER A 67 -10.48 -1.53 17.07
C SER A 67 -10.34 -0.35 18.04
N GLN A 68 -10.20 -0.63 19.30
CA GLN A 68 -10.06 0.47 20.30
C GLN A 68 -8.72 0.34 21.02
N GLU A 69 -7.64 0.38 20.30
CA GLU A 69 -6.31 0.27 20.95
C GLU A 69 -5.21 0.49 19.90
N GLU A 70 -5.18 -0.33 18.89
CA GLU A 70 -4.13 -0.17 17.84
C GLU A 70 -4.46 -1.08 16.64
N PRO A 71 -4.13 -0.60 15.47
CA PRO A 71 -4.37 -1.34 14.22
C PRO A 71 -3.32 -2.44 14.03
N GLY A 72 -3.72 -3.67 14.14
CA GLY A 72 -2.75 -4.79 13.97
C GLY A 72 -3.41 -5.94 13.21
N LYS A 73 -4.08 -6.82 13.91
CA LYS A 73 -4.74 -7.97 13.22
C LYS A 73 -5.88 -7.45 12.33
N GLY A 74 -5.77 -7.64 11.04
CA GLY A 74 -6.83 -7.16 10.12
C GLY A 74 -6.71 -7.91 8.78
N SER A 75 -7.45 -7.50 7.79
CA SER A 75 -7.36 -8.20 6.48
C SER A 75 -7.60 -7.19 5.33
N PHE A 76 -8.81 -7.08 4.87
CA PHE A 76 -9.10 -6.12 3.77
C PHE A 76 -9.05 -4.68 4.30
N TRP A 77 -7.88 -4.09 4.33
CA TRP A 77 -7.78 -2.70 4.84
C TRP A 77 -7.87 -1.71 3.66
N ARG A 78 -8.55 -0.61 3.85
CA ARG A 78 -8.70 0.40 2.75
C ARG A 78 -8.14 1.74 3.20
N ILE A 79 -7.87 2.63 2.28
CA ILE A 79 -7.36 3.98 2.67
C ILE A 79 -8.53 4.95 2.69
N ASP A 80 -8.41 6.03 3.42
CA ASP A 80 -9.52 7.01 3.51
C ASP A 80 -9.85 7.57 2.12
N PRO A 81 -11.10 7.87 1.91
CA PRO A 81 -11.58 8.41 0.63
C PRO A 81 -11.31 9.92 0.54
N ALA A 82 -11.51 10.63 1.62
CA ALA A 82 -11.27 12.11 1.59
C ALA A 82 -9.78 12.40 1.75
N SER A 83 -9.01 11.43 2.14
CA SER A 83 -7.55 11.65 2.30
C SER A 83 -6.83 11.13 1.06
N GLU A 84 -7.52 10.42 0.22
CA GLU A 84 -6.86 9.85 -0.99
C GLU A 84 -6.27 10.98 -1.83
N ALA A 85 -7.09 11.89 -2.29
CA ALA A 85 -6.56 13.01 -3.14
C ALA A 85 -5.25 13.53 -2.53
N LYS A 86 -5.06 13.37 -1.26
CA LYS A 86 -3.81 13.85 -0.62
C LYS A 86 -2.70 12.80 -0.78
N LEU A 87 -2.88 11.65 -0.18
CA LEU A 87 -1.84 10.59 -0.29
C LEU A 87 -1.48 10.35 -1.75
N VAL A 88 -2.43 9.98 -2.53
CA VAL A 88 -2.17 9.71 -3.96
C VAL A 88 -1.23 10.77 -4.56
N GLU A 89 -1.27 11.96 -4.06
CA GLU A 89 -0.39 13.03 -4.63
C GLU A 89 1.05 12.53 -4.64
N GLN A 90 1.53 12.02 -3.55
CA GLN A 90 2.92 11.50 -3.52
C GLN A 90 2.94 10.11 -4.16
N ALA A 91 1.78 9.52 -4.35
CA ALA A 91 1.74 8.17 -4.98
C ALA A 91 2.14 8.26 -6.46
N PHE A 92 1.38 8.96 -7.25
CA PHE A 92 1.73 9.06 -8.70
C PHE A 92 3.06 9.82 -8.83
N ARG A 93 3.50 10.44 -7.78
CA ARG A 93 4.79 11.19 -7.84
C ARG A 93 5.89 10.38 -7.16
N LYS A 94 7.08 10.40 -7.71
CA LYS A 94 8.19 9.63 -7.09
C LYS A 94 8.96 10.53 -6.10
N ARG A 95 9.23 10.03 -4.93
CA ARG A 95 9.97 10.86 -3.93
C ARG A 95 11.45 10.89 -4.30
N ARG A 96 11.82 11.74 -5.24
CA ARG A 96 13.25 11.82 -5.65
C ARG A 96 13.63 13.28 -5.87
N GLN A 97 13.53 14.10 -4.85
CA GLN A 97 13.90 15.53 -5.02
C GLN A 97 15.38 15.63 -5.38
N ARG A 98 16.20 14.78 -4.82
CA ARG A 98 17.65 14.83 -5.13
C ARG A 98 18.37 13.68 -4.40
N GLY A 99 18.01 13.44 -3.18
CA GLY A 99 18.68 12.33 -2.42
C GLY A 99 17.89 12.05 -1.14
N VAL A 100 17.88 12.99 -0.23
CA VAL A 100 17.13 12.77 1.05
C VAL A 100 16.63 14.11 1.58
N SER A 101 16.17 14.97 0.72
CA SER A 101 15.67 16.29 1.17
C SER A 101 14.47 16.09 2.10
N GLU A 1 21.11 2.44 -1.22
CA GLU A 1 20.26 2.00 -2.37
C GLU A 1 19.58 0.67 -2.01
N SER A 2 18.35 0.49 -2.42
CA SER A 2 17.65 -0.78 -2.11
C SER A 2 16.22 -0.74 -2.69
N LYS A 3 15.41 0.16 -2.22
CA LYS A 3 14.02 0.26 -2.74
C LYS A 3 13.78 1.67 -3.29
N PRO A 4 14.03 1.84 -4.56
CA PRO A 4 13.85 3.14 -5.25
C PRO A 4 12.42 3.40 -5.83
N PRO A 5 11.41 2.61 -5.55
CA PRO A 5 10.07 2.87 -6.11
C PRO A 5 9.35 3.96 -5.31
N TYR A 6 8.86 3.64 -4.15
CA TYR A 6 8.17 4.68 -3.32
C TYR A 6 8.33 4.36 -1.84
N SER A 7 8.32 5.36 -1.01
CA SER A 7 8.47 5.11 0.46
C SER A 7 7.51 4.01 0.86
N TYR A 8 7.57 3.56 2.08
CA TYR A 8 6.64 2.49 2.51
C TYR A 8 5.30 3.10 2.90
N ALA A 9 4.51 3.40 1.90
CA ALA A 9 3.17 4.01 2.12
C ALA A 9 2.53 4.23 0.75
N GLN A 10 3.33 4.46 -0.25
CA GLN A 10 2.80 4.67 -1.63
C GLN A 10 2.53 3.30 -2.27
N LEU A 11 3.35 2.31 -1.99
CA LEU A 11 3.07 0.98 -2.58
C LEU A 11 1.66 0.64 -2.21
N ILE A 12 1.18 1.20 -1.13
CA ILE A 12 -0.20 0.90 -0.74
C ILE A 12 -1.14 1.86 -1.45
N VAL A 13 -0.90 3.14 -1.38
CA VAL A 13 -1.80 4.11 -2.05
C VAL A 13 -2.01 3.67 -3.51
N GLN A 14 -0.99 3.72 -4.31
CA GLN A 14 -1.16 3.29 -5.74
C GLN A 14 -1.71 1.87 -5.76
N ALA A 15 -1.50 1.13 -4.72
CA ALA A 15 -1.98 -0.28 -4.66
C ALA A 15 -3.51 -0.33 -4.54
N ILE A 16 -4.07 0.22 -3.50
CA ILE A 16 -5.56 0.19 -3.31
C ILE A 16 -6.22 1.33 -4.10
N SER A 17 -5.75 2.53 -3.93
CA SER A 17 -6.37 3.68 -4.65
C SER A 17 -6.32 3.46 -6.16
N SER A 18 -5.21 3.02 -6.68
CA SER A 18 -5.09 2.80 -8.15
C SER A 18 -5.81 1.53 -8.56
N ALA A 19 -6.32 0.78 -7.62
CA ALA A 19 -7.03 -0.48 -7.98
C ALA A 19 -8.54 -0.25 -7.82
N GLN A 20 -9.34 -0.74 -8.73
CA GLN A 20 -10.81 -0.55 -8.61
C GLN A 20 -11.21 -0.81 -7.16
N ASP A 21 -10.51 -1.69 -6.50
CA ASP A 21 -10.83 -2.00 -5.08
C ASP A 21 -10.01 -1.08 -4.17
N ARG A 22 -10.59 -0.02 -3.67
CA ARG A 22 -9.85 0.90 -2.77
C ARG A 22 -9.42 0.18 -1.49
N GLN A 23 -9.89 -1.03 -1.30
CA GLN A 23 -9.50 -1.79 -0.07
C GLN A 23 -8.79 -3.08 -0.49
N LEU A 24 -7.53 -3.21 -0.18
CA LEU A 24 -6.79 -4.45 -0.57
C LEU A 24 -6.39 -5.22 0.68
N THR A 25 -6.34 -6.52 0.58
CA THR A 25 -5.93 -7.34 1.75
C THR A 25 -4.40 -7.27 1.87
N LEU A 26 -3.83 -7.93 2.83
CA LEU A 26 -2.35 -7.87 2.96
C LEU A 26 -1.72 -8.41 1.66
N SER A 27 -2.14 -9.56 1.21
CA SER A 27 -1.57 -10.13 -0.04
C SER A 27 -2.28 -9.56 -1.27
N GLY A 28 -2.92 -8.42 -1.13
CA GLY A 28 -3.59 -7.81 -2.31
C GLY A 28 -2.70 -6.71 -2.83
N ILE A 29 -2.26 -5.88 -1.92
CA ILE A 29 -1.35 -4.77 -2.25
C ILE A 29 -0.08 -5.31 -2.88
N TYR A 30 0.27 -6.51 -2.51
CA TYR A 30 1.52 -7.12 -3.06
C TYR A 30 1.30 -7.51 -4.51
N ALA A 31 0.23 -8.19 -4.81
CA ALA A 31 -0.03 -8.59 -6.21
C ALA A 31 -0.37 -7.34 -7.03
N HIS A 32 -0.72 -6.26 -6.36
CA HIS A 32 -1.07 -5.02 -7.10
C HIS A 32 0.20 -4.30 -7.59
N ILE A 33 0.95 -3.73 -6.69
CA ILE A 33 2.19 -2.99 -7.08
C ILE A 33 3.18 -3.91 -7.78
N THR A 34 3.19 -5.16 -7.43
CA THR A 34 4.17 -6.09 -8.08
C THR A 34 3.99 -6.03 -9.60
N LYS A 35 2.85 -5.61 -10.05
CA LYS A 35 2.63 -5.51 -11.52
C LYS A 35 3.11 -4.14 -12.02
N HIS A 36 3.04 -3.14 -11.19
CA HIS A 36 3.47 -1.79 -11.62
C HIS A 36 4.97 -1.60 -11.36
N TYR A 37 5.38 -1.62 -10.11
CA TYR A 37 6.82 -1.44 -9.81
C TYR A 37 7.56 -2.76 -10.07
N PRO A 38 8.68 -2.67 -10.75
CA PRO A 38 9.50 -3.85 -11.09
C PRO A 38 10.34 -4.32 -9.89
N TYR A 39 10.82 -3.40 -9.10
CA TYR A 39 11.64 -3.80 -7.92
C TYR A 39 10.81 -4.69 -6.99
N TYR A 40 9.55 -4.39 -6.83
CA TYR A 40 8.69 -5.23 -5.95
C TYR A 40 8.16 -6.43 -6.74
N ARG A 41 9.01 -7.10 -7.46
CA ARG A 41 8.55 -8.27 -8.25
C ARG A 41 9.14 -9.55 -7.66
N THR A 42 10.44 -9.71 -7.73
CA THR A 42 11.07 -10.94 -7.18
C THR A 42 11.43 -10.71 -5.70
N ALA A 43 12.00 -9.58 -5.39
CA ALA A 43 12.37 -9.30 -3.97
C ALA A 43 11.11 -8.96 -3.18
N ASP A 44 10.71 -9.80 -2.25
CA ASP A 44 9.48 -9.50 -1.46
C ASP A 44 9.66 -9.98 -0.01
N LYS A 45 10.85 -10.37 0.35
CA LYS A 45 11.07 -10.85 1.75
C LYS A 45 11.47 -9.67 2.63
N GLY A 46 10.58 -8.73 2.84
CA GLY A 46 10.92 -7.56 3.70
C GLY A 46 9.72 -6.62 3.77
N TRP A 47 9.25 -6.13 2.66
CA TRP A 47 8.09 -5.20 2.68
C TRP A 47 6.79 -5.98 2.81
N GLN A 48 6.87 -7.28 2.94
CA GLN A 48 5.63 -8.08 3.09
C GLN A 48 4.97 -7.69 4.41
N ASN A 49 5.59 -8.02 5.51
CA ASN A 49 5.01 -7.67 6.84
C ASN A 49 5.18 -6.16 7.06
N SER A 50 5.99 -5.52 6.26
CA SER A 50 6.20 -4.05 6.44
C SER A 50 4.92 -3.31 6.03
N ILE A 51 4.35 -3.65 4.91
CA ILE A 51 3.10 -2.96 4.45
C ILE A 51 2.04 -3.05 5.56
N ARG A 52 1.74 -4.24 6.01
CA ARG A 52 0.71 -4.41 7.06
C ARG A 52 0.99 -3.46 8.22
N HIS A 53 2.16 -3.53 8.79
CA HIS A 53 2.51 -2.66 9.93
C HIS A 53 2.62 -1.20 9.47
N ASN A 54 2.76 -0.97 8.19
CA ASN A 54 2.88 0.42 7.68
C ASN A 54 1.53 1.13 7.78
N LEU A 55 0.47 0.44 7.48
CA LEU A 55 -0.87 1.08 7.54
C LEU A 55 -1.26 1.38 8.99
N SER A 56 -0.43 1.00 9.92
CA SER A 56 -0.75 1.31 11.35
C SER A 56 -0.27 2.72 11.67
N LEU A 57 0.80 3.15 11.06
CA LEU A 57 1.32 4.52 11.31
C LEU A 57 0.68 5.51 10.33
N ASN A 58 0.80 5.24 9.05
CA ASN A 58 0.22 6.17 8.04
C ASN A 58 -1.17 6.62 8.49
N ARG A 59 -1.50 7.86 8.29
CA ARG A 59 -2.84 8.35 8.73
C ARG A 59 -3.86 8.19 7.59
N TYR A 60 -3.43 7.84 6.41
CA TYR A 60 -4.40 7.67 5.29
C TYR A 60 -4.57 6.20 4.94
N PHE A 61 -4.60 5.34 5.93
CA PHE A 61 -4.79 3.89 5.66
C PHE A 61 -5.61 3.28 6.79
N ILE A 62 -6.87 3.06 6.55
CA ILE A 62 -7.76 2.50 7.60
C ILE A 62 -8.05 1.03 7.31
N LYS A 63 -8.70 0.35 8.21
CA LYS A 63 -9.03 -1.08 8.00
C LYS A 63 -10.54 -1.26 8.03
N VAL A 64 -11.06 -2.11 7.19
CA VAL A 64 -12.54 -2.33 7.18
C VAL A 64 -12.87 -3.55 8.04
N PRO A 65 -13.60 -3.33 9.11
CA PRO A 65 -13.99 -4.41 10.03
C PRO A 65 -15.16 -5.22 9.44
N ARG A 66 -15.37 -6.41 9.94
CA ARG A 66 -16.48 -7.25 9.43
C ARG A 66 -17.54 -7.43 10.52
N SER A 67 -17.41 -8.44 11.31
CA SER A 67 -18.39 -8.67 12.41
C SER A 67 -17.74 -8.34 13.75
N GLN A 68 -18.50 -7.79 14.67
CA GLN A 68 -17.91 -7.44 15.99
C GLN A 68 -17.97 -8.65 16.92
N GLU A 69 -17.04 -9.57 16.79
CA GLU A 69 -17.06 -10.77 17.68
C GLU A 69 -15.88 -11.68 17.33
N GLU A 70 -15.99 -12.46 16.28
CA GLU A 70 -14.88 -13.36 15.90
C GLU A 70 -14.56 -13.18 14.42
N PRO A 71 -13.59 -12.35 14.14
CA PRO A 71 -13.16 -12.06 12.75
C PRO A 71 -12.27 -13.19 12.24
N GLY A 72 -12.82 -14.12 11.51
CA GLY A 72 -12.00 -15.24 10.98
C GLY A 72 -11.41 -14.84 9.62
N LYS A 73 -12.01 -15.25 8.55
CA LYS A 73 -11.49 -14.89 7.20
C LYS A 73 -12.08 -13.55 6.77
N GLY A 74 -11.88 -12.52 7.56
CA GLY A 74 -12.44 -11.18 7.20
C GLY A 74 -11.43 -10.09 7.55
N SER A 75 -10.49 -9.84 6.68
CA SER A 75 -9.48 -8.78 6.95
C SER A 75 -9.13 -8.08 5.64
N PHE A 76 -9.50 -6.83 5.50
CA PHE A 76 -9.19 -6.10 4.24
C PHE A 76 -8.71 -4.69 4.55
N TRP A 77 -7.55 -4.34 4.06
CA TRP A 77 -7.01 -2.97 4.31
C TRP A 77 -7.66 -1.99 3.33
N ARG A 78 -7.62 -0.72 3.64
CA ARG A 78 -8.24 0.27 2.72
C ARG A 78 -7.66 1.66 3.01
N ILE A 79 -7.72 2.56 2.07
CA ILE A 79 -7.19 3.93 2.32
C ILE A 79 -8.34 4.88 2.64
N ASP A 80 -8.08 5.93 3.37
CA ASP A 80 -9.18 6.88 3.72
C ASP A 80 -9.80 7.44 2.44
N PRO A 81 -11.07 7.77 2.52
CA PRO A 81 -11.83 8.32 1.38
C PRO A 81 -11.50 9.80 1.16
N ALA A 82 -11.44 10.57 2.22
CA ALA A 82 -11.14 12.02 2.06
C ALA A 82 -9.62 12.23 2.12
N SER A 83 -8.87 11.17 2.02
CA SER A 83 -7.40 11.31 2.03
C SER A 83 -6.86 10.79 0.72
N GLU A 84 -7.69 10.16 -0.07
CA GLU A 84 -7.22 9.61 -1.37
C GLU A 84 -6.67 10.74 -2.24
N ALA A 85 -6.90 11.97 -1.87
CA ALA A 85 -6.37 13.08 -2.71
C ALA A 85 -4.96 13.47 -2.20
N LYS A 86 -4.71 13.30 -0.93
CA LYS A 86 -3.38 13.67 -0.36
C LYS A 86 -2.44 12.46 -0.37
N LEU A 87 -2.96 11.27 -0.21
CA LEU A 87 -2.09 10.07 -0.20
C LEU A 87 -1.64 9.78 -1.62
N VAL A 88 -2.34 10.31 -2.55
CA VAL A 88 -2.01 10.09 -3.97
C VAL A 88 -0.98 11.12 -4.43
N GLU A 89 -0.97 12.26 -3.80
CA GLU A 89 -0.01 13.33 -4.22
C GLU A 89 1.40 12.74 -4.24
N GLN A 90 1.68 11.82 -3.36
CA GLN A 90 3.02 11.19 -3.36
C GLN A 90 2.98 9.98 -4.29
N ALA A 91 1.84 9.35 -4.40
CA ALA A 91 1.72 8.16 -5.29
C ALA A 91 2.18 8.53 -6.70
N PHE A 92 1.39 9.27 -7.42
CA PHE A 92 1.78 9.66 -8.80
C PHE A 92 3.22 10.21 -8.79
N ARG A 93 3.56 10.97 -7.79
CA ARG A 93 4.94 11.53 -7.72
C ARG A 93 5.94 10.41 -7.43
N LYS A 94 7.20 10.64 -7.69
CA LYS A 94 8.22 9.58 -7.44
C LYS A 94 9.11 10.01 -6.27
N ARG A 95 9.20 9.22 -5.25
CA ARG A 95 10.06 9.59 -4.08
C ARG A 95 11.39 8.86 -4.18
N ARG A 96 12.48 9.56 -3.98
CA ARG A 96 13.81 8.89 -4.06
C ARG A 96 14.59 9.15 -2.76
N GLN A 97 15.36 10.21 -2.72
CA GLN A 97 16.14 10.52 -1.48
C GLN A 97 16.43 12.02 -1.44
N ARG A 98 16.47 12.58 -0.26
CA ARG A 98 16.75 14.04 -0.14
C ARG A 98 17.99 14.24 0.74
N GLY A 99 18.86 15.14 0.37
CA GLY A 99 20.08 15.38 1.19
C GLY A 99 19.88 16.63 2.04
N VAL A 100 18.73 17.24 1.97
CA VAL A 100 18.48 18.47 2.78
C VAL A 100 16.98 18.77 2.78
N SER A 101 16.42 19.00 3.93
CA SER A 101 14.96 19.31 4.01
C SER A 101 14.70 20.69 3.40
N GLU A 1 17.79 -6.78 -1.75
CA GLU A 1 16.98 -5.97 -0.79
C GLU A 1 15.56 -5.80 -1.32
N SER A 2 15.42 -5.45 -2.57
CA SER A 2 14.05 -5.27 -3.14
C SER A 2 13.44 -3.99 -2.59
N LYS A 3 13.82 -2.86 -3.12
CA LYS A 3 13.26 -1.57 -2.61
C LYS A 3 13.12 -0.58 -3.77
N PRO A 4 11.93 -0.50 -4.31
CA PRO A 4 11.62 0.41 -5.42
C PRO A 4 11.43 1.83 -4.89
N PRO A 5 11.19 2.76 -5.78
CA PRO A 5 11.01 4.17 -5.42
C PRO A 5 9.60 4.44 -4.89
N TYR A 6 9.21 3.77 -3.83
CA TYR A 6 7.86 4.00 -3.27
C TYR A 6 7.86 3.67 -1.79
N SER A 7 7.81 4.68 -0.97
CA SER A 7 7.79 4.45 0.49
C SER A 7 6.75 3.39 0.79
N TYR A 8 6.73 2.88 1.99
CA TYR A 8 5.73 1.83 2.33
C TYR A 8 4.42 2.49 2.76
N ALA A 9 4.29 3.77 2.56
CA ALA A 9 3.04 4.48 2.93
C ALA A 9 2.36 4.95 1.64
N GLN A 10 3.15 5.37 0.67
CA GLN A 10 2.59 5.81 -0.63
C GLN A 10 2.55 4.60 -1.55
N LEU A 11 3.49 3.72 -1.38
CA LEU A 11 3.52 2.48 -2.20
C LEU A 11 2.15 1.81 -2.06
N ILE A 12 1.62 1.82 -0.86
CA ILE A 12 0.27 1.21 -0.63
C ILE A 12 -0.76 2.05 -1.37
N VAL A 13 -0.61 3.34 -1.32
CA VAL A 13 -1.58 4.24 -2.01
C VAL A 13 -1.77 3.78 -3.46
N GLN A 14 -0.72 3.68 -4.22
CA GLN A 14 -0.87 3.22 -5.63
C GLN A 14 -1.55 1.85 -5.62
N ALA A 15 -1.31 1.09 -4.59
CA ALA A 15 -1.91 -0.28 -4.51
C ALA A 15 -3.42 -0.18 -4.30
N ILE A 16 -3.84 0.10 -3.10
CA ILE A 16 -5.31 0.18 -2.81
C ILE A 16 -5.94 1.33 -3.59
N SER A 17 -5.37 2.50 -3.55
CA SER A 17 -5.97 3.65 -4.28
C SER A 17 -6.17 3.28 -5.75
N SER A 18 -5.18 2.69 -6.36
CA SER A 18 -5.32 2.30 -7.79
C SER A 18 -6.11 0.99 -7.91
N ALA A 19 -6.29 0.30 -6.82
CA ALA A 19 -7.04 -0.99 -6.87
C ALA A 19 -8.45 -0.74 -7.38
N GLN A 20 -9.28 -1.74 -7.38
CA GLN A 20 -10.69 -1.56 -7.87
C GLN A 20 -11.23 -0.24 -7.31
N ASP A 21 -11.78 -0.28 -6.13
CA ASP A 21 -12.33 0.97 -5.53
C ASP A 21 -11.21 1.66 -4.72
N ARG A 22 -10.82 1.07 -3.63
CA ARG A 22 -9.74 1.67 -2.80
C ARG A 22 -9.50 0.79 -1.57
N GLN A 23 -9.67 -0.50 -1.70
CA GLN A 23 -9.45 -1.41 -0.54
C GLN A 23 -8.72 -2.68 -0.99
N LEU A 24 -7.65 -3.03 -0.33
CA LEU A 24 -6.90 -4.25 -0.70
C LEU A 24 -6.68 -5.12 0.53
N THR A 25 -6.42 -6.39 0.33
CA THR A 25 -6.17 -7.27 1.49
C THR A 25 -4.69 -7.17 1.88
N LEU A 26 -4.26 -7.87 2.88
CA LEU A 26 -2.82 -7.78 3.26
C LEU A 26 -1.98 -8.27 2.08
N SER A 27 -2.44 -9.29 1.41
CA SER A 27 -1.67 -9.81 0.23
C SER A 27 -2.31 -9.29 -1.06
N GLY A 28 -2.89 -8.12 -1.02
CA GLY A 28 -3.51 -7.56 -2.26
C GLY A 28 -2.55 -6.52 -2.81
N ILE A 29 -2.07 -5.70 -1.94
CA ILE A 29 -1.12 -4.63 -2.31
C ILE A 29 0.08 -5.23 -3.02
N TYR A 30 0.42 -6.44 -2.69
CA TYR A 30 1.59 -7.09 -3.33
C TYR A 30 1.26 -7.45 -4.78
N ALA A 31 0.16 -8.11 -5.00
CA ALA A 31 -0.21 -8.48 -6.40
C ALA A 31 -0.52 -7.20 -7.19
N HIS A 32 -0.84 -6.14 -6.50
CA HIS A 32 -1.16 -4.86 -7.20
C HIS A 32 0.12 -4.17 -7.66
N ILE A 33 0.93 -3.74 -6.73
CA ILE A 33 2.20 -3.04 -7.06
C ILE A 33 3.10 -3.92 -7.92
N THR A 34 3.19 -5.18 -7.58
CA THR A 34 4.09 -6.10 -8.35
C THR A 34 3.68 -6.12 -9.83
N LYS A 35 2.52 -5.61 -10.16
CA LYS A 35 2.09 -5.61 -11.58
C LYS A 35 2.62 -4.37 -12.30
N HIS A 36 2.83 -3.29 -11.59
CA HIS A 36 3.34 -2.05 -12.24
C HIS A 36 4.87 -1.96 -12.12
N TYR A 37 5.39 -2.09 -10.92
CA TYR A 37 6.87 -2.00 -10.75
C TYR A 37 7.50 -3.34 -11.15
N PRO A 38 8.53 -3.27 -11.96
CA PRO A 38 9.25 -4.46 -12.42
C PRO A 38 10.20 -4.94 -11.31
N TYR A 39 10.23 -4.23 -10.21
CA TYR A 39 11.13 -4.63 -9.09
C TYR A 39 10.40 -5.66 -8.22
N TYR A 40 9.21 -5.35 -7.79
CA TYR A 40 8.45 -6.31 -6.95
C TYR A 40 7.77 -7.35 -7.83
N ARG A 41 8.46 -8.42 -8.13
CA ARG A 41 7.86 -9.48 -8.99
C ARG A 41 8.16 -10.85 -8.36
N THR A 42 9.38 -11.29 -8.45
CA THR A 42 9.75 -12.59 -7.85
C THR A 42 10.51 -12.36 -6.54
N ALA A 43 10.59 -11.12 -6.12
CA ALA A 43 11.32 -10.82 -4.85
C ALA A 43 10.38 -10.08 -3.89
N ASP A 44 10.48 -10.34 -2.62
CA ASP A 44 9.58 -9.65 -1.65
C ASP A 44 9.93 -10.10 -0.23
N LYS A 45 11.17 -10.41 0.00
CA LYS A 45 11.57 -10.87 1.37
C LYS A 45 12.00 -9.66 2.20
N GLY A 46 11.09 -8.76 2.47
CA GLY A 46 11.46 -7.57 3.28
C GLY A 46 10.24 -6.66 3.46
N TRP A 47 9.91 -5.86 2.49
CA TRP A 47 8.75 -4.94 2.63
C TRP A 47 7.47 -5.76 2.84
N GLN A 48 7.52 -7.04 2.65
CA GLN A 48 6.28 -7.86 2.86
C GLN A 48 5.67 -7.49 4.21
N ASN A 49 6.37 -7.75 5.28
CA ASN A 49 5.83 -7.41 6.63
C ASN A 49 5.85 -5.89 6.82
N SER A 50 6.49 -5.18 5.93
CA SER A 50 6.56 -3.70 6.05
C SER A 50 5.20 -3.07 5.75
N ILE A 51 4.53 -3.54 4.73
CA ILE A 51 3.19 -2.96 4.39
C ILE A 51 2.21 -3.18 5.54
N ARG A 52 2.09 -4.39 6.00
CA ARG A 52 1.13 -4.67 7.11
C ARG A 52 1.39 -3.73 8.31
N HIS A 53 2.61 -3.66 8.76
CA HIS A 53 2.91 -2.78 9.94
C HIS A 53 2.88 -1.30 9.54
N ASN A 54 3.07 -1.00 8.28
CA ASN A 54 3.06 0.42 7.84
C ASN A 54 1.64 0.99 7.90
N LEU A 55 0.68 0.21 7.50
CA LEU A 55 -0.73 0.69 7.50
C LEU A 55 -1.21 0.91 8.92
N SER A 56 -0.44 0.54 9.90
CA SER A 56 -0.85 0.77 11.31
C SER A 56 -0.38 2.16 11.74
N LEU A 57 0.68 2.64 11.12
CA LEU A 57 1.20 4.00 11.47
C LEU A 57 0.54 5.05 10.59
N ASN A 58 0.61 4.87 9.29
CA ASN A 58 -0.01 5.87 8.36
C ASN A 58 -1.42 6.23 8.84
N ARG A 59 -1.81 7.45 8.65
CA ARG A 59 -3.16 7.88 9.11
C ARG A 59 -4.20 7.71 7.98
N TYR A 60 -3.78 7.39 6.79
CA TYR A 60 -4.79 7.22 5.69
C TYR A 60 -5.18 5.75 5.56
N PHE A 61 -4.28 4.85 5.80
CA PHE A 61 -4.64 3.42 5.65
C PHE A 61 -5.43 2.96 6.87
N ILE A 62 -6.73 3.00 6.72
CA ILE A 62 -7.64 2.60 7.83
C ILE A 62 -7.96 1.10 7.71
N LYS A 63 -8.91 0.63 8.46
CA LYS A 63 -9.29 -0.82 8.39
C LYS A 63 -10.68 -0.95 7.79
N VAL A 64 -10.85 -1.88 6.88
CA VAL A 64 -12.20 -2.06 6.25
C VAL A 64 -13.17 -2.68 7.26
N PRO A 65 -12.76 -3.79 7.81
CA PRO A 65 -13.56 -4.54 8.81
C PRO A 65 -13.48 -3.86 10.18
N ARG A 66 -14.25 -4.33 11.12
CA ARG A 66 -14.21 -3.70 12.47
C ARG A 66 -15.03 -4.56 13.45
N SER A 67 -16.27 -4.80 13.16
CA SER A 67 -17.10 -5.62 14.08
C SER A 67 -18.13 -6.42 13.27
N GLN A 68 -17.82 -6.75 12.04
CA GLN A 68 -18.79 -7.52 11.22
C GLN A 68 -18.17 -8.88 10.85
N GLU A 69 -18.98 -9.82 10.46
CA GLU A 69 -18.43 -11.17 10.09
C GLU A 69 -18.60 -11.38 8.59
N GLU A 70 -17.91 -10.62 7.79
CA GLU A 70 -18.04 -10.78 6.31
C GLU A 70 -17.22 -11.99 5.85
N PRO A 71 -17.68 -12.63 4.81
CA PRO A 71 -17.01 -13.81 4.24
C PRO A 71 -15.81 -13.39 3.40
N GLY A 72 -14.65 -13.94 3.67
CA GLY A 72 -13.45 -13.57 2.89
C GLY A 72 -12.24 -14.37 3.40
N LYS A 73 -11.23 -13.70 3.87
CA LYS A 73 -10.03 -14.42 4.38
C LYS A 73 -9.90 -14.20 5.88
N GLY A 74 -9.70 -12.98 6.30
CA GLY A 74 -9.57 -12.70 7.75
C GLY A 74 -9.68 -11.20 7.99
N SER A 75 -9.11 -10.41 7.13
CA SER A 75 -9.19 -8.92 7.30
C SER A 75 -9.09 -8.25 5.93
N PHE A 76 -9.26 -6.95 5.90
CA PHE A 76 -9.18 -6.22 4.60
C PHE A 76 -8.64 -4.81 4.84
N TRP A 77 -7.54 -4.48 4.23
CA TRP A 77 -6.96 -3.12 4.44
C TRP A 77 -7.65 -2.11 3.52
N ARG A 78 -7.60 -0.85 3.87
CA ARG A 78 -8.25 0.19 3.03
C ARG A 78 -7.67 1.56 3.36
N ILE A 79 -7.76 2.50 2.45
CA ILE A 79 -7.23 3.87 2.73
C ILE A 79 -8.39 4.87 2.72
N ASP A 80 -8.23 6.00 3.34
CA ASP A 80 -9.34 6.99 3.39
C ASP A 80 -9.62 7.53 1.97
N PRO A 81 -10.88 7.72 1.69
CA PRO A 81 -11.34 8.22 0.38
C PRO A 81 -11.15 9.74 0.30
N ALA A 82 -11.48 10.43 1.35
CA ALA A 82 -11.33 11.92 1.34
C ALA A 82 -9.86 12.29 1.50
N SER A 83 -9.02 11.34 1.79
CA SER A 83 -7.58 11.65 1.93
C SER A 83 -6.84 10.97 0.79
N GLU A 84 -7.50 10.13 0.06
CA GLU A 84 -6.82 9.43 -1.07
C GLU A 84 -6.28 10.45 -2.06
N ALA A 85 -7.07 11.40 -2.46
CA ALA A 85 -6.56 12.43 -3.42
C ALA A 85 -5.28 13.05 -2.86
N LYS A 86 -5.10 12.99 -1.58
CA LYS A 86 -3.87 13.58 -0.97
C LYS A 86 -2.72 12.57 -1.05
N LEU A 87 -2.87 11.42 -0.43
CA LEU A 87 -1.79 10.41 -0.47
C LEU A 87 -1.35 10.16 -1.90
N VAL A 88 -2.25 9.73 -2.72
CA VAL A 88 -1.92 9.46 -4.13
C VAL A 88 -1.01 10.54 -4.71
N GLU A 89 -1.12 11.75 -4.23
CA GLU A 89 -0.27 12.84 -4.79
C GLU A 89 1.19 12.39 -4.73
N GLN A 90 1.64 11.94 -3.59
CA GLN A 90 3.04 11.47 -3.49
C GLN A 90 3.14 10.06 -4.09
N ALA A 91 2.02 9.42 -4.32
CA ALA A 91 2.04 8.05 -4.89
C ALA A 91 2.73 8.06 -6.25
N PHE A 92 2.41 9.02 -7.09
CA PHE A 92 3.04 9.07 -8.44
C PHE A 92 4.35 9.86 -8.37
N ARG A 93 4.59 10.55 -7.29
CA ARG A 93 5.85 11.35 -7.18
C ARG A 93 7.06 10.44 -7.30
N LYS A 94 7.94 10.72 -8.23
CA LYS A 94 9.16 9.88 -8.40
C LYS A 94 10.22 10.30 -7.37
N ARG A 95 10.68 9.38 -6.56
CA ARG A 95 11.70 9.73 -5.55
C ARG A 95 13.06 9.93 -6.23
N ARG A 96 13.80 10.91 -5.80
CA ARG A 96 15.15 11.15 -6.42
C ARG A 96 16.22 11.09 -5.34
N GLN A 97 16.38 9.96 -4.70
CA GLN A 97 17.41 9.84 -3.64
C GLN A 97 18.67 9.20 -4.22
N ARG A 98 19.82 9.65 -3.81
CA ARG A 98 21.09 9.07 -4.34
C ARG A 98 21.83 8.35 -3.21
N GLY A 99 21.28 8.35 -2.03
CA GLY A 99 21.95 7.65 -0.90
C GLY A 99 21.16 6.40 -0.52
N VAL A 100 19.86 6.48 -0.55
CA VAL A 100 19.03 5.29 -0.19
C VAL A 100 18.22 4.87 -1.42
N SER A 101 17.92 3.60 -1.54
CA SER A 101 17.14 3.13 -2.71
C SER A 101 17.76 3.69 -3.99
N GLU A 1 19.42 -7.45 -1.05
CA GLU A 1 19.26 -7.32 -2.53
C GLU A 1 17.81 -6.98 -2.87
N SER A 2 17.50 -5.71 -2.99
CA SER A 2 16.11 -5.32 -3.32
C SER A 2 16.08 -3.87 -3.81
N LYS A 3 15.23 -3.57 -4.75
CA LYS A 3 15.15 -2.18 -5.27
C LYS A 3 14.33 -1.33 -4.30
N PRO A 4 14.68 -0.08 -4.20
CA PRO A 4 13.98 0.88 -3.31
C PRO A 4 12.70 1.41 -3.99
N PRO A 5 11.57 0.98 -3.49
CA PRO A 5 10.26 1.40 -4.02
C PRO A 5 9.89 2.74 -3.38
N TYR A 6 8.65 3.15 -3.48
CA TYR A 6 8.28 4.42 -2.83
C TYR A 6 8.17 4.12 -1.34
N SER A 7 8.00 5.10 -0.50
CA SER A 7 7.91 4.79 0.95
C SER A 7 6.93 3.64 1.09
N TYR A 8 6.92 2.93 2.18
CA TYR A 8 5.96 1.81 2.29
C TYR A 8 4.58 2.35 2.68
N ALA A 9 4.44 3.65 2.63
CA ALA A 9 3.13 4.28 2.95
C ALA A 9 2.61 4.95 1.67
N GLN A 10 3.52 5.37 0.82
CA GLN A 10 3.13 6.00 -0.48
C GLN A 10 3.04 4.90 -1.52
N LEU A 11 3.76 3.83 -1.28
CA LEU A 11 3.75 2.68 -2.21
C LEU A 11 2.39 1.98 -2.06
N ILE A 12 1.85 2.02 -0.89
CA ILE A 12 0.51 1.40 -0.65
C ILE A 12 -0.56 2.24 -1.33
N VAL A 13 -0.46 3.53 -1.18
CA VAL A 13 -1.46 4.44 -1.79
C VAL A 13 -1.60 4.14 -3.29
N GLN A 14 -0.54 3.75 -3.92
CA GLN A 14 -0.64 3.42 -5.37
C GLN A 14 -1.39 2.10 -5.51
N ALA A 15 -1.24 1.25 -4.54
CA ALA A 15 -1.90 -0.08 -4.56
C ALA A 15 -3.43 0.06 -4.43
N ILE A 16 -3.92 0.67 -3.38
CA ILE A 16 -5.41 0.79 -3.22
C ILE A 16 -5.96 1.94 -4.06
N SER A 17 -5.18 2.95 -4.32
CA SER A 17 -5.69 4.07 -5.14
C SER A 17 -5.89 3.55 -6.55
N SER A 18 -5.30 2.42 -6.84
CA SER A 18 -5.46 1.83 -8.18
C SER A 18 -6.32 0.57 -8.06
N ALA A 19 -6.73 0.20 -6.88
CA ALA A 19 -7.57 -1.02 -6.76
C ALA A 19 -9.03 -0.61 -6.89
N GLN A 20 -9.84 -1.40 -7.57
CA GLN A 20 -11.28 -1.05 -7.71
C GLN A 20 -11.75 -0.48 -6.38
N ASP A 21 -11.69 -1.29 -5.36
CA ASP A 21 -12.08 -0.81 -4.02
C ASP A 21 -10.82 -0.29 -3.32
N ARG A 22 -10.87 0.89 -2.74
CA ARG A 22 -9.66 1.44 -2.04
C ARG A 22 -9.22 0.50 -0.92
N GLN A 23 -9.96 -0.56 -0.65
CA GLN A 23 -9.57 -1.51 0.42
C GLN A 23 -8.82 -2.69 -0.18
N LEU A 24 -7.61 -2.92 0.25
CA LEU A 24 -6.85 -4.07 -0.30
C LEU A 24 -6.56 -5.08 0.81
N THR A 25 -6.41 -6.32 0.48
CA THR A 25 -6.09 -7.32 1.53
C THR A 25 -4.61 -7.21 1.83
N LEU A 26 -4.14 -7.85 2.84
CA LEU A 26 -2.69 -7.75 3.14
C LEU A 26 -1.89 -8.30 1.95
N SER A 27 -2.43 -9.29 1.28
CA SER A 27 -1.72 -9.87 0.11
C SER A 27 -2.29 -9.30 -1.19
N GLY A 28 -2.81 -8.10 -1.17
CA GLY A 28 -3.37 -7.51 -2.43
C GLY A 28 -2.34 -6.55 -3.00
N ILE A 29 -1.83 -5.70 -2.16
CA ILE A 29 -0.83 -4.70 -2.58
C ILE A 29 0.35 -5.39 -3.24
N TYR A 30 0.61 -6.58 -2.84
CA TYR A 30 1.75 -7.32 -3.44
C TYR A 30 1.42 -7.64 -4.88
N ALA A 31 0.24 -8.11 -5.15
CA ALA A 31 -0.14 -8.39 -6.55
C ALA A 31 -0.21 -7.05 -7.30
N HIS A 32 -0.27 -5.97 -6.58
CA HIS A 32 -0.35 -4.63 -7.23
C HIS A 32 1.04 -4.22 -7.75
N ILE A 33 1.95 -3.94 -6.87
CA ILE A 33 3.32 -3.53 -7.30
C ILE A 33 3.97 -4.65 -8.12
N THR A 34 3.69 -5.87 -7.78
CA THR A 34 4.30 -6.99 -8.55
C THR A 34 3.89 -6.84 -10.02
N LYS A 35 2.78 -6.21 -10.28
CA LYS A 35 2.32 -6.01 -11.67
C LYS A 35 2.97 -4.75 -12.25
N HIS A 36 2.77 -3.62 -11.61
CA HIS A 36 3.38 -2.36 -12.12
C HIS A 36 4.90 -2.44 -11.93
N TYR A 37 5.34 -2.61 -10.72
CA TYR A 37 6.80 -2.73 -10.47
C TYR A 37 7.23 -4.14 -10.87
N PRO A 38 8.06 -4.23 -11.89
CA PRO A 38 8.54 -5.53 -12.40
C PRO A 38 9.60 -6.14 -11.49
N TYR A 39 10.46 -5.33 -10.92
CA TYR A 39 11.52 -5.88 -10.03
C TYR A 39 10.89 -6.58 -8.82
N TYR A 40 10.06 -5.88 -8.09
CA TYR A 40 9.43 -6.50 -6.90
C TYR A 40 8.68 -7.76 -7.32
N ARG A 41 9.26 -8.91 -7.13
CA ARG A 41 8.56 -10.18 -7.53
C ARG A 41 9.11 -11.35 -6.71
N THR A 42 10.20 -11.94 -7.14
CA THR A 42 10.76 -13.09 -6.38
C THR A 42 11.30 -12.61 -5.04
N ALA A 43 11.74 -11.38 -4.96
CA ALA A 43 12.28 -10.86 -3.67
C ALA A 43 11.16 -10.19 -2.89
N ASP A 44 11.00 -10.51 -1.63
CA ASP A 44 9.92 -9.88 -0.82
C ASP A 44 10.04 -10.31 0.64
N LYS A 45 11.23 -10.61 1.08
CA LYS A 45 11.40 -11.04 2.51
C LYS A 45 11.68 -9.81 3.38
N GLY A 46 10.98 -8.73 3.15
CA GLY A 46 11.22 -7.51 3.96
C GLY A 46 9.99 -6.59 3.89
N TRP A 47 9.70 -6.05 2.75
CA TRP A 47 8.53 -5.13 2.62
C TRP A 47 7.21 -5.89 2.80
N GLN A 48 7.27 -7.18 2.98
CA GLN A 48 6.01 -7.95 3.17
C GLN A 48 5.35 -7.53 4.50
N ASN A 49 6.02 -7.78 5.59
CA ASN A 49 5.44 -7.38 6.91
C ASN A 49 5.50 -5.86 7.04
N SER A 50 6.39 -5.24 6.31
CA SER A 50 6.50 -3.76 6.39
C SER A 50 5.20 -3.14 5.87
N ILE A 51 4.67 -3.66 4.79
CA ILE A 51 3.41 -3.11 4.23
C ILE A 51 2.30 -3.24 5.28
N ARG A 52 2.06 -4.42 5.77
CA ARG A 52 0.99 -4.62 6.78
C ARG A 52 1.12 -3.58 7.89
N HIS A 53 2.20 -3.65 8.63
CA HIS A 53 2.42 -2.69 9.75
C HIS A 53 2.43 -1.26 9.22
N ASN A 54 2.75 -1.07 7.98
CA ASN A 54 2.79 0.32 7.41
C ASN A 54 1.38 0.88 7.26
N LEU A 55 0.64 0.40 6.30
CA LEU A 55 -0.74 0.92 6.09
C LEU A 55 -1.60 0.70 7.35
N SER A 56 -1.11 -0.02 8.32
CA SER A 56 -1.92 -0.24 9.55
C SER A 56 -1.72 0.97 10.46
N LEU A 57 -0.48 1.27 10.77
CA LEU A 57 -0.20 2.43 11.65
C LEU A 57 0.00 3.68 10.78
N ASN A 58 -0.33 3.59 9.51
CA ASN A 58 -0.14 4.77 8.61
C ASN A 58 -1.06 5.91 9.03
N ARG A 59 -0.94 7.05 8.39
CA ARG A 59 -1.80 8.20 8.77
C ARG A 59 -3.08 8.21 7.93
N TYR A 60 -3.04 7.70 6.73
CA TYR A 60 -4.29 7.70 5.89
C TYR A 60 -4.84 6.28 5.76
N PHE A 61 -4.05 5.29 5.95
CA PHE A 61 -4.59 3.90 5.80
C PHE A 61 -5.40 3.53 7.04
N ILE A 62 -6.46 2.79 6.84
CA ILE A 62 -7.34 2.41 7.98
C ILE A 62 -7.76 0.95 7.84
N LYS A 63 -8.27 0.35 8.89
CA LYS A 63 -8.72 -1.07 8.79
C LYS A 63 -10.24 -1.14 8.98
N VAL A 64 -10.91 -1.97 8.24
CA VAL A 64 -12.39 -2.05 8.39
C VAL A 64 -12.80 -3.49 8.78
N PRO A 65 -12.66 -3.79 10.04
CA PRO A 65 -13.00 -5.11 10.59
C PRO A 65 -14.53 -5.24 10.74
N ARG A 66 -15.02 -6.44 10.94
CA ARG A 66 -16.49 -6.62 11.09
C ARG A 66 -16.80 -7.03 12.53
N SER A 67 -17.85 -7.78 12.72
CA SER A 67 -18.21 -8.22 14.11
C SER A 67 -17.74 -9.66 14.32
N GLN A 68 -17.16 -10.28 13.32
CA GLN A 68 -16.68 -11.68 13.48
C GLN A 68 -15.22 -11.66 13.94
N GLU A 69 -14.87 -10.77 14.83
CA GLU A 69 -13.48 -10.70 15.31
C GLU A 69 -13.23 -11.81 16.34
N GLU A 70 -12.73 -12.93 15.90
CA GLU A 70 -12.48 -14.04 16.87
C GLU A 70 -11.18 -13.78 17.63
N PRO A 71 -10.09 -13.63 16.91
CA PRO A 71 -8.78 -13.36 17.51
C PRO A 71 -8.67 -11.87 17.88
N GLY A 72 -8.42 -11.02 16.92
CA GLY A 72 -8.30 -9.57 17.24
C GLY A 72 -7.96 -8.78 15.96
N LYS A 73 -8.67 -9.02 14.89
CA LYS A 73 -8.36 -8.27 13.63
C LYS A 73 -9.31 -8.72 12.52
N GLY A 74 -9.26 -8.07 11.39
CA GLY A 74 -10.16 -8.45 10.26
C GLY A 74 -9.31 -9.01 9.11
N SER A 75 -9.43 -8.43 7.94
CA SER A 75 -8.63 -8.93 6.79
C SER A 75 -8.87 -8.05 5.56
N PHE A 76 -9.09 -6.78 5.76
CA PHE A 76 -9.34 -5.88 4.60
C PHE A 76 -9.22 -4.42 5.06
N TRP A 77 -8.13 -3.79 4.76
CA TRP A 77 -7.96 -2.36 5.20
C TRP A 77 -8.11 -1.43 3.99
N ARG A 78 -8.61 -0.24 4.21
CA ARG A 78 -8.78 0.74 3.08
C ARG A 78 -8.21 2.08 3.47
N ILE A 79 -7.77 2.85 2.52
CA ILE A 79 -7.24 4.20 2.84
C ILE A 79 -8.41 5.18 2.93
N ASP A 80 -8.24 6.29 3.61
CA ASP A 80 -9.36 7.25 3.73
C ASP A 80 -9.82 7.70 2.34
N PRO A 81 -11.10 7.90 2.20
CA PRO A 81 -11.70 8.32 0.93
C PRO A 81 -11.52 9.82 0.71
N ALA A 82 -11.50 10.60 1.76
CA ALA A 82 -11.33 12.08 1.60
C ALA A 82 -9.85 12.42 1.54
N SER A 83 -8.99 11.51 1.88
CA SER A 83 -7.54 11.82 1.81
C SER A 83 -6.93 11.04 0.65
N GLU A 84 -7.65 10.11 0.11
CA GLU A 84 -7.10 9.32 -1.03
C GLU A 84 -6.74 10.25 -2.18
N ALA A 85 -7.19 11.47 -2.15
CA ALA A 85 -6.84 12.40 -3.26
C ALA A 85 -5.53 13.13 -2.90
N LYS A 86 -5.26 13.28 -1.63
CA LYS A 86 -4.01 13.99 -1.22
C LYS A 86 -2.84 13.00 -1.14
N LEU A 87 -3.08 11.78 -0.69
CA LEU A 87 -1.97 10.80 -0.60
C LEU A 87 -1.54 10.42 -2.01
N VAL A 88 -2.48 9.96 -2.77
CA VAL A 88 -2.19 9.56 -4.16
C VAL A 88 -1.32 10.62 -4.85
N GLU A 89 -1.41 11.85 -4.44
CA GLU A 89 -0.59 12.91 -5.09
C GLU A 89 0.87 12.48 -5.07
N GLN A 90 1.36 12.09 -3.92
CA GLN A 90 2.77 11.63 -3.84
C GLN A 90 2.85 10.19 -4.36
N ALA A 91 1.72 9.54 -4.48
CA ALA A 91 1.73 8.14 -4.98
C ALA A 91 2.11 8.12 -6.46
N PHE A 92 1.65 9.07 -7.23
CA PHE A 92 1.98 9.10 -8.68
C PHE A 92 3.25 9.94 -8.91
N ARG A 93 4.38 9.47 -8.46
CA ARG A 93 5.64 10.24 -8.68
C ARG A 93 6.83 9.44 -8.15
N LYS A 94 8.00 9.72 -8.65
CA LYS A 94 9.21 8.98 -8.20
C LYS A 94 9.70 9.57 -6.87
N ARG A 95 10.51 8.85 -6.15
CA ARG A 95 11.04 9.36 -4.86
C ARG A 95 12.49 8.94 -4.70
N ARG A 96 13.33 9.82 -4.20
CA ARG A 96 14.77 9.45 -4.02
C ARG A 96 14.99 8.90 -2.61
N GLN A 97 16.22 8.63 -2.26
CA GLN A 97 16.50 8.10 -0.90
C GLN A 97 17.42 9.07 -0.15
N ARG A 98 16.99 9.55 0.98
CA ARG A 98 17.83 10.50 1.76
C ARG A 98 17.42 10.46 3.23
N GLY A 99 17.90 9.49 3.96
CA GLY A 99 17.53 9.40 5.40
C GLY A 99 18.69 8.76 6.17
N VAL A 100 19.05 7.55 5.84
CA VAL A 100 20.17 6.88 6.56
C VAL A 100 21.50 7.34 5.97
N SER A 101 21.54 7.61 4.69
CA SER A 101 22.82 8.06 4.06
C SER A 101 22.62 8.16 2.55
#